data_3K66
# 
_entry.id   3K66 
# 
_audit_conform.dict_name       mmcif_pdbx.dic 
_audit_conform.dict_version    5.387 
_audit_conform.dict_location   http://mmcif.pdb.org/dictionaries/ascii/mmcif_pdbx.dic 
# 
loop_
_database_2.database_id 
_database_2.database_code 
_database_2.pdbx_database_accession 
_database_2.pdbx_DOI 
PDB   3K66         pdb_00003k66 10.2210/pdb3k66/pdb 
RCSB  RCSB055595   ?            ?                   
WWPDB D_1000055595 ?            ?                   
# 
loop_
_pdbx_audit_revision_history.ordinal 
_pdbx_audit_revision_history.data_content_type 
_pdbx_audit_revision_history.major_revision 
_pdbx_audit_revision_history.minor_revision 
_pdbx_audit_revision_history.revision_date 
1 'Structure model' 1 0 2009-11-10 
2 'Structure model' 1 1 2011-07-13 
3 'Structure model' 1 2 2017-11-01 
4 'Structure model' 1 3 2024-02-21 
# 
_pdbx_audit_revision_details.ordinal             1 
_pdbx_audit_revision_details.revision_ordinal    1 
_pdbx_audit_revision_details.data_content_type   'Structure model' 
_pdbx_audit_revision_details.provider            repository 
_pdbx_audit_revision_details.type                'Initial release' 
_pdbx_audit_revision_details.description         ? 
_pdbx_audit_revision_details.details             ? 
# 
loop_
_pdbx_audit_revision_group.ordinal 
_pdbx_audit_revision_group.revision_ordinal 
_pdbx_audit_revision_group.data_content_type 
_pdbx_audit_revision_group.group 
1 2 'Structure model' 'Version format compliance' 
2 3 'Structure model' 'Refinement description'    
3 4 'Structure model' 'Data collection'           
4 4 'Structure model' 'Database references'       
# 
loop_
_pdbx_audit_revision_category.ordinal 
_pdbx_audit_revision_category.revision_ordinal 
_pdbx_audit_revision_category.data_content_type 
_pdbx_audit_revision_category.category 
1 3 'Structure model' software       
2 4 'Structure model' chem_comp_atom 
3 4 'Structure model' chem_comp_bond 
4 4 'Structure model' database_2     
# 
loop_
_pdbx_audit_revision_item.ordinal 
_pdbx_audit_revision_item.revision_ordinal 
_pdbx_audit_revision_item.data_content_type 
_pdbx_audit_revision_item.item 
1 3 'Structure model' '_software.name'                      
2 4 'Structure model' '_database_2.pdbx_DOI'                
3 4 'Structure model' '_database_2.pdbx_database_accession' 
# 
_pdbx_database_status.status_code                     REL 
_pdbx_database_status.entry_id                        3K66 
_pdbx_database_status.recvd_initial_deposition_date   2009-10-08 
_pdbx_database_status.deposit_site                    RCSB 
_pdbx_database_status.process_site                    RCSB 
_pdbx_database_status.status_code_sf                  REL 
_pdbx_database_status.status_code_mr                  ? 
_pdbx_database_status.SG_entry                        ? 
_pdbx_database_status.pdb_format_compatible           Y 
_pdbx_database_status.status_code_cs                  ? 
_pdbx_database_status.methods_development_category    ? 
_pdbx_database_status.status_code_nmr_data            ? 
# 
loop_
_pdbx_database_related.db_name 
_pdbx_database_related.db_id 
_pdbx_database_related.details 
_pdbx_database_related.content_type 
PDB 1RW6 'The E2 domain of human amyloid precursor protein'                                                 unspecified 
PDB 3K6B 'Crystal structure of the E2 domain of APL-1 from C. elegans, in complex with sucrose octasulfate' unspecified 
# 
loop_
_audit_author.name 
_audit_author.pdbx_ordinal 
'Hoopes, J.T.' 1 
'Ha, Y.'       2 
# 
loop_
_citation.id 
_citation.title 
_citation.journal_abbrev 
_citation.journal_volume 
_citation.page_first 
_citation.page_last 
_citation.year 
_citation.journal_id_ASTM 
_citation.country 
_citation.journal_id_ISSN 
_citation.journal_id_CSD 
_citation.book_publisher 
_citation.pdbx_database_id_PubMed 
_citation.pdbx_database_id_DOI 
primary 
;Structural characterization of the E2 domain of APL-1, a Caenorhabditis elegans homolog of human amyloid precursor protein, and its heparin binding site
;
J.Biol.Chem. 285 2165 2173 2010 JBCHA3 US 0021-9258 0071 ? 19906646 10.1074/jbc.M109.018432      
1       'The X-ray structure of an antiparallel dimer of the human amyloid precursor protein E2 domain.' Mol.Cell     15  343  353 
2004 MOCEFL US 1097-2765 2168 ? 15304215 10.1016/j.molcel.2004.06.037 
# 
loop_
_citation_author.citation_id 
_citation_author.name 
_citation_author.ordinal 
_citation_author.identifier_ORCID 
primary 'Hoopes, J.T.'       1 ? 
primary 'Liu, X.'            2 ? 
primary 'Xu, X.'             3 ? 
primary 'Demeler, B.'        4 ? 
primary 'Folta-Stogniew, E.' 5 ? 
primary 'Li, C.'             6 ? 
primary 'Ha, Y.'             7 ? 
1       'Wang, Y.'           8 ? 
1       'Ha, Y.'             9 ? 
# 
loop_
_entity.id 
_entity.type 
_entity.src_method 
_entity.pdbx_description 
_entity.formula_weight 
_entity.pdbx_number_of_molecules 
_entity.pdbx_ec 
_entity.pdbx_mutation 
_entity.pdbx_fragment 
_entity.details 
1 polymer man 'Beta-amyloid-like protein' 28516.445 1  ? ? 'E2 Domain: UNP residues 240-478' ? 
2 water   nat water                       18.015    75 ? ? ?                                 ? 
# 
_entity_poly.entity_id                      1 
_entity_poly.type                           'polypeptide(L)' 
_entity_poly.nstd_linkage                   no 
_entity_poly.nstd_monomer                   no 
_entity_poly.pdbx_seq_one_letter_code       
;SQDPYFKIANWTNEHDDFKKAEMRMDEKHRKKVDKVMKEWGDLETRYNEQKAKDPKGAEKFKSQMNARFQKTVSSLEEEH
KRMRKEIEAVHEERVQAMLNEKKRDATHDYRQALATHVNKPNKHSVLQSLKAYIRAEEKDRMHTLNRYRHLLKADSKEAA
AYKPTVIHRLRYIDLRINGTLAMLRDFPDLEKYVRPIAVTYWKDYRDEVSPDISVEDSELTPIIHDDEFSKNAKLDVKA
;
_entity_poly.pdbx_seq_one_letter_code_can   
;SQDPYFKIANWTNEHDDFKKAEMRMDEKHRKKVDKVMKEWGDLETRYNEQKAKDPKGAEKFKSQMNARFQKTVSSLEEEH
KRMRKEIEAVHEERVQAMLNEKKRDATHDYRQALATHVNKPNKHSVLQSLKAYIRAEEKDRMHTLNRYRHLLKADSKEAA
AYKPTVIHRLRYIDLRINGTLAMLRDFPDLEKYVRPIAVTYWKDYRDEVSPDISVEDSELTPIIHDDEFSKNAKLDVKA
;
_entity_poly.pdbx_strand_id                 A 
_entity_poly.pdbx_target_identifier         ? 
# 
_pdbx_entity_nonpoly.entity_id   2 
_pdbx_entity_nonpoly.name        water 
_pdbx_entity_nonpoly.comp_id     HOH 
# 
loop_
_entity_poly_seq.entity_id 
_entity_poly_seq.num 
_entity_poly_seq.mon_id 
_entity_poly_seq.hetero 
1 1   SER n 
1 2   GLN n 
1 3   ASP n 
1 4   PRO n 
1 5   TYR n 
1 6   PHE n 
1 7   LYS n 
1 8   ILE n 
1 9   ALA n 
1 10  ASN n 
1 11  TRP n 
1 12  THR n 
1 13  ASN n 
1 14  GLU n 
1 15  HIS n 
1 16  ASP n 
1 17  ASP n 
1 18  PHE n 
1 19  LYS n 
1 20  LYS n 
1 21  ALA n 
1 22  GLU n 
1 23  MET n 
1 24  ARG n 
1 25  MET n 
1 26  ASP n 
1 27  GLU n 
1 28  LYS n 
1 29  HIS n 
1 30  ARG n 
1 31  LYS n 
1 32  LYS n 
1 33  VAL n 
1 34  ASP n 
1 35  LYS n 
1 36  VAL n 
1 37  MET n 
1 38  LYS n 
1 39  GLU n 
1 40  TRP n 
1 41  GLY n 
1 42  ASP n 
1 43  LEU n 
1 44  GLU n 
1 45  THR n 
1 46  ARG n 
1 47  TYR n 
1 48  ASN n 
1 49  GLU n 
1 50  GLN n 
1 51  LYS n 
1 52  ALA n 
1 53  LYS n 
1 54  ASP n 
1 55  PRO n 
1 56  LYS n 
1 57  GLY n 
1 58  ALA n 
1 59  GLU n 
1 60  LYS n 
1 61  PHE n 
1 62  LYS n 
1 63  SER n 
1 64  GLN n 
1 65  MET n 
1 66  ASN n 
1 67  ALA n 
1 68  ARG n 
1 69  PHE n 
1 70  GLN n 
1 71  LYS n 
1 72  THR n 
1 73  VAL n 
1 74  SER n 
1 75  SER n 
1 76  LEU n 
1 77  GLU n 
1 78  GLU n 
1 79  GLU n 
1 80  HIS n 
1 81  LYS n 
1 82  ARG n 
1 83  MET n 
1 84  ARG n 
1 85  LYS n 
1 86  GLU n 
1 87  ILE n 
1 88  GLU n 
1 89  ALA n 
1 90  VAL n 
1 91  HIS n 
1 92  GLU n 
1 93  GLU n 
1 94  ARG n 
1 95  VAL n 
1 96  GLN n 
1 97  ALA n 
1 98  MET n 
1 99  LEU n 
1 100 ASN n 
1 101 GLU n 
1 102 LYS n 
1 103 LYS n 
1 104 ARG n 
1 105 ASP n 
1 106 ALA n 
1 107 THR n 
1 108 HIS n 
1 109 ASP n 
1 110 TYR n 
1 111 ARG n 
1 112 GLN n 
1 113 ALA n 
1 114 LEU n 
1 115 ALA n 
1 116 THR n 
1 117 HIS n 
1 118 VAL n 
1 119 ASN n 
1 120 LYS n 
1 121 PRO n 
1 122 ASN n 
1 123 LYS n 
1 124 HIS n 
1 125 SER n 
1 126 VAL n 
1 127 LEU n 
1 128 GLN n 
1 129 SER n 
1 130 LEU n 
1 131 LYS n 
1 132 ALA n 
1 133 TYR n 
1 134 ILE n 
1 135 ARG n 
1 136 ALA n 
1 137 GLU n 
1 138 GLU n 
1 139 LYS n 
1 140 ASP n 
1 141 ARG n 
1 142 MET n 
1 143 HIS n 
1 144 THR n 
1 145 LEU n 
1 146 ASN n 
1 147 ARG n 
1 148 TYR n 
1 149 ARG n 
1 150 HIS n 
1 151 LEU n 
1 152 LEU n 
1 153 LYS n 
1 154 ALA n 
1 155 ASP n 
1 156 SER n 
1 157 LYS n 
1 158 GLU n 
1 159 ALA n 
1 160 ALA n 
1 161 ALA n 
1 162 TYR n 
1 163 LYS n 
1 164 PRO n 
1 165 THR n 
1 166 VAL n 
1 167 ILE n 
1 168 HIS n 
1 169 ARG n 
1 170 LEU n 
1 171 ARG n 
1 172 TYR n 
1 173 ILE n 
1 174 ASP n 
1 175 LEU n 
1 176 ARG n 
1 177 ILE n 
1 178 ASN n 
1 179 GLY n 
1 180 THR n 
1 181 LEU n 
1 182 ALA n 
1 183 MET n 
1 184 LEU n 
1 185 ARG n 
1 186 ASP n 
1 187 PHE n 
1 188 PRO n 
1 189 ASP n 
1 190 LEU n 
1 191 GLU n 
1 192 LYS n 
1 193 TYR n 
1 194 VAL n 
1 195 ARG n 
1 196 PRO n 
1 197 ILE n 
1 198 ALA n 
1 199 VAL n 
1 200 THR n 
1 201 TYR n 
1 202 TRP n 
1 203 LYS n 
1 204 ASP n 
1 205 TYR n 
1 206 ARG n 
1 207 ASP n 
1 208 GLU n 
1 209 VAL n 
1 210 SER n 
1 211 PRO n 
1 212 ASP n 
1 213 ILE n 
1 214 SER n 
1 215 VAL n 
1 216 GLU n 
1 217 ASP n 
1 218 SER n 
1 219 GLU n 
1 220 LEU n 
1 221 THR n 
1 222 PRO n 
1 223 ILE n 
1 224 ILE n 
1 225 HIS n 
1 226 ASP n 
1 227 ASP n 
1 228 GLU n 
1 229 PHE n 
1 230 SER n 
1 231 LYS n 
1 232 ASN n 
1 233 ALA n 
1 234 LYS n 
1 235 LEU n 
1 236 ASP n 
1 237 VAL n 
1 238 LYS n 
1 239 ALA n 
# 
_entity_src_gen.entity_id                          1 
_entity_src_gen.pdbx_src_id                        1 
_entity_src_gen.pdbx_alt_source_flag               sample 
_entity_src_gen.pdbx_seq_type                      ? 
_entity_src_gen.pdbx_beg_seq_num                   ? 
_entity_src_gen.pdbx_end_seq_num                   ? 
_entity_src_gen.gene_src_common_name               nematode 
_entity_src_gen.gene_src_genus                     ? 
_entity_src_gen.pdbx_gene_src_gene                 'apl-1, C42D8.8' 
_entity_src_gen.gene_src_species                   ? 
_entity_src_gen.gene_src_strain                    ? 
_entity_src_gen.gene_src_tissue                    ? 
_entity_src_gen.gene_src_tissue_fraction           ? 
_entity_src_gen.gene_src_details                   ? 
_entity_src_gen.pdbx_gene_src_fragment             ? 
_entity_src_gen.pdbx_gene_src_scientific_name      'Caenorhabditis elegans' 
_entity_src_gen.pdbx_gene_src_ncbi_taxonomy_id     6239 
_entity_src_gen.pdbx_gene_src_variant              ? 
_entity_src_gen.pdbx_gene_src_cell_line            ? 
_entity_src_gen.pdbx_gene_src_atcc                 ? 
_entity_src_gen.pdbx_gene_src_organ                ? 
_entity_src_gen.pdbx_gene_src_organelle            ? 
_entity_src_gen.pdbx_gene_src_cell                 ? 
_entity_src_gen.pdbx_gene_src_cellular_location    ? 
_entity_src_gen.host_org_common_name               ? 
_entity_src_gen.pdbx_host_org_scientific_name      'Escherichia coli' 
_entity_src_gen.pdbx_host_org_ncbi_taxonomy_id     562 
_entity_src_gen.host_org_genus                     ? 
_entity_src_gen.pdbx_host_org_gene                 ? 
_entity_src_gen.pdbx_host_org_organ                ? 
_entity_src_gen.host_org_species                   ? 
_entity_src_gen.pdbx_host_org_tissue               ? 
_entity_src_gen.pdbx_host_org_tissue_fraction      ? 
_entity_src_gen.pdbx_host_org_strain               'BL21(DE3)' 
_entity_src_gen.pdbx_host_org_variant              ? 
_entity_src_gen.pdbx_host_org_cell_line            ? 
_entity_src_gen.pdbx_host_org_atcc                 ? 
_entity_src_gen.pdbx_host_org_culture_collection   ? 
_entity_src_gen.pdbx_host_org_cell                 ? 
_entity_src_gen.pdbx_host_org_organelle            ? 
_entity_src_gen.pdbx_host_org_cellular_location    ? 
_entity_src_gen.pdbx_host_org_vector_type          plasmid 
_entity_src_gen.pdbx_host_org_vector               ? 
_entity_src_gen.host_org_details                   ? 
_entity_src_gen.expression_system_id               ? 
_entity_src_gen.plasmid_name                       pET28a 
_entity_src_gen.plasmid_details                    ? 
_entity_src_gen.pdbx_description                   ? 
# 
loop_
_chem_comp.id 
_chem_comp.type 
_chem_comp.mon_nstd_flag 
_chem_comp.name 
_chem_comp.pdbx_synonyms 
_chem_comp.formula 
_chem_comp.formula_weight 
ALA 'L-peptide linking' y ALANINE         ? 'C3 H7 N O2'     89.093  
ARG 'L-peptide linking' y ARGININE        ? 'C6 H15 N4 O2 1' 175.209 
ASN 'L-peptide linking' y ASPARAGINE      ? 'C4 H8 N2 O3'    132.118 
ASP 'L-peptide linking' y 'ASPARTIC ACID' ? 'C4 H7 N O4'     133.103 
GLN 'L-peptide linking' y GLUTAMINE       ? 'C5 H10 N2 O3'   146.144 
GLU 'L-peptide linking' y 'GLUTAMIC ACID' ? 'C5 H9 N O4'     147.129 
GLY 'peptide linking'   y GLYCINE         ? 'C2 H5 N O2'     75.067  
HIS 'L-peptide linking' y HISTIDINE       ? 'C6 H10 N3 O2 1' 156.162 
HOH non-polymer         . WATER           ? 'H2 O'           18.015  
ILE 'L-peptide linking' y ISOLEUCINE      ? 'C6 H13 N O2'    131.173 
LEU 'L-peptide linking' y LEUCINE         ? 'C6 H13 N O2'    131.173 
LYS 'L-peptide linking' y LYSINE          ? 'C6 H15 N2 O2 1' 147.195 
MET 'L-peptide linking' y METHIONINE      ? 'C5 H11 N O2 S'  149.211 
PHE 'L-peptide linking' y PHENYLALANINE   ? 'C9 H11 N O2'    165.189 
PRO 'L-peptide linking' y PROLINE         ? 'C5 H9 N O2'     115.130 
SER 'L-peptide linking' y SERINE          ? 'C3 H7 N O3'     105.093 
THR 'L-peptide linking' y THREONINE       ? 'C4 H9 N O3'     119.119 
TRP 'L-peptide linking' y TRYPTOPHAN      ? 'C11 H12 N2 O2'  204.225 
TYR 'L-peptide linking' y TYROSINE        ? 'C9 H11 N O3'    181.189 
VAL 'L-peptide linking' y VALINE          ? 'C5 H11 N O2'    117.146 
# 
loop_
_pdbx_poly_seq_scheme.asym_id 
_pdbx_poly_seq_scheme.entity_id 
_pdbx_poly_seq_scheme.seq_id 
_pdbx_poly_seq_scheme.mon_id 
_pdbx_poly_seq_scheme.ndb_seq_num 
_pdbx_poly_seq_scheme.pdb_seq_num 
_pdbx_poly_seq_scheme.auth_seq_num 
_pdbx_poly_seq_scheme.pdb_mon_id 
_pdbx_poly_seq_scheme.auth_mon_id 
_pdbx_poly_seq_scheme.pdb_strand_id 
_pdbx_poly_seq_scheme.pdb_ins_code 
_pdbx_poly_seq_scheme.hetero 
A 1 1   SER 1   234 234 SER SER A . n 
A 1 2   GLN 2   235 235 GLN GLN A . n 
A 1 3   ASP 3   236 236 ASP ASP A . n 
A 1 4   PRO 4   237 237 PRO PRO A . n 
A 1 5   TYR 5   238 238 TYR TYR A . n 
A 1 6   PHE 6   239 239 PHE PHE A . n 
A 1 7   LYS 7   240 240 LYS ALA A . n 
A 1 8   ILE 8   241 241 ILE ILE A . n 
A 1 9   ALA 9   242 242 ALA ALA A . n 
A 1 10  ASN 10  243 243 ASN ASN A . n 
A 1 11  TRP 11  244 244 TRP TRP A . n 
A 1 12  THR 12  245 245 THR THR A . n 
A 1 13  ASN 13  246 246 ASN ASN A . n 
A 1 14  GLU 14  247 247 GLU GLU A . n 
A 1 15  HIS 15  248 248 HIS HIS A . n 
A 1 16  ASP 16  249 249 ASP ASP A . n 
A 1 17  ASP 17  250 250 ASP ASP A . n 
A 1 18  PHE 18  251 251 PHE PHE A . n 
A 1 19  LYS 19  252 252 LYS SER A . n 
A 1 20  LYS 20  253 253 LYS ALA A . n 
A 1 21  ALA 21  254 254 ALA ALA A . n 
A 1 22  GLU 22  255 255 GLU GLU A . n 
A 1 23  MET 23  256 256 MET MET A . n 
A 1 24  ARG 24  257 257 ARG ARG A . n 
A 1 25  MET 25  258 258 MET MET A . n 
A 1 26  ASP 26  259 259 ASP ASP A . n 
A 1 27  GLU 27  260 260 GLU GLU A . n 
A 1 28  LYS 28  261 261 LYS LYS A . n 
A 1 29  HIS 29  262 262 HIS HIS A . n 
A 1 30  ARG 30  263 263 ARG ARG A . n 
A 1 31  LYS 31  264 264 LYS SER A . n 
A 1 32  LYS 32  265 265 LYS LYS A . n 
A 1 33  VAL 33  266 266 VAL VAL A . n 
A 1 34  ASP 34  267 267 ASP ASP A . n 
A 1 35  LYS 35  268 268 LYS LYS A . n 
A 1 36  VAL 36  269 269 VAL VAL A . n 
A 1 37  MET 37  270 270 MET MET A . n 
A 1 38  LYS 38  271 271 LYS SER A . n 
A 1 39  GLU 39  272 272 GLU GLU A . n 
A 1 40  TRP 40  273 273 TRP TRP A . n 
A 1 41  GLY 41  274 274 GLY GLY A . n 
A 1 42  ASP 42  275 275 ASP ASP A . n 
A 1 43  LEU 43  276 276 LEU LEU A . n 
A 1 44  GLU 44  277 277 GLU GLU A . n 
A 1 45  THR 45  278 278 THR THR A . n 
A 1 46  ARG 46  279 279 ARG SER A . n 
A 1 47  TYR 47  280 280 TYR TYR A . n 
A 1 48  ASN 48  281 281 ASN ASN A . n 
A 1 49  GLU 49  282 282 GLU GLU A . n 
A 1 50  GLN 50  283 283 GLN GLN A . n 
A 1 51  LYS 51  284 284 LYS LYS A . n 
A 1 52  ALA 52  285 285 ALA ALA A . n 
A 1 53  LYS 53  286 286 LYS LYS A . n 
A 1 54  ASP 54  287 287 ASP ASP A . n 
A 1 55  PRO 55  288 288 PRO PRO A . n 
A 1 56  LYS 56  289 289 LYS ALA A . n 
A 1 57  GLY 57  290 290 GLY GLY A . n 
A 1 58  ALA 58  291 291 ALA ALA A . n 
A 1 59  GLU 59  292 292 GLU GLU A . n 
A 1 60  LYS 60  293 293 LYS SER A . n 
A 1 61  PHE 61  294 294 PHE PHE A . n 
A 1 62  LYS 62  295 295 LYS LYS A . n 
A 1 63  SER 63  296 296 SER SER A . n 
A 1 64  GLN 64  297 297 GLN ALA A . n 
A 1 65  MET 65  298 298 MET MET A . n 
A 1 66  ASN 66  299 299 ASN ASN A . n 
A 1 67  ALA 67  300 300 ALA ALA A . n 
A 1 68  ARG 68  301 301 ARG SER A . n 
A 1 69  PHE 69  302 302 PHE PHE A . n 
A 1 70  GLN 70  303 303 GLN ALA A . n 
A 1 71  LYS 71  304 304 LYS LYS A . n 
A 1 72  THR 72  305 305 THR THR A . n 
A 1 73  VAL 73  306 306 VAL VAL A . n 
A 1 74  SER 74  307 307 SER SER A . n 
A 1 75  SER 75  308 308 SER SER A . n 
A 1 76  LEU 76  309 309 LEU LEU A . n 
A 1 77  GLU 77  310 310 GLU GLU A . n 
A 1 78  GLU 78  311 311 GLU GLU A . n 
A 1 79  GLU 79  312 312 GLU GLU A . n 
A 1 80  HIS 80  313 313 HIS HIS A . n 
A 1 81  LYS 81  314 314 LYS SER A . n 
A 1 82  ARG 82  315 315 ARG ARG A . n 
A 1 83  MET 83  316 316 MET MET A . n 
A 1 84  ARG 84  317 317 ARG SER A . n 
A 1 85  LYS 85  318 318 LYS LYS A . n 
A 1 86  GLU 86  319 319 GLU GLU A . n 
A 1 87  ILE 87  320 320 ILE ILE A . n 
A 1 88  GLU 88  321 321 GLU GLU A . n 
A 1 89  ALA 89  322 322 ALA ALA A . n 
A 1 90  VAL 90  323 323 VAL VAL A . n 
A 1 91  HIS 91  324 324 HIS HIS A . n 
A 1 92  GLU 92  325 325 GLU ALA A . n 
A 1 93  GLU 93  326 326 GLU SER A . n 
A 1 94  ARG 94  327 327 ARG ARG A . n 
A 1 95  VAL 95  328 328 VAL VAL A . n 
A 1 96  GLN 96  329 329 GLN GLN A . n 
A 1 97  ALA 97  330 330 ALA ALA A . n 
A 1 98  MET 98  331 331 MET ALA A . n 
A 1 99  LEU 99  332 332 LEU LEU A . n 
A 1 100 ASN 100 333 333 ASN ASN A . n 
A 1 101 GLU 101 334 334 GLU GLU A . n 
A 1 102 LYS 102 335 335 LYS SER A . n 
A 1 103 LYS 103 336 336 LYS LYS A . n 
A 1 104 ARG 104 337 337 ARG ARG A . n 
A 1 105 ASP 105 338 338 ASP ASP A . n 
A 1 106 ALA 106 339 339 ALA ALA A . n 
A 1 107 THR 107 340 340 THR THR A . n 
A 1 108 HIS 108 341 341 HIS HIS A . n 
A 1 109 ASP 109 342 342 ASP ASP A . n 
A 1 110 TYR 110 343 343 TYR TYR A . n 
A 1 111 ARG 111 344 344 ARG ARG A . n 
A 1 112 GLN 112 345 345 GLN GLN A . n 
A 1 113 ALA 113 346 346 ALA ALA A . n 
A 1 114 LEU 114 347 347 LEU LEU A . n 
A 1 115 ALA 115 348 348 ALA ALA A . n 
A 1 116 THR 116 349 349 THR THR A . n 
A 1 117 HIS 117 350 350 HIS HIS A . n 
A 1 118 VAL 118 351 351 VAL VAL A . n 
A 1 119 ASN 119 352 352 ASN ASN A . n 
A 1 120 LYS 120 353 353 LYS LYS A . n 
A 1 121 PRO 121 354 354 PRO PRO A . n 
A 1 122 ASN 122 355 355 ASN ASN A . n 
A 1 123 LYS 123 356 356 LYS LYS A . n 
A 1 124 HIS 124 357 357 HIS HIS A . n 
A 1 125 SER 125 358 358 SER SER A . n 
A 1 126 VAL 126 359 359 VAL VAL A . n 
A 1 127 LEU 127 360 360 LEU LEU A . n 
A 1 128 GLN 128 361 361 GLN SER A . n 
A 1 129 SER 129 362 362 SER SER A . n 
A 1 130 LEU 130 363 363 LEU LEU A . n 
A 1 131 LYS 131 364 364 LYS LYS A . n 
A 1 132 ALA 132 365 365 ALA ALA A . n 
A 1 133 TYR 133 366 366 TYR TYR A . n 
A 1 134 ILE 134 367 367 ILE ILE A . n 
A 1 135 ARG 135 368 368 ARG ARG A . n 
A 1 136 ALA 136 369 369 ALA ALA A . n 
A 1 137 GLU 137 370 370 GLU GLU A . n 
A 1 138 GLU 138 371 371 GLU GLU A . n 
A 1 139 LYS 139 372 372 LYS SER A . n 
A 1 140 ASP 140 373 373 ASP ASP A . n 
A 1 141 ARG 141 374 374 ARG ARG A . n 
A 1 142 MET 142 375 375 MET MET A . n 
A 1 143 HIS 143 376 376 HIS HIS A . n 
A 1 144 THR 144 377 377 THR THR A . n 
A 1 145 LEU 145 378 378 LEU LEU A . n 
A 1 146 ASN 146 379 379 ASN ASN A . n 
A 1 147 ARG 147 380 380 ARG ARG A . n 
A 1 148 TYR 148 381 381 TYR TYR A . n 
A 1 149 ARG 149 382 382 ARG ALA A . n 
A 1 150 HIS 150 383 383 HIS SER A . n 
A 1 151 LEU 151 384 384 LEU LEU A . n 
A 1 152 LEU 152 385 385 LEU LEU A . n 
A 1 153 LYS 153 386 386 LYS ALA A . n 
A 1 154 ALA 154 387 387 ALA ALA A . n 
A 1 155 ASP 155 388 388 ASP SER A . n 
A 1 156 SER 156 389 389 SER SER A . n 
A 1 157 LYS 157 390 390 LYS ALA A . n 
A 1 158 GLU 158 391 391 GLU ALA A . n 
A 1 159 ALA 159 392 392 ALA ALA A . n 
A 1 160 ALA 160 393 393 ALA ALA A . n 
A 1 161 ALA 161 394 394 ALA ALA A . n 
A 1 162 TYR 162 395 395 TYR TYR A . n 
A 1 163 LYS 163 396 396 LYS LYS A . n 
A 1 164 PRO 164 397 397 PRO PRO A . n 
A 1 165 THR 165 398 398 THR THR A . n 
A 1 166 VAL 166 399 399 VAL VAL A . n 
A 1 167 ILE 167 400 400 ILE ILE A . n 
A 1 168 HIS 168 401 401 HIS HIS A . n 
A 1 169 ARG 169 402 402 ARG ARG A . n 
A 1 170 LEU 170 403 403 LEU LEU A . n 
A 1 171 ARG 171 404 404 ARG ARG A . n 
A 1 172 TYR 172 405 405 TYR TYR A . n 
A 1 173 ILE 173 406 406 ILE ILE A . n 
A 1 174 ASP 174 407 407 ASP ASP A . n 
A 1 175 LEU 175 408 408 LEU LEU A . n 
A 1 176 ARG 176 409 409 ARG ARG A . n 
A 1 177 ILE 177 410 410 ILE ILE A . n 
A 1 178 ASN 178 411 411 ASN ASN A . n 
A 1 179 GLY 179 412 412 GLY GLY A . n 
A 1 180 THR 180 413 413 THR THR A . n 
A 1 181 LEU 181 414 414 LEU LEU A . n 
A 1 182 ALA 182 415 415 ALA ALA A . n 
A 1 183 MET 183 416 416 MET MET A . n 
A 1 184 LEU 184 417 417 LEU LEU A . n 
A 1 185 ARG 185 418 418 ARG ARG A . n 
A 1 186 ASP 186 419 419 ASP ASP A . n 
A 1 187 PHE 187 420 420 PHE PHE A . n 
A 1 188 PRO 188 421 421 PRO PRO A . n 
A 1 189 ASP 189 422 422 ASP ASP A . n 
A 1 190 LEU 190 423 423 LEU LEU A . n 
A 1 191 GLU 191 424 424 GLU GLU A . n 
A 1 192 LYS 192 425 425 LYS SER A . n 
A 1 193 TYR 193 426 426 TYR TYR A . n 
A 1 194 VAL 194 427 427 VAL VAL A . n 
A 1 195 ARG 195 428 428 ARG ARG A . n 
A 1 196 PRO 196 429 429 PRO PRO A . n 
A 1 197 ILE 197 430 430 ILE ILE A . n 
A 1 198 ALA 198 431 431 ALA ALA A . n 
A 1 199 VAL 199 432 432 VAL VAL A . n 
A 1 200 THR 200 433 433 THR THR A . n 
A 1 201 TYR 201 434 434 TYR TYR A . n 
A 1 202 TRP 202 435 435 TRP TRP A . n 
A 1 203 LYS 203 436 436 LYS LYS A . n 
A 1 204 ASP 204 437 437 ASP ASP A . n 
A 1 205 TYR 205 438 438 TYR TYR A . n 
A 1 206 ARG 206 439 439 ARG ARG A . n 
A 1 207 ASP 207 440 440 ASP ASP A . n 
A 1 208 GLU 208 441 441 GLU GLU A . n 
A 1 209 VAL 209 442 442 VAL VAL A . n 
A 1 210 SER 210 443 443 SER SER A . n 
A 1 211 PRO 211 444 444 PRO PRO A . n 
A 1 212 ASP 212 445 445 ASP ALA A . n 
A 1 213 ILE 213 446 446 ILE ILE A . n 
A 1 214 SER 214 447 447 SER ALA A . n 
A 1 215 VAL 215 448 448 VAL ALA A . n 
A 1 216 GLU 216 449 449 GLU ALA A . n 
A 1 217 ASP 217 450 450 ASP ALA A . n 
A 1 218 SER 218 451 451 SER ASP A . n 
A 1 219 GLU 219 452 ?   ?   ?   A . n 
A 1 220 LEU 220 453 ?   ?   ?   A . n 
A 1 221 THR 221 454 ?   ?   ?   A . n 
A 1 222 PRO 222 455 ?   ?   ?   A . n 
A 1 223 ILE 223 456 ?   ?   ?   A . n 
A 1 224 ILE 224 457 ?   ?   ?   A . n 
A 1 225 HIS 225 458 ?   ?   ?   A . n 
A 1 226 ASP 226 459 ?   ?   ?   A . n 
A 1 227 ASP 227 460 ?   ?   ?   A . n 
A 1 228 GLU 228 461 ?   ?   ?   A . n 
A 1 229 PHE 229 462 ?   ?   ?   A . n 
A 1 230 SER 230 463 ?   ?   ?   A . n 
A 1 231 LYS 231 464 ?   ?   ?   A . n 
A 1 232 ASN 232 465 ?   ?   ?   A . n 
A 1 233 ALA 233 466 ?   ?   ?   A . n 
A 1 234 LYS 234 467 ?   ?   ?   A . n 
A 1 235 LEU 235 468 ?   ?   ?   A . n 
A 1 236 ASP 236 469 ?   ?   ?   A . n 
A 1 237 VAL 237 470 ?   ?   ?   A . n 
A 1 238 LYS 238 471 ?   ?   ?   A . n 
A 1 239 ALA 239 472 ?   ?   ?   A . n 
# 
loop_
_pdbx_nonpoly_scheme.asym_id 
_pdbx_nonpoly_scheme.entity_id 
_pdbx_nonpoly_scheme.mon_id 
_pdbx_nonpoly_scheme.ndb_seq_num 
_pdbx_nonpoly_scheme.pdb_seq_num 
_pdbx_nonpoly_scheme.auth_seq_num 
_pdbx_nonpoly_scheme.pdb_mon_id 
_pdbx_nonpoly_scheme.auth_mon_id 
_pdbx_nonpoly_scheme.pdb_strand_id 
_pdbx_nonpoly_scheme.pdb_ins_code 
B 2 HOH 1  1  1  HOH TIP A . 
B 2 HOH 2  2  2  HOH TIP A . 
B 2 HOH 3  3  3  HOH TIP A . 
B 2 HOH 4  4  4  HOH TIP A . 
B 2 HOH 5  5  5  HOH TIP A . 
B 2 HOH 6  6  6  HOH TIP A . 
B 2 HOH 7  7  7  HOH TIP A . 
B 2 HOH 8  8  8  HOH TIP A . 
B 2 HOH 9  9  9  HOH TIP A . 
B 2 HOH 10 10 10 HOH TIP A . 
B 2 HOH 11 11 11 HOH TIP A . 
B 2 HOH 12 12 12 HOH TIP A . 
B 2 HOH 13 13 13 HOH TIP A . 
B 2 HOH 14 14 14 HOH TIP A . 
B 2 HOH 15 15 15 HOH TIP A . 
B 2 HOH 16 16 16 HOH TIP A . 
B 2 HOH 17 17 17 HOH TIP A . 
B 2 HOH 18 18 18 HOH TIP A . 
B 2 HOH 19 19 19 HOH TIP A . 
B 2 HOH 20 20 20 HOH TIP A . 
B 2 HOH 21 21 21 HOH TIP A . 
B 2 HOH 22 22 22 HOH TIP A . 
B 2 HOH 23 23 23 HOH TIP A . 
B 2 HOH 24 24 24 HOH TIP A . 
B 2 HOH 25 25 25 HOH TIP A . 
B 2 HOH 26 26 26 HOH TIP A . 
B 2 HOH 27 27 27 HOH TIP A . 
B 2 HOH 28 28 28 HOH TIP A . 
B 2 HOH 29 29 29 HOH TIP A . 
B 2 HOH 30 30 30 HOH TIP A . 
B 2 HOH 31 31 31 HOH TIP A . 
B 2 HOH 32 32 32 HOH TIP A . 
B 2 HOH 33 33 33 HOH TIP A . 
B 2 HOH 34 34 34 HOH TIP A . 
B 2 HOH 35 35 35 HOH TIP A . 
B 2 HOH 36 36 36 HOH TIP A . 
B 2 HOH 37 37 37 HOH TIP A . 
B 2 HOH 38 38 38 HOH TIP A . 
B 2 HOH 39 39 39 HOH TIP A . 
B 2 HOH 40 40 40 HOH TIP A . 
B 2 HOH 41 41 41 HOH TIP A . 
B 2 HOH 42 42 42 HOH TIP A . 
B 2 HOH 43 43 43 HOH TIP A . 
B 2 HOH 44 44 44 HOH TIP A . 
B 2 HOH 45 45 45 HOH TIP A . 
B 2 HOH 46 46 46 HOH TIP A . 
B 2 HOH 47 47 47 HOH TIP A . 
B 2 HOH 48 48 48 HOH TIP A . 
B 2 HOH 49 49 49 HOH TIP A . 
B 2 HOH 50 50 50 HOH TIP A . 
B 2 HOH 51 51 51 HOH TIP A . 
B 2 HOH 52 52 52 HOH TIP A . 
B 2 HOH 53 53 53 HOH TIP A . 
B 2 HOH 54 54 54 HOH TIP A . 
B 2 HOH 55 55 55 HOH TIP A . 
B 2 HOH 56 56 56 HOH TIP A . 
B 2 HOH 57 57 57 HOH TIP A . 
B 2 HOH 58 58 58 HOH TIP A . 
B 2 HOH 59 59 59 HOH TIP A . 
B 2 HOH 60 60 60 HOH TIP A . 
B 2 HOH 61 61 61 HOH TIP A . 
B 2 HOH 62 62 62 HOH TIP A . 
B 2 HOH 63 63 63 HOH TIP A . 
B 2 HOH 64 64 64 HOH TIP A . 
B 2 HOH 65 65 65 HOH TIP A . 
B 2 HOH 66 66 66 HOH TIP A . 
B 2 HOH 67 67 67 HOH TIP A . 
B 2 HOH 68 68 68 HOH TIP A . 
B 2 HOH 69 69 69 HOH TIP A . 
B 2 HOH 70 70 70 HOH TIP A . 
B 2 HOH 71 71 71 HOH TIP A . 
B 2 HOH 72 72 72 HOH TIP A . 
B 2 HOH 73 73 73 HOH TIP A . 
B 2 HOH 74 74 74 HOH TIP A . 
B 2 HOH 75 75 75 HOH TIP A . 
# 
loop_
_pdbx_unobs_or_zero_occ_atoms.id 
_pdbx_unobs_or_zero_occ_atoms.PDB_model_num 
_pdbx_unobs_or_zero_occ_atoms.polymer_flag 
_pdbx_unobs_or_zero_occ_atoms.occupancy_flag 
_pdbx_unobs_or_zero_occ_atoms.auth_asym_id 
_pdbx_unobs_or_zero_occ_atoms.auth_comp_id 
_pdbx_unobs_or_zero_occ_atoms.auth_seq_id 
_pdbx_unobs_or_zero_occ_atoms.PDB_ins_code 
_pdbx_unobs_or_zero_occ_atoms.auth_atom_id 
_pdbx_unobs_or_zero_occ_atoms.label_alt_id 
_pdbx_unobs_or_zero_occ_atoms.label_asym_id 
_pdbx_unobs_or_zero_occ_atoms.label_comp_id 
_pdbx_unobs_or_zero_occ_atoms.label_seq_id 
_pdbx_unobs_or_zero_occ_atoms.label_atom_id 
1   1 Y 1 A LYS 240 ? CG  ? A LYS 7   CG  
2   1 Y 1 A LYS 240 ? CD  ? A LYS 7   CD  
3   1 Y 1 A LYS 240 ? CE  ? A LYS 7   CE  
4   1 Y 1 A LYS 240 ? NZ  ? A LYS 7   NZ  
5   1 Y 1 A LYS 252 ? CD  ? A LYS 19  CD  
6   1 Y 1 A LYS 252 ? CE  ? A LYS 19  CE  
7   1 Y 1 A LYS 252 ? NZ  ? A LYS 19  NZ  
8   1 Y 1 A LYS 253 ? CG  ? A LYS 20  CG  
9   1 Y 1 A LYS 253 ? CD  ? A LYS 20  CD  
10  1 Y 1 A LYS 253 ? CE  ? A LYS 20  CE  
11  1 Y 1 A LYS 253 ? NZ  ? A LYS 20  NZ  
12  1 Y 1 A LYS 264 ? CD  ? A LYS 31  CD  
13  1 Y 1 A LYS 264 ? CE  ? A LYS 31  CE  
14  1 Y 1 A LYS 264 ? NZ  ? A LYS 31  NZ  
15  1 Y 1 A LYS 271 ? CD  ? A LYS 38  CD  
16  1 Y 1 A LYS 271 ? CE  ? A LYS 38  CE  
17  1 Y 1 A LYS 271 ? NZ  ? A LYS 38  NZ  
18  1 Y 1 A ARG 279 ? CD  ? A ARG 46  CD  
19  1 Y 1 A ARG 279 ? NE  ? A ARG 46  NE  
20  1 Y 1 A ARG 279 ? CZ  ? A ARG 46  CZ  
21  1 Y 1 A ARG 279 ? NH1 ? A ARG 46  NH1 
22  1 Y 1 A ARG 279 ? NH2 ? A ARG 46  NH2 
23  1 Y 1 A LYS 289 ? CG  ? A LYS 56  CG  
24  1 Y 1 A LYS 289 ? CD  ? A LYS 56  CD  
25  1 Y 1 A LYS 289 ? CE  ? A LYS 56  CE  
26  1 Y 1 A LYS 289 ? NZ  ? A LYS 56  NZ  
27  1 Y 1 A LYS 293 ? CD  ? A LYS 60  CD  
28  1 Y 1 A LYS 293 ? CE  ? A LYS 60  CE  
29  1 Y 1 A LYS 293 ? NZ  ? A LYS 60  NZ  
30  1 Y 1 A GLN 297 ? CG  ? A GLN 64  CG  
31  1 Y 1 A GLN 297 ? CD  ? A GLN 64  CD  
32  1 Y 1 A GLN 297 ? OE1 ? A GLN 64  OE1 
33  1 Y 1 A GLN 297 ? NE2 ? A GLN 64  NE2 
34  1 Y 1 A ARG 301 ? CD  ? A ARG 68  CD  
35  1 Y 1 A ARG 301 ? NE  ? A ARG 68  NE  
36  1 Y 1 A ARG 301 ? CZ  ? A ARG 68  CZ  
37  1 Y 1 A ARG 301 ? NH1 ? A ARG 68  NH1 
38  1 Y 1 A ARG 301 ? NH2 ? A ARG 68  NH2 
39  1 Y 1 A GLN 303 ? CG  ? A GLN 70  CG  
40  1 Y 1 A GLN 303 ? CD  ? A GLN 70  CD  
41  1 Y 1 A GLN 303 ? OE1 ? A GLN 70  OE1 
42  1 Y 1 A GLN 303 ? NE2 ? A GLN 70  NE2 
43  1 Y 1 A LYS 314 ? CD  ? A LYS 81  CD  
44  1 Y 1 A LYS 314 ? CE  ? A LYS 81  CE  
45  1 Y 1 A LYS 314 ? NZ  ? A LYS 81  NZ  
46  1 Y 1 A ARG 317 ? CD  ? A ARG 84  CD  
47  1 Y 1 A ARG 317 ? NE  ? A ARG 84  NE  
48  1 Y 1 A ARG 317 ? CZ  ? A ARG 84  CZ  
49  1 Y 1 A ARG 317 ? NH1 ? A ARG 84  NH1 
50  1 Y 1 A ARG 317 ? NH2 ? A ARG 84  NH2 
51  1 Y 1 A GLU 325 ? CG  ? A GLU 92  CG  
52  1 Y 1 A GLU 325 ? CD  ? A GLU 92  CD  
53  1 Y 1 A GLU 325 ? OE1 ? A GLU 92  OE1 
54  1 Y 1 A GLU 325 ? OE2 ? A GLU 92  OE2 
55  1 Y 1 A GLU 326 ? CD  ? A GLU 93  CD  
56  1 Y 1 A GLU 326 ? OE1 ? A GLU 93  OE1 
57  1 Y 1 A GLU 326 ? OE2 ? A GLU 93  OE2 
58  1 Y 1 A MET 331 ? CG  ? A MET 98  CG  
59  1 Y 1 A MET 331 ? SD  ? A MET 98  SD  
60  1 Y 1 A MET 331 ? CE  ? A MET 98  CE  
61  1 Y 1 A LYS 335 ? CD  ? A LYS 102 CD  
62  1 Y 1 A LYS 335 ? CE  ? A LYS 102 CE  
63  1 Y 1 A LYS 335 ? NZ  ? A LYS 102 NZ  
64  1 Y 1 A GLN 361 ? CD  ? A GLN 128 CD  
65  1 Y 1 A GLN 361 ? OE1 ? A GLN 128 OE1 
66  1 Y 1 A GLN 361 ? NE2 ? A GLN 128 NE2 
67  1 Y 1 A LYS 372 ? CD  ? A LYS 139 CD  
68  1 Y 1 A LYS 372 ? CE  ? A LYS 139 CE  
69  1 Y 1 A LYS 372 ? NZ  ? A LYS 139 NZ  
70  1 Y 1 A ARG 382 ? CG  ? A ARG 149 CG  
71  1 Y 1 A ARG 382 ? CD  ? A ARG 149 CD  
72  1 Y 1 A ARG 382 ? NE  ? A ARG 149 NE  
73  1 Y 1 A ARG 382 ? CZ  ? A ARG 149 CZ  
74  1 Y 1 A ARG 382 ? NH1 ? A ARG 149 NH1 
75  1 Y 1 A ARG 382 ? NH2 ? A ARG 149 NH2 
76  1 Y 1 A HIS 383 ? ND1 ? A HIS 150 ND1 
77  1 Y 1 A HIS 383 ? CD2 ? A HIS 150 CD2 
78  1 Y 1 A HIS 383 ? CE1 ? A HIS 150 CE1 
79  1 Y 1 A HIS 383 ? NE2 ? A HIS 150 NE2 
80  1 Y 1 A LYS 386 ? CG  ? A LYS 153 CG  
81  1 Y 1 A LYS 386 ? CD  ? A LYS 153 CD  
82  1 Y 1 A LYS 386 ? CE  ? A LYS 153 CE  
83  1 Y 1 A LYS 386 ? NZ  ? A LYS 153 NZ  
84  1 Y 1 A ASP 388 ? OD1 ? A ASP 155 OD1 
85  1 Y 1 A ASP 388 ? OD2 ? A ASP 155 OD2 
86  1 Y 1 A LYS 390 ? CG  ? A LYS 157 CG  
87  1 Y 1 A LYS 390 ? CD  ? A LYS 157 CD  
88  1 Y 1 A LYS 390 ? CE  ? A LYS 157 CE  
89  1 Y 1 A LYS 390 ? NZ  ? A LYS 157 NZ  
90  1 Y 1 A GLU 391 ? CG  ? A GLU 158 CG  
91  1 Y 1 A GLU 391 ? CD  ? A GLU 158 CD  
92  1 Y 1 A GLU 391 ? OE1 ? A GLU 158 OE1 
93  1 Y 1 A GLU 391 ? OE2 ? A GLU 158 OE2 
94  1 Y 1 A LYS 425 ? CD  ? A LYS 192 CD  
95  1 Y 1 A LYS 425 ? CE  ? A LYS 192 CE  
96  1 Y 1 A LYS 425 ? NZ  ? A LYS 192 NZ  
97  1 Y 1 A ASP 445 ? CG  ? A ASP 212 CG  
98  1 Y 1 A ASP 445 ? OD1 ? A ASP 212 OD1 
99  1 Y 1 A ASP 445 ? OD2 ? A ASP 212 OD2 
100 1 Y 1 A SER 447 ? OG  ? A SER 214 OG  
101 1 Y 1 A VAL 448 ? CG1 ? A VAL 215 CG1 
102 1 Y 1 A VAL 448 ? CG2 ? A VAL 215 CG2 
103 1 Y 1 A GLU 449 ? CG  ? A GLU 216 CG  
104 1 Y 1 A GLU 449 ? CD  ? A GLU 216 CD  
105 1 Y 1 A GLU 449 ? OE1 ? A GLU 216 OE1 
106 1 Y 1 A GLU 449 ? OE2 ? A GLU 216 OE2 
107 1 Y 1 A ASP 450 ? CG  ? A ASP 217 CG  
108 1 Y 1 A ASP 450 ? OD1 ? A ASP 217 OD1 
109 1 Y 1 A ASP 450 ? OD2 ? A ASP 217 OD2 
110 1 Y 1 A SER 451 ? CA  ? A SER 218 CA  
111 1 Y 1 A SER 451 ? C   ? A SER 218 C   
112 1 Y 1 A SER 451 ? O   ? A SER 218 O   
113 1 Y 1 A SER 451 ? CB  ? A SER 218 CB  
114 1 Y 1 A SER 451 ? OG  ? A SER 218 OG  
# 
loop_
_software.name 
_software.classification 
_software.version 
_software.citation_id 
_software.pdbx_ordinal 
CrystalClear 'data collection' . ? 1 
HKL2Map      'model building'  . ? 2 
CNS          refinement        . ? 3 
DENZO        'data reduction'  . ? 4 
SCALEPACK    'data scaling'    . ? 5 
HKL2Map      phasing           . ? 6 
# 
_cell.entry_id           3K66 
_cell.length_a           97.621 
_cell.length_b           97.621 
_cell.length_c           67.975 
_cell.angle_alpha        90.00 
_cell.angle_beta         90.00 
_cell.angle_gamma        120.00 
_cell.Z_PDB              6 
_cell.pdbx_unique_axis   ? 
_cell.length_a_esd       ? 
_cell.length_b_esd       ? 
_cell.length_c_esd       ? 
_cell.angle_alpha_esd    ? 
_cell.angle_beta_esd     ? 
_cell.angle_gamma_esd    ? 
# 
_symmetry.entry_id                         3K66 
_symmetry.space_group_name_H-M             'P 32 2 1' 
_symmetry.pdbx_full_space_group_name_H-M   ? 
_symmetry.cell_setting                     ? 
_symmetry.Int_Tables_number                154 
_symmetry.space_group_name_Hall            ? 
# 
_exptl.entry_id          3K66 
_exptl.method            'X-RAY DIFFRACTION' 
_exptl.crystals_number   1 
# 
_exptl_crystal.id                    1 
_exptl_crystal.density_meas          ? 
_exptl_crystal.density_Matthews      3.28 
_exptl_crystal.density_percent_sol   62.49 
_exptl_crystal.description           ? 
_exptl_crystal.F_000                 ? 
_exptl_crystal.preparation           ? 
# 
_exptl_crystal_grow.crystal_id      1 
_exptl_crystal_grow.method          'VAPOR DIFFUSION, HANGING DROP' 
_exptl_crystal_grow.temp            298 
_exptl_crystal_grow.temp_details    ? 
_exptl_crystal_grow.pH              7.0 
_exptl_crystal_grow.pdbx_details    
'20% PEG 3350, 15% Isopropanol, 0.1 M Hepes pH 7.0, VAPOR DIFFUSION, HANGING DROP, temperature 298K' 
_exptl_crystal_grow.pdbx_pH_range   ? 
# 
_diffrn.id                     1 
_diffrn.ambient_temp           298 
_diffrn.ambient_temp_details   ? 
_diffrn.crystal_id             1 
# 
_diffrn_detector.diffrn_id              1 
_diffrn_detector.detector               'IMAGE PLATE' 
_diffrn_detector.type                   RIGAKU 
_diffrn_detector.pdbx_collection_date   2007-06-15 
_diffrn_detector.details                mirrors 
# 
_diffrn_radiation.diffrn_id                        1 
_diffrn_radiation.wavelength_id                    1 
_diffrn_radiation.pdbx_monochromatic_or_laue_m_l   M 
_diffrn_radiation.monochromator                    ? 
_diffrn_radiation.pdbx_diffrn_protocol             'SINGLE WAVELENGTH' 
_diffrn_radiation.pdbx_scattering_type             x-ray 
# 
_diffrn_radiation_wavelength.id           1 
_diffrn_radiation_wavelength.wavelength   1.54 
_diffrn_radiation_wavelength.wt           1.0 
# 
_diffrn_source.diffrn_id                   1 
_diffrn_source.source                      'ROTATING ANODE' 
_diffrn_source.type                        RIGAKU 
_diffrn_source.pdbx_synchrotron_site       ? 
_diffrn_source.pdbx_synchrotron_beamline   ? 
_diffrn_source.pdbx_wavelength             ? 
_diffrn_source.pdbx_wavelength_list        1.54 
# 
_reflns.entry_id                     3K66 
_reflns.observed_criterion_sigma_I   ? 
_reflns.observed_criterion_sigma_F   ? 
_reflns.d_resolution_low             30.0 
_reflns.d_resolution_high            2.70 
_reflns.number_obs                   10475 
_reflns.number_all                   ? 
_reflns.percent_possible_obs         ? 
_reflns.pdbx_Rmerge_I_obs            ? 
_reflns.pdbx_Rsym_value              0.055 
_reflns.pdbx_netI_over_sigmaI        25.4 
_reflns.B_iso_Wilson_estimate        ? 
_reflns.pdbx_redundancy              9.7 
_reflns.R_free_details               ? 
_reflns.limit_h_max                  ? 
_reflns.limit_h_min                  ? 
_reflns.limit_k_max                  ? 
_reflns.limit_k_min                  ? 
_reflns.limit_l_max                  ? 
_reflns.limit_l_min                  ? 
_reflns.observed_criterion_F_max     ? 
_reflns.observed_criterion_F_min     ? 
_reflns.pdbx_chi_squared             ? 
_reflns.pdbx_scaling_rejects         ? 
_reflns.pdbx_diffrn_id               1 
_reflns.pdbx_ordinal                 1 
# 
_refine.entry_id                                 3K66 
_refine.ls_number_reflns_obs                     10475 
_refine.ls_number_reflns_all                     ? 
_refine.pdbx_ls_sigma_I                          ? 
_refine.pdbx_ls_sigma_F                          2.0 
_refine.pdbx_data_cutoff_high_absF               ? 
_refine.pdbx_data_cutoff_low_absF                ? 
_refine.pdbx_data_cutoff_high_rms_absF           ? 
_refine.ls_d_res_low                             30.0 
_refine.ls_d_res_high                            2.70 
_refine.ls_percent_reflns_obs                    ? 
_refine.ls_R_factor_obs                          0.251 
_refine.ls_R_factor_all                          ? 
_refine.ls_R_factor_R_work                       0.251 
_refine.ls_R_factor_R_free                       0.299 
_refine.ls_R_factor_R_free_error                 ? 
_refine.ls_R_factor_R_free_error_details         ? 
_refine.ls_percent_reflns_R_free                 ? 
_refine.ls_number_reflns_R_free                  ? 
_refine.ls_number_parameters                     ? 
_refine.ls_number_restraints                     ? 
_refine.occupancy_min                            ? 
_refine.occupancy_max                            ? 
_refine.correlation_coeff_Fo_to_Fc               ? 
_refine.correlation_coeff_Fo_to_Fc_free          ? 
_refine.B_iso_mean                               73.6 
_refine.aniso_B[1][1]                            ? 
_refine.aniso_B[2][2]                            ? 
_refine.aniso_B[3][3]                            ? 
_refine.aniso_B[1][2]                            ? 
_refine.aniso_B[1][3]                            ? 
_refine.aniso_B[2][3]                            ? 
_refine.solvent_model_details                    ? 
_refine.solvent_model_param_ksol                 ? 
_refine.solvent_model_param_bsol                 ? 
_refine.pdbx_solvent_vdw_probe_radii             ? 
_refine.pdbx_solvent_ion_probe_radii             ? 
_refine.pdbx_solvent_shrinkage_radii             ? 
_refine.pdbx_ls_cross_valid_method               ? 
_refine.details                                  ? 
_refine.pdbx_starting_model                      ? 
_refine.pdbx_method_to_determine_struct          SAD 
_refine.pdbx_isotropic_thermal_model             ? 
_refine.pdbx_stereochemistry_target_values       ? 
_refine.pdbx_stereochem_target_val_spec_case     ? 
_refine.pdbx_R_Free_selection_details            ? 
_refine.pdbx_overall_ESU_R                       ? 
_refine.pdbx_overall_ESU_R_Free                  ? 
_refine.overall_SU_ML                            ? 
_refine.overall_SU_B                             ? 
_refine.ls_redundancy_reflns_obs                 ? 
_refine.B_iso_min                                ? 
_refine.B_iso_max                                ? 
_refine.overall_SU_R_Cruickshank_DPI             ? 
_refine.overall_SU_R_free                        ? 
_refine.ls_wR_factor_R_free                      ? 
_refine.ls_wR_factor_R_work                      ? 
_refine.overall_FOM_free_R_set                   ? 
_refine.overall_FOM_work_R_set                   ? 
_refine.pdbx_overall_phase_error                 ? 
_refine.pdbx_refine_id                           'X-RAY DIFFRACTION' 
_refine.pdbx_diffrn_id                           1 
_refine.pdbx_TLS_residual_ADP_flag               ? 
_refine.pdbx_overall_SU_R_free_Cruickshank_DPI   ? 
_refine.pdbx_overall_SU_R_Blow_DPI               ? 
_refine.pdbx_overall_SU_R_free_Blow_DPI          ? 
# 
_refine_hist.pdbx_refine_id                   'X-RAY DIFFRACTION' 
_refine_hist.cycle_id                         LAST 
_refine_hist.pdbx_number_atoms_protein        1721 
_refine_hist.pdbx_number_atoms_nucleic_acid   0 
_refine_hist.pdbx_number_atoms_ligand         0 
_refine_hist.number_atoms_solvent             75 
_refine_hist.number_atoms_total               1796 
_refine_hist.d_res_high                       2.70 
_refine_hist.d_res_low                        30.0 
# 
loop_
_refine_ls_restr.type 
_refine_ls_restr.dev_ideal 
_refine_ls_restr.dev_ideal_target 
_refine_ls_restr.weight 
_refine_ls_restr.number 
_refine_ls_restr.pdbx_refine_id 
_refine_ls_restr.pdbx_restraint_function 
c_bond_d    0.009 ? ? ? 'X-RAY DIFFRACTION' ? 
c_angle_deg 1.28  ? ? ? 'X-RAY DIFFRACTION' ? 
# 
_refine_ls_shell.pdbx_total_number_of_bins_used   10 
_refine_ls_shell.d_res_high                       2.70 
_refine_ls_shell.d_res_low                        2.80 
_refine_ls_shell.number_reflns_R_work             ? 
_refine_ls_shell.R_factor_R_work                  ? 
_refine_ls_shell.percent_reflns_obs               ? 
_refine_ls_shell.R_factor_R_free                  ? 
_refine_ls_shell.R_factor_R_free_error            ? 
_refine_ls_shell.percent_reflns_R_free            ? 
_refine_ls_shell.number_reflns_R_free             ? 
_refine_ls_shell.number_reflns_all                ? 
_refine_ls_shell.R_factor_all                     ? 
_refine_ls_shell.number_reflns_obs                ? 
_refine_ls_shell.redundancy_reflns_obs            ? 
_refine_ls_shell.pdbx_refine_id                   'X-RAY DIFFRACTION' 
# 
_struct.entry_id                  3K66 
_struct.title                     'X-ray crystal structure of the E2 domain of C. elegans APL-1' 
_struct.pdbx_model_details        ? 
_struct.pdbx_CASP_flag            ? 
_struct.pdbx_model_type_details   ? 
# 
_struct_keywords.entry_id        3K66 
_struct_keywords.pdbx_keywords   'CELL ADHESION' 
_struct_keywords.text            
;X-ray crystal structure, amyloid precursor protein, heparin binding, Alternative splicing, Amyloid, Developmental protein, Differentiation, Glycoprotein, Membrane, Neurogenesis, Transmembrane, CELL ADHESION
;
# 
loop_
_struct_asym.id 
_struct_asym.pdbx_blank_PDB_chainid_flag 
_struct_asym.pdbx_modified 
_struct_asym.entity_id 
_struct_asym.details 
A N N 1 ? 
B N N 2 ? 
# 
_struct_ref.id                         1 
_struct_ref.db_name                    UNP 
_struct_ref.db_code                    A4_CAEEL 
_struct_ref.pdbx_db_accession          Q10651 
_struct_ref.entity_id                  1 
_struct_ref.pdbx_seq_one_letter_code   
;SQDPYFKIANWTNEHDDFKKAEMRMDEKHRKKVDKVMKEWGDLETRYNEQKAKDPKGAEKFKSQMNARFQKTVSSLEEEH
KRMRKEIEAVHEERVQAMLNEKKRDATHDYRQALATHVNKPNKHSVLQSLKAYIRAEEKDRMHTLNRYRHLLKADSKEAA
AYKPTVIHRLRYIDLRINGTLAMLRDFPDLEKYVRPIAVTYWKDYRDEVSPDISVEDSELTPIIHDDEFSKNAKLDVKA
;
_struct_ref.pdbx_align_begin           240 
_struct_ref.pdbx_db_isoform            ? 
# 
_struct_ref_seq.align_id                      1 
_struct_ref_seq.ref_id                        1 
_struct_ref_seq.pdbx_PDB_id_code              3K66 
_struct_ref_seq.pdbx_strand_id                A 
_struct_ref_seq.seq_align_beg                 1 
_struct_ref_seq.pdbx_seq_align_beg_ins_code   ? 
_struct_ref_seq.seq_align_end                 239 
_struct_ref_seq.pdbx_seq_align_end_ins_code   ? 
_struct_ref_seq.pdbx_db_accession             Q10651 
_struct_ref_seq.db_align_beg                  240 
_struct_ref_seq.pdbx_db_align_beg_ins_code    ? 
_struct_ref_seq.db_align_end                  478 
_struct_ref_seq.pdbx_db_align_end_ins_code    ? 
_struct_ref_seq.pdbx_auth_seq_align_beg       234 
_struct_ref_seq.pdbx_auth_seq_align_end       472 
# 
_pdbx_struct_assembly.id                   1 
_pdbx_struct_assembly.details              author_and_software_defined_assembly 
_pdbx_struct_assembly.method_details       PISA 
_pdbx_struct_assembly.oligomeric_details   monomeric 
_pdbx_struct_assembly.oligomeric_count     1 
# 
_pdbx_struct_assembly_gen.assembly_id       1 
_pdbx_struct_assembly_gen.oper_expression   1 
_pdbx_struct_assembly_gen.asym_id_list      A,B 
# 
_pdbx_struct_oper_list.id                   1 
_pdbx_struct_oper_list.type                 'identity operation' 
_pdbx_struct_oper_list.name                 1_555 
_pdbx_struct_oper_list.symmetry_operation   x,y,z 
_pdbx_struct_oper_list.matrix[1][1]         1.0000000000 
_pdbx_struct_oper_list.matrix[1][2]         0.0000000000 
_pdbx_struct_oper_list.matrix[1][3]         0.0000000000 
_pdbx_struct_oper_list.vector[1]            0.0000000000 
_pdbx_struct_oper_list.matrix[2][1]         0.0000000000 
_pdbx_struct_oper_list.matrix[2][2]         1.0000000000 
_pdbx_struct_oper_list.matrix[2][3]         0.0000000000 
_pdbx_struct_oper_list.vector[2]            0.0000000000 
_pdbx_struct_oper_list.matrix[3][1]         0.0000000000 
_pdbx_struct_oper_list.matrix[3][2]         0.0000000000 
_pdbx_struct_oper_list.matrix[3][3]         1.0000000000 
_pdbx_struct_oper_list.vector[3]            0.0000000000 
# 
_struct_biol.id        1 
_struct_biol.details   ? 
# 
loop_
_struct_conf.conf_type_id 
_struct_conf.id 
_struct_conf.pdbx_PDB_helix_id 
_struct_conf.beg_label_comp_id 
_struct_conf.beg_label_asym_id 
_struct_conf.beg_label_seq_id 
_struct_conf.pdbx_beg_PDB_ins_code 
_struct_conf.end_label_comp_id 
_struct_conf.end_label_asym_id 
_struct_conf.end_label_seq_id 
_struct_conf.pdbx_end_PDB_ins_code 
_struct_conf.beg_auth_comp_id 
_struct_conf.beg_auth_asym_id 
_struct_conf.beg_auth_seq_id 
_struct_conf.end_auth_comp_id 
_struct_conf.end_auth_asym_id 
_struct_conf.end_auth_seq_id 
_struct_conf.pdbx_PDB_helix_class 
_struct_conf.details 
_struct_conf.pdbx_PDB_helix_length 
HELX_P HELX_P1 1 ASP A 3   ? ILE A 8   ? ASP A 236 ILE A 241 5 ? 6  
HELX_P HELX_P2 2 ASN A 13  ? ASP A 54  ? ASN A 246 ASP A 287 1 ? 42 
HELX_P HELX_P3 3 ASP A 54  ? LYS A 120 ? ASP A 287 LYS A 353 1 ? 67 
HELX_P HELX_P4 4 ASN A 122 ? ASP A 155 ? ASN A 355 ASP A 388 1 ? 34 
HELX_P HELX_P5 5 ASP A 155 ? ALA A 161 ? ASP A 388 ALA A 394 1 ? 7  
HELX_P HELX_P6 6 TYR A 162 ? MET A 183 ? TYR A 395 MET A 416 1 ? 22 
HELX_P HELX_P7 7 PHE A 187 ? LYS A 192 ? PHE A 420 LYS A 425 1 ? 6  
HELX_P HELX_P8 8 VAL A 194 ? SER A 210 ? VAL A 427 SER A 443 1 ? 17 
# 
_struct_conf_type.id          HELX_P 
_struct_conf_type.criteria    ? 
_struct_conf_type.reference   ? 
# 
_pdbx_validate_rmsd_angle.id                         1 
_pdbx_validate_rmsd_angle.PDB_model_num              1 
_pdbx_validate_rmsd_angle.auth_atom_id_1             C 
_pdbx_validate_rmsd_angle.auth_asym_id_1             A 
_pdbx_validate_rmsd_angle.auth_comp_id_1             SER 
_pdbx_validate_rmsd_angle.auth_seq_id_1              443 
_pdbx_validate_rmsd_angle.PDB_ins_code_1             ? 
_pdbx_validate_rmsd_angle.label_alt_id_1             ? 
_pdbx_validate_rmsd_angle.auth_atom_id_2             N 
_pdbx_validate_rmsd_angle.auth_asym_id_2             A 
_pdbx_validate_rmsd_angle.auth_comp_id_2             PRO 
_pdbx_validate_rmsd_angle.auth_seq_id_2              444 
_pdbx_validate_rmsd_angle.PDB_ins_code_2             ? 
_pdbx_validate_rmsd_angle.label_alt_id_2             ? 
_pdbx_validate_rmsd_angle.auth_atom_id_3             CA 
_pdbx_validate_rmsd_angle.auth_asym_id_3             A 
_pdbx_validate_rmsd_angle.auth_comp_id_3             PRO 
_pdbx_validate_rmsd_angle.auth_seq_id_3              444 
_pdbx_validate_rmsd_angle.PDB_ins_code_3             ? 
_pdbx_validate_rmsd_angle.label_alt_id_3             ? 
_pdbx_validate_rmsd_angle.angle_value                129.35 
_pdbx_validate_rmsd_angle.angle_target_value         119.30 
_pdbx_validate_rmsd_angle.angle_deviation            10.05 
_pdbx_validate_rmsd_angle.angle_standard_deviation   1.50 
_pdbx_validate_rmsd_angle.linker_flag                Y 
# 
loop_
_pdbx_validate_torsion.id 
_pdbx_validate_torsion.PDB_model_num 
_pdbx_validate_torsion.auth_comp_id 
_pdbx_validate_torsion.auth_asym_id 
_pdbx_validate_torsion.auth_seq_id 
_pdbx_validate_torsion.PDB_ins_code 
_pdbx_validate_torsion.label_alt_id 
_pdbx_validate_torsion.phi 
_pdbx_validate_torsion.psi 
1  1 ALA A 242 ? ? -142.46 11.57   
2  1 TRP A 244 ? ? 56.36   -3.20   
3  1 ASN A 352 ? ? -78.22  -78.25  
4  1 PRO A 354 ? ? -37.01  81.91   
5  1 LYS A 356 ? ? -8.45   -88.12  
6  1 PHE A 420 ? ? -103.28 75.45   
7  1 PRO A 444 ? ? -55.71  -124.47 
8  1 ASP A 445 ? ? -137.78 -56.13  
9  1 ILE A 446 ? ? 82.97   151.68  
10 1 SER A 447 ? ? -140.43 -17.27  
11 1 ASP A 450 ? ? -168.36 88.82   
# 
loop_
_pdbx_unobs_or_zero_occ_residues.id 
_pdbx_unobs_or_zero_occ_residues.PDB_model_num 
_pdbx_unobs_or_zero_occ_residues.polymer_flag 
_pdbx_unobs_or_zero_occ_residues.occupancy_flag 
_pdbx_unobs_or_zero_occ_residues.auth_asym_id 
_pdbx_unobs_or_zero_occ_residues.auth_comp_id 
_pdbx_unobs_or_zero_occ_residues.auth_seq_id 
_pdbx_unobs_or_zero_occ_residues.PDB_ins_code 
_pdbx_unobs_or_zero_occ_residues.label_asym_id 
_pdbx_unobs_or_zero_occ_residues.label_comp_id 
_pdbx_unobs_or_zero_occ_residues.label_seq_id 
1  1 Y 1 A GLU 452 ? A GLU 219 
2  1 Y 1 A LEU 453 ? A LEU 220 
3  1 Y 1 A THR 454 ? A THR 221 
4  1 Y 1 A PRO 455 ? A PRO 222 
5  1 Y 1 A ILE 456 ? A ILE 223 
6  1 Y 1 A ILE 457 ? A ILE 224 
7  1 Y 1 A HIS 458 ? A HIS 225 
8  1 Y 1 A ASP 459 ? A ASP 226 
9  1 Y 1 A ASP 460 ? A ASP 227 
10 1 Y 1 A GLU 461 ? A GLU 228 
11 1 Y 1 A PHE 462 ? A PHE 229 
12 1 Y 1 A SER 463 ? A SER 230 
13 1 Y 1 A LYS 464 ? A LYS 231 
14 1 Y 1 A ASN 465 ? A ASN 232 
15 1 Y 1 A ALA 466 ? A ALA 233 
16 1 Y 1 A LYS 467 ? A LYS 234 
17 1 Y 1 A LEU 468 ? A LEU 235 
18 1 Y 1 A ASP 469 ? A ASP 236 
19 1 Y 1 A VAL 470 ? A VAL 237 
20 1 Y 1 A LYS 471 ? A LYS 238 
21 1 Y 1 A ALA 472 ? A ALA 239 
# 
loop_
_chem_comp_atom.comp_id 
_chem_comp_atom.atom_id 
_chem_comp_atom.type_symbol 
_chem_comp_atom.pdbx_aromatic_flag 
_chem_comp_atom.pdbx_stereo_config 
_chem_comp_atom.pdbx_ordinal 
ALA N    N N N 1   
ALA CA   C N S 2   
ALA C    C N N 3   
ALA O    O N N 4   
ALA CB   C N N 5   
ALA OXT  O N N 6   
ALA H    H N N 7   
ALA H2   H N N 8   
ALA HA   H N N 9   
ALA HB1  H N N 10  
ALA HB2  H N N 11  
ALA HB3  H N N 12  
ALA HXT  H N N 13  
ARG N    N N N 14  
ARG CA   C N S 15  
ARG C    C N N 16  
ARG O    O N N 17  
ARG CB   C N N 18  
ARG CG   C N N 19  
ARG CD   C N N 20  
ARG NE   N N N 21  
ARG CZ   C N N 22  
ARG NH1  N N N 23  
ARG NH2  N N N 24  
ARG OXT  O N N 25  
ARG H    H N N 26  
ARG H2   H N N 27  
ARG HA   H N N 28  
ARG HB2  H N N 29  
ARG HB3  H N N 30  
ARG HG2  H N N 31  
ARG HG3  H N N 32  
ARG HD2  H N N 33  
ARG HD3  H N N 34  
ARG HE   H N N 35  
ARG HH11 H N N 36  
ARG HH12 H N N 37  
ARG HH21 H N N 38  
ARG HH22 H N N 39  
ARG HXT  H N N 40  
ASN N    N N N 41  
ASN CA   C N S 42  
ASN C    C N N 43  
ASN O    O N N 44  
ASN CB   C N N 45  
ASN CG   C N N 46  
ASN OD1  O N N 47  
ASN ND2  N N N 48  
ASN OXT  O N N 49  
ASN H    H N N 50  
ASN H2   H N N 51  
ASN HA   H N N 52  
ASN HB2  H N N 53  
ASN HB3  H N N 54  
ASN HD21 H N N 55  
ASN HD22 H N N 56  
ASN HXT  H N N 57  
ASP N    N N N 58  
ASP CA   C N S 59  
ASP C    C N N 60  
ASP O    O N N 61  
ASP CB   C N N 62  
ASP CG   C N N 63  
ASP OD1  O N N 64  
ASP OD2  O N N 65  
ASP OXT  O N N 66  
ASP H    H N N 67  
ASP H2   H N N 68  
ASP HA   H N N 69  
ASP HB2  H N N 70  
ASP HB3  H N N 71  
ASP HD2  H N N 72  
ASP HXT  H N N 73  
GLN N    N N N 74  
GLN CA   C N S 75  
GLN C    C N N 76  
GLN O    O N N 77  
GLN CB   C N N 78  
GLN CG   C N N 79  
GLN CD   C N N 80  
GLN OE1  O N N 81  
GLN NE2  N N N 82  
GLN OXT  O N N 83  
GLN H    H N N 84  
GLN H2   H N N 85  
GLN HA   H N N 86  
GLN HB2  H N N 87  
GLN HB3  H N N 88  
GLN HG2  H N N 89  
GLN HG3  H N N 90  
GLN HE21 H N N 91  
GLN HE22 H N N 92  
GLN HXT  H N N 93  
GLU N    N N N 94  
GLU CA   C N S 95  
GLU C    C N N 96  
GLU O    O N N 97  
GLU CB   C N N 98  
GLU CG   C N N 99  
GLU CD   C N N 100 
GLU OE1  O N N 101 
GLU OE2  O N N 102 
GLU OXT  O N N 103 
GLU H    H N N 104 
GLU H2   H N N 105 
GLU HA   H N N 106 
GLU HB2  H N N 107 
GLU HB3  H N N 108 
GLU HG2  H N N 109 
GLU HG3  H N N 110 
GLU HE2  H N N 111 
GLU HXT  H N N 112 
GLY N    N N N 113 
GLY CA   C N N 114 
GLY C    C N N 115 
GLY O    O N N 116 
GLY OXT  O N N 117 
GLY H    H N N 118 
GLY H2   H N N 119 
GLY HA2  H N N 120 
GLY HA3  H N N 121 
GLY HXT  H N N 122 
HIS N    N N N 123 
HIS CA   C N S 124 
HIS C    C N N 125 
HIS O    O N N 126 
HIS CB   C N N 127 
HIS CG   C Y N 128 
HIS ND1  N Y N 129 
HIS CD2  C Y N 130 
HIS CE1  C Y N 131 
HIS NE2  N Y N 132 
HIS OXT  O N N 133 
HIS H    H N N 134 
HIS H2   H N N 135 
HIS HA   H N N 136 
HIS HB2  H N N 137 
HIS HB3  H N N 138 
HIS HD1  H N N 139 
HIS HD2  H N N 140 
HIS HE1  H N N 141 
HIS HE2  H N N 142 
HIS HXT  H N N 143 
HOH O    O N N 144 
HOH H1   H N N 145 
HOH H2   H N N 146 
ILE N    N N N 147 
ILE CA   C N S 148 
ILE C    C N N 149 
ILE O    O N N 150 
ILE CB   C N S 151 
ILE CG1  C N N 152 
ILE CG2  C N N 153 
ILE CD1  C N N 154 
ILE OXT  O N N 155 
ILE H    H N N 156 
ILE H2   H N N 157 
ILE HA   H N N 158 
ILE HB   H N N 159 
ILE HG12 H N N 160 
ILE HG13 H N N 161 
ILE HG21 H N N 162 
ILE HG22 H N N 163 
ILE HG23 H N N 164 
ILE HD11 H N N 165 
ILE HD12 H N N 166 
ILE HD13 H N N 167 
ILE HXT  H N N 168 
LEU N    N N N 169 
LEU CA   C N S 170 
LEU C    C N N 171 
LEU O    O N N 172 
LEU CB   C N N 173 
LEU CG   C N N 174 
LEU CD1  C N N 175 
LEU CD2  C N N 176 
LEU OXT  O N N 177 
LEU H    H N N 178 
LEU H2   H N N 179 
LEU HA   H N N 180 
LEU HB2  H N N 181 
LEU HB3  H N N 182 
LEU HG   H N N 183 
LEU HD11 H N N 184 
LEU HD12 H N N 185 
LEU HD13 H N N 186 
LEU HD21 H N N 187 
LEU HD22 H N N 188 
LEU HD23 H N N 189 
LEU HXT  H N N 190 
LYS N    N N N 191 
LYS CA   C N S 192 
LYS C    C N N 193 
LYS O    O N N 194 
LYS CB   C N N 195 
LYS CG   C N N 196 
LYS CD   C N N 197 
LYS CE   C N N 198 
LYS NZ   N N N 199 
LYS OXT  O N N 200 
LYS H    H N N 201 
LYS H2   H N N 202 
LYS HA   H N N 203 
LYS HB2  H N N 204 
LYS HB3  H N N 205 
LYS HG2  H N N 206 
LYS HG3  H N N 207 
LYS HD2  H N N 208 
LYS HD3  H N N 209 
LYS HE2  H N N 210 
LYS HE3  H N N 211 
LYS HZ1  H N N 212 
LYS HZ2  H N N 213 
LYS HZ3  H N N 214 
LYS HXT  H N N 215 
MET N    N N N 216 
MET CA   C N S 217 
MET C    C N N 218 
MET O    O N N 219 
MET CB   C N N 220 
MET CG   C N N 221 
MET SD   S N N 222 
MET CE   C N N 223 
MET OXT  O N N 224 
MET H    H N N 225 
MET H2   H N N 226 
MET HA   H N N 227 
MET HB2  H N N 228 
MET HB3  H N N 229 
MET HG2  H N N 230 
MET HG3  H N N 231 
MET HE1  H N N 232 
MET HE2  H N N 233 
MET HE3  H N N 234 
MET HXT  H N N 235 
PHE N    N N N 236 
PHE CA   C N S 237 
PHE C    C N N 238 
PHE O    O N N 239 
PHE CB   C N N 240 
PHE CG   C Y N 241 
PHE CD1  C Y N 242 
PHE CD2  C Y N 243 
PHE CE1  C Y N 244 
PHE CE2  C Y N 245 
PHE CZ   C Y N 246 
PHE OXT  O N N 247 
PHE H    H N N 248 
PHE H2   H N N 249 
PHE HA   H N N 250 
PHE HB2  H N N 251 
PHE HB3  H N N 252 
PHE HD1  H N N 253 
PHE HD2  H N N 254 
PHE HE1  H N N 255 
PHE HE2  H N N 256 
PHE HZ   H N N 257 
PHE HXT  H N N 258 
PRO N    N N N 259 
PRO CA   C N S 260 
PRO C    C N N 261 
PRO O    O N N 262 
PRO CB   C N N 263 
PRO CG   C N N 264 
PRO CD   C N N 265 
PRO OXT  O N N 266 
PRO H    H N N 267 
PRO HA   H N N 268 
PRO HB2  H N N 269 
PRO HB3  H N N 270 
PRO HG2  H N N 271 
PRO HG3  H N N 272 
PRO HD2  H N N 273 
PRO HD3  H N N 274 
PRO HXT  H N N 275 
SER N    N N N 276 
SER CA   C N S 277 
SER C    C N N 278 
SER O    O N N 279 
SER CB   C N N 280 
SER OG   O N N 281 
SER OXT  O N N 282 
SER H    H N N 283 
SER H2   H N N 284 
SER HA   H N N 285 
SER HB2  H N N 286 
SER HB3  H N N 287 
SER HG   H N N 288 
SER HXT  H N N 289 
THR N    N N N 290 
THR CA   C N S 291 
THR C    C N N 292 
THR O    O N N 293 
THR CB   C N R 294 
THR OG1  O N N 295 
THR CG2  C N N 296 
THR OXT  O N N 297 
THR H    H N N 298 
THR H2   H N N 299 
THR HA   H N N 300 
THR HB   H N N 301 
THR HG1  H N N 302 
THR HG21 H N N 303 
THR HG22 H N N 304 
THR HG23 H N N 305 
THR HXT  H N N 306 
TRP N    N N N 307 
TRP CA   C N S 308 
TRP C    C N N 309 
TRP O    O N N 310 
TRP CB   C N N 311 
TRP CG   C Y N 312 
TRP CD1  C Y N 313 
TRP CD2  C Y N 314 
TRP NE1  N Y N 315 
TRP CE2  C Y N 316 
TRP CE3  C Y N 317 
TRP CZ2  C Y N 318 
TRP CZ3  C Y N 319 
TRP CH2  C Y N 320 
TRP OXT  O N N 321 
TRP H    H N N 322 
TRP H2   H N N 323 
TRP HA   H N N 324 
TRP HB2  H N N 325 
TRP HB3  H N N 326 
TRP HD1  H N N 327 
TRP HE1  H N N 328 
TRP HE3  H N N 329 
TRP HZ2  H N N 330 
TRP HZ3  H N N 331 
TRP HH2  H N N 332 
TRP HXT  H N N 333 
TYR N    N N N 334 
TYR CA   C N S 335 
TYR C    C N N 336 
TYR O    O N N 337 
TYR CB   C N N 338 
TYR CG   C Y N 339 
TYR CD1  C Y N 340 
TYR CD2  C Y N 341 
TYR CE1  C Y N 342 
TYR CE2  C Y N 343 
TYR CZ   C Y N 344 
TYR OH   O N N 345 
TYR OXT  O N N 346 
TYR H    H N N 347 
TYR H2   H N N 348 
TYR HA   H N N 349 
TYR HB2  H N N 350 
TYR HB3  H N N 351 
TYR HD1  H N N 352 
TYR HD2  H N N 353 
TYR HE1  H N N 354 
TYR HE2  H N N 355 
TYR HH   H N N 356 
TYR HXT  H N N 357 
VAL N    N N N 358 
VAL CA   C N S 359 
VAL C    C N N 360 
VAL O    O N N 361 
VAL CB   C N N 362 
VAL CG1  C N N 363 
VAL CG2  C N N 364 
VAL OXT  O N N 365 
VAL H    H N N 366 
VAL H2   H N N 367 
VAL HA   H N N 368 
VAL HB   H N N 369 
VAL HG11 H N N 370 
VAL HG12 H N N 371 
VAL HG13 H N N 372 
VAL HG21 H N N 373 
VAL HG22 H N N 374 
VAL HG23 H N N 375 
VAL HXT  H N N 376 
# 
loop_
_chem_comp_bond.comp_id 
_chem_comp_bond.atom_id_1 
_chem_comp_bond.atom_id_2 
_chem_comp_bond.value_order 
_chem_comp_bond.pdbx_aromatic_flag 
_chem_comp_bond.pdbx_stereo_config 
_chem_comp_bond.pdbx_ordinal 
ALA N   CA   sing N N 1   
ALA N   H    sing N N 2   
ALA N   H2   sing N N 3   
ALA CA  C    sing N N 4   
ALA CA  CB   sing N N 5   
ALA CA  HA   sing N N 6   
ALA C   O    doub N N 7   
ALA C   OXT  sing N N 8   
ALA CB  HB1  sing N N 9   
ALA CB  HB2  sing N N 10  
ALA CB  HB3  sing N N 11  
ALA OXT HXT  sing N N 12  
ARG N   CA   sing N N 13  
ARG N   H    sing N N 14  
ARG N   H2   sing N N 15  
ARG CA  C    sing N N 16  
ARG CA  CB   sing N N 17  
ARG CA  HA   sing N N 18  
ARG C   O    doub N N 19  
ARG C   OXT  sing N N 20  
ARG CB  CG   sing N N 21  
ARG CB  HB2  sing N N 22  
ARG CB  HB3  sing N N 23  
ARG CG  CD   sing N N 24  
ARG CG  HG2  sing N N 25  
ARG CG  HG3  sing N N 26  
ARG CD  NE   sing N N 27  
ARG CD  HD2  sing N N 28  
ARG CD  HD3  sing N N 29  
ARG NE  CZ   sing N N 30  
ARG NE  HE   sing N N 31  
ARG CZ  NH1  sing N N 32  
ARG CZ  NH2  doub N N 33  
ARG NH1 HH11 sing N N 34  
ARG NH1 HH12 sing N N 35  
ARG NH2 HH21 sing N N 36  
ARG NH2 HH22 sing N N 37  
ARG OXT HXT  sing N N 38  
ASN N   CA   sing N N 39  
ASN N   H    sing N N 40  
ASN N   H2   sing N N 41  
ASN CA  C    sing N N 42  
ASN CA  CB   sing N N 43  
ASN CA  HA   sing N N 44  
ASN C   O    doub N N 45  
ASN C   OXT  sing N N 46  
ASN CB  CG   sing N N 47  
ASN CB  HB2  sing N N 48  
ASN CB  HB3  sing N N 49  
ASN CG  OD1  doub N N 50  
ASN CG  ND2  sing N N 51  
ASN ND2 HD21 sing N N 52  
ASN ND2 HD22 sing N N 53  
ASN OXT HXT  sing N N 54  
ASP N   CA   sing N N 55  
ASP N   H    sing N N 56  
ASP N   H2   sing N N 57  
ASP CA  C    sing N N 58  
ASP CA  CB   sing N N 59  
ASP CA  HA   sing N N 60  
ASP C   O    doub N N 61  
ASP C   OXT  sing N N 62  
ASP CB  CG   sing N N 63  
ASP CB  HB2  sing N N 64  
ASP CB  HB3  sing N N 65  
ASP CG  OD1  doub N N 66  
ASP CG  OD2  sing N N 67  
ASP OD2 HD2  sing N N 68  
ASP OXT HXT  sing N N 69  
GLN N   CA   sing N N 70  
GLN N   H    sing N N 71  
GLN N   H2   sing N N 72  
GLN CA  C    sing N N 73  
GLN CA  CB   sing N N 74  
GLN CA  HA   sing N N 75  
GLN C   O    doub N N 76  
GLN C   OXT  sing N N 77  
GLN CB  CG   sing N N 78  
GLN CB  HB2  sing N N 79  
GLN CB  HB3  sing N N 80  
GLN CG  CD   sing N N 81  
GLN CG  HG2  sing N N 82  
GLN CG  HG3  sing N N 83  
GLN CD  OE1  doub N N 84  
GLN CD  NE2  sing N N 85  
GLN NE2 HE21 sing N N 86  
GLN NE2 HE22 sing N N 87  
GLN OXT HXT  sing N N 88  
GLU N   CA   sing N N 89  
GLU N   H    sing N N 90  
GLU N   H2   sing N N 91  
GLU CA  C    sing N N 92  
GLU CA  CB   sing N N 93  
GLU CA  HA   sing N N 94  
GLU C   O    doub N N 95  
GLU C   OXT  sing N N 96  
GLU CB  CG   sing N N 97  
GLU CB  HB2  sing N N 98  
GLU CB  HB3  sing N N 99  
GLU CG  CD   sing N N 100 
GLU CG  HG2  sing N N 101 
GLU CG  HG3  sing N N 102 
GLU CD  OE1  doub N N 103 
GLU CD  OE2  sing N N 104 
GLU OE2 HE2  sing N N 105 
GLU OXT HXT  sing N N 106 
GLY N   CA   sing N N 107 
GLY N   H    sing N N 108 
GLY N   H2   sing N N 109 
GLY CA  C    sing N N 110 
GLY CA  HA2  sing N N 111 
GLY CA  HA3  sing N N 112 
GLY C   O    doub N N 113 
GLY C   OXT  sing N N 114 
GLY OXT HXT  sing N N 115 
HIS N   CA   sing N N 116 
HIS N   H    sing N N 117 
HIS N   H2   sing N N 118 
HIS CA  C    sing N N 119 
HIS CA  CB   sing N N 120 
HIS CA  HA   sing N N 121 
HIS C   O    doub N N 122 
HIS C   OXT  sing N N 123 
HIS CB  CG   sing N N 124 
HIS CB  HB2  sing N N 125 
HIS CB  HB3  sing N N 126 
HIS CG  ND1  sing Y N 127 
HIS CG  CD2  doub Y N 128 
HIS ND1 CE1  doub Y N 129 
HIS ND1 HD1  sing N N 130 
HIS CD2 NE2  sing Y N 131 
HIS CD2 HD2  sing N N 132 
HIS CE1 NE2  sing Y N 133 
HIS CE1 HE1  sing N N 134 
HIS NE2 HE2  sing N N 135 
HIS OXT HXT  sing N N 136 
HOH O   H1   sing N N 137 
HOH O   H2   sing N N 138 
ILE N   CA   sing N N 139 
ILE N   H    sing N N 140 
ILE N   H2   sing N N 141 
ILE CA  C    sing N N 142 
ILE CA  CB   sing N N 143 
ILE CA  HA   sing N N 144 
ILE C   O    doub N N 145 
ILE C   OXT  sing N N 146 
ILE CB  CG1  sing N N 147 
ILE CB  CG2  sing N N 148 
ILE CB  HB   sing N N 149 
ILE CG1 CD1  sing N N 150 
ILE CG1 HG12 sing N N 151 
ILE CG1 HG13 sing N N 152 
ILE CG2 HG21 sing N N 153 
ILE CG2 HG22 sing N N 154 
ILE CG2 HG23 sing N N 155 
ILE CD1 HD11 sing N N 156 
ILE CD1 HD12 sing N N 157 
ILE CD1 HD13 sing N N 158 
ILE OXT HXT  sing N N 159 
LEU N   CA   sing N N 160 
LEU N   H    sing N N 161 
LEU N   H2   sing N N 162 
LEU CA  C    sing N N 163 
LEU CA  CB   sing N N 164 
LEU CA  HA   sing N N 165 
LEU C   O    doub N N 166 
LEU C   OXT  sing N N 167 
LEU CB  CG   sing N N 168 
LEU CB  HB2  sing N N 169 
LEU CB  HB3  sing N N 170 
LEU CG  CD1  sing N N 171 
LEU CG  CD2  sing N N 172 
LEU CG  HG   sing N N 173 
LEU CD1 HD11 sing N N 174 
LEU CD1 HD12 sing N N 175 
LEU CD1 HD13 sing N N 176 
LEU CD2 HD21 sing N N 177 
LEU CD2 HD22 sing N N 178 
LEU CD2 HD23 sing N N 179 
LEU OXT HXT  sing N N 180 
LYS N   CA   sing N N 181 
LYS N   H    sing N N 182 
LYS N   H2   sing N N 183 
LYS CA  C    sing N N 184 
LYS CA  CB   sing N N 185 
LYS CA  HA   sing N N 186 
LYS C   O    doub N N 187 
LYS C   OXT  sing N N 188 
LYS CB  CG   sing N N 189 
LYS CB  HB2  sing N N 190 
LYS CB  HB3  sing N N 191 
LYS CG  CD   sing N N 192 
LYS CG  HG2  sing N N 193 
LYS CG  HG3  sing N N 194 
LYS CD  CE   sing N N 195 
LYS CD  HD2  sing N N 196 
LYS CD  HD3  sing N N 197 
LYS CE  NZ   sing N N 198 
LYS CE  HE2  sing N N 199 
LYS CE  HE3  sing N N 200 
LYS NZ  HZ1  sing N N 201 
LYS NZ  HZ2  sing N N 202 
LYS NZ  HZ3  sing N N 203 
LYS OXT HXT  sing N N 204 
MET N   CA   sing N N 205 
MET N   H    sing N N 206 
MET N   H2   sing N N 207 
MET CA  C    sing N N 208 
MET CA  CB   sing N N 209 
MET CA  HA   sing N N 210 
MET C   O    doub N N 211 
MET C   OXT  sing N N 212 
MET CB  CG   sing N N 213 
MET CB  HB2  sing N N 214 
MET CB  HB3  sing N N 215 
MET CG  SD   sing N N 216 
MET CG  HG2  sing N N 217 
MET CG  HG3  sing N N 218 
MET SD  CE   sing N N 219 
MET CE  HE1  sing N N 220 
MET CE  HE2  sing N N 221 
MET CE  HE3  sing N N 222 
MET OXT HXT  sing N N 223 
PHE N   CA   sing N N 224 
PHE N   H    sing N N 225 
PHE N   H2   sing N N 226 
PHE CA  C    sing N N 227 
PHE CA  CB   sing N N 228 
PHE CA  HA   sing N N 229 
PHE C   O    doub N N 230 
PHE C   OXT  sing N N 231 
PHE CB  CG   sing N N 232 
PHE CB  HB2  sing N N 233 
PHE CB  HB3  sing N N 234 
PHE CG  CD1  doub Y N 235 
PHE CG  CD2  sing Y N 236 
PHE CD1 CE1  sing Y N 237 
PHE CD1 HD1  sing N N 238 
PHE CD2 CE2  doub Y N 239 
PHE CD2 HD2  sing N N 240 
PHE CE1 CZ   doub Y N 241 
PHE CE1 HE1  sing N N 242 
PHE CE2 CZ   sing Y N 243 
PHE CE2 HE2  sing N N 244 
PHE CZ  HZ   sing N N 245 
PHE OXT HXT  sing N N 246 
PRO N   CA   sing N N 247 
PRO N   CD   sing N N 248 
PRO N   H    sing N N 249 
PRO CA  C    sing N N 250 
PRO CA  CB   sing N N 251 
PRO CA  HA   sing N N 252 
PRO C   O    doub N N 253 
PRO C   OXT  sing N N 254 
PRO CB  CG   sing N N 255 
PRO CB  HB2  sing N N 256 
PRO CB  HB3  sing N N 257 
PRO CG  CD   sing N N 258 
PRO CG  HG2  sing N N 259 
PRO CG  HG3  sing N N 260 
PRO CD  HD2  sing N N 261 
PRO CD  HD3  sing N N 262 
PRO OXT HXT  sing N N 263 
SER N   CA   sing N N 264 
SER N   H    sing N N 265 
SER N   H2   sing N N 266 
SER CA  C    sing N N 267 
SER CA  CB   sing N N 268 
SER CA  HA   sing N N 269 
SER C   O    doub N N 270 
SER C   OXT  sing N N 271 
SER CB  OG   sing N N 272 
SER CB  HB2  sing N N 273 
SER CB  HB3  sing N N 274 
SER OG  HG   sing N N 275 
SER OXT HXT  sing N N 276 
THR N   CA   sing N N 277 
THR N   H    sing N N 278 
THR N   H2   sing N N 279 
THR CA  C    sing N N 280 
THR CA  CB   sing N N 281 
THR CA  HA   sing N N 282 
THR C   O    doub N N 283 
THR C   OXT  sing N N 284 
THR CB  OG1  sing N N 285 
THR CB  CG2  sing N N 286 
THR CB  HB   sing N N 287 
THR OG1 HG1  sing N N 288 
THR CG2 HG21 sing N N 289 
THR CG2 HG22 sing N N 290 
THR CG2 HG23 sing N N 291 
THR OXT HXT  sing N N 292 
TRP N   CA   sing N N 293 
TRP N   H    sing N N 294 
TRP N   H2   sing N N 295 
TRP CA  C    sing N N 296 
TRP CA  CB   sing N N 297 
TRP CA  HA   sing N N 298 
TRP C   O    doub N N 299 
TRP C   OXT  sing N N 300 
TRP CB  CG   sing N N 301 
TRP CB  HB2  sing N N 302 
TRP CB  HB3  sing N N 303 
TRP CG  CD1  doub Y N 304 
TRP CG  CD2  sing Y N 305 
TRP CD1 NE1  sing Y N 306 
TRP CD1 HD1  sing N N 307 
TRP CD2 CE2  doub Y N 308 
TRP CD2 CE3  sing Y N 309 
TRP NE1 CE2  sing Y N 310 
TRP NE1 HE1  sing N N 311 
TRP CE2 CZ2  sing Y N 312 
TRP CE3 CZ3  doub Y N 313 
TRP CE3 HE3  sing N N 314 
TRP CZ2 CH2  doub Y N 315 
TRP CZ2 HZ2  sing N N 316 
TRP CZ3 CH2  sing Y N 317 
TRP CZ3 HZ3  sing N N 318 
TRP CH2 HH2  sing N N 319 
TRP OXT HXT  sing N N 320 
TYR N   CA   sing N N 321 
TYR N   H    sing N N 322 
TYR N   H2   sing N N 323 
TYR CA  C    sing N N 324 
TYR CA  CB   sing N N 325 
TYR CA  HA   sing N N 326 
TYR C   O    doub N N 327 
TYR C   OXT  sing N N 328 
TYR CB  CG   sing N N 329 
TYR CB  HB2  sing N N 330 
TYR CB  HB3  sing N N 331 
TYR CG  CD1  doub Y N 332 
TYR CG  CD2  sing Y N 333 
TYR CD1 CE1  sing Y N 334 
TYR CD1 HD1  sing N N 335 
TYR CD2 CE2  doub Y N 336 
TYR CD2 HD2  sing N N 337 
TYR CE1 CZ   doub Y N 338 
TYR CE1 HE1  sing N N 339 
TYR CE2 CZ   sing Y N 340 
TYR CE2 HE2  sing N N 341 
TYR CZ  OH   sing N N 342 
TYR OH  HH   sing N N 343 
TYR OXT HXT  sing N N 344 
VAL N   CA   sing N N 345 
VAL N   H    sing N N 346 
VAL N   H2   sing N N 347 
VAL CA  C    sing N N 348 
VAL CA  CB   sing N N 349 
VAL CA  HA   sing N N 350 
VAL C   O    doub N N 351 
VAL C   OXT  sing N N 352 
VAL CB  CG1  sing N N 353 
VAL CB  CG2  sing N N 354 
VAL CB  HB   sing N N 355 
VAL CG1 HG11 sing N N 356 
VAL CG1 HG12 sing N N 357 
VAL CG1 HG13 sing N N 358 
VAL CG2 HG21 sing N N 359 
VAL CG2 HG22 sing N N 360 
VAL CG2 HG23 sing N N 361 
VAL OXT HXT  sing N N 362 
# 
_atom_sites.entry_id                    3K66 
_atom_sites.fract_transf_matrix[1][1]   -0.00144888 
_atom_sites.fract_transf_matrix[1][2]   0.00702918 
_atom_sites.fract_transf_matrix[1][3]   -0.00940246 
_atom_sites.fract_transf_matrix[2][1]   0.00768238 
_atom_sites.fract_transf_matrix[2][2]   -0.00047796 
_atom_sites.fract_transf_matrix[2][3]   -0.00898077 
_atom_sites.fract_transf_matrix[3][1]   -0.00821006 
_atom_sites.fract_transf_matrix[3][2]   -0.01034980 
_atom_sites.fract_transf_matrix[3][3]   -0.00647227 
_atom_sites.fract_transf_vector[1]      0.772138 
_atom_sites.fract_transf_vector[2]      0.447528 
_atom_sites.fract_transf_vector[3]      0.422245 
# 
loop_
_atom_type.symbol 
C 
N 
O 
S 
# 
loop_
_atom_site.group_PDB 
_atom_site.id 
_atom_site.type_symbol 
_atom_site.label_atom_id 
_atom_site.label_alt_id 
_atom_site.label_comp_id 
_atom_site.label_asym_id 
_atom_site.label_entity_id 
_atom_site.label_seq_id 
_atom_site.pdbx_PDB_ins_code 
_atom_site.Cartn_x 
_atom_site.Cartn_y 
_atom_site.Cartn_z 
_atom_site.occupancy 
_atom_site.B_iso_or_equiv 
_atom_site.pdbx_formal_charge 
_atom_site.auth_seq_id 
_atom_site.auth_comp_id 
_atom_site.auth_asym_id 
_atom_site.auth_atom_id 
_atom_site.pdbx_PDB_model_num 
ATOM   1    N N   . SER A 1 1   ? 3.010   -25.372 8.642   1.00 118.71 ? 234 SER A N   1 
ATOM   2    C CA  . SER A 1 1   ? 1.863   -24.480 8.328   1.00 117.72 ? 234 SER A CA  1 
ATOM   3    C C   . SER A 1 1   ? 2.350   -23.161 7.724   1.00 114.25 ? 234 SER A C   1 
ATOM   4    O O   . SER A 1 1   ? 3.545   -22.975 7.509   1.00 115.30 ? 234 SER A O   1 
ATOM   5    C CB  . SER A 1 1   ? 1.056   -24.181 9.595   1.00 120.24 ? 234 SER A CB  1 
ATOM   6    O OG  . SER A 1 1   ? 1.770   -23.312 10.469  1.00 119.13 ? 234 SER A OG  1 
ATOM   7    N N   . GLN A 1 2   ? 1.410   -22.268 7.422   1.00 108.25 ? 235 GLN A N   1 
ATOM   8    C CA  . GLN A 1 2   ? 1.720   -20.955 6.863   1.00 101.55 ? 235 GLN A CA  1 
ATOM   9    C C   . GLN A 1 2   ? 1.309   -19.921 7.900   1.00 95.39  ? 235 GLN A C   1 
ATOM   10   O O   . GLN A 1 2   ? 0.895   -20.274 9.007   1.00 94.09  ? 235 GLN A O   1 
ATOM   11   C CB  . GLN A 1 2   ? 0.955   -20.707 5.545   1.00 102.11 ? 235 GLN A CB  1 
ATOM   12   C CG  . GLN A 1 2   ? 1.847   -20.608 4.283   1.00 102.44 ? 235 GLN A CG  1 
ATOM   13   C CD  . GLN A 1 2   ? 2.670   -19.336 4.226   1.00 103.43 ? 235 GLN A CD  1 
ATOM   14   O OE1 . GLN A 1 2   ? 2.745   -18.591 5.206   1.00 103.78 ? 235 GLN A OE1 1 
ATOM   15   N NE2 . GLN A 1 2   ? 3.294   -19.081 3.081   1.00 102.71 ? 235 GLN A NE2 1 
ATOM   16   N N   . ASP A 1 3   ? 1.417   -18.649 7.543   1.00 85.25  ? 236 ASP A N   1 
ATOM   17   C CA  . ASP A 1 3   ? 1.040   -17.582 8.445   1.00 77.79  ? 236 ASP A CA  1 
ATOM   18   C C   . ASP A 1 3   ? -0.482  -17.510 8.483   1.00 72.61  ? 236 ASP A C   1 
ATOM   19   O O   . ASP A 1 3   ? -1.138  -17.730 7.471   1.00 71.27  ? 236 ASP A O   1 
ATOM   20   C CB  . ASP A 1 3   ? 1.595   -16.254 7.938   1.00 75.78  ? 236 ASP A CB  1 
ATOM   21   C CG  . ASP A 1 3   ? 1.779   -15.237 9.041   1.00 72.07  ? 236 ASP A CG  1 
ATOM   22   O OD1 . ASP A 1 3   ? 2.858   -15.260 9.675   1.00 69.89  ? 236 ASP A OD1 1 
ATOM   23   O OD2 . ASP A 1 3   ? 0.857   -14.419 9.270   1.00 71.58  ? 236 ASP A OD2 1 
ATOM   24   N N   . PRO A 1 4   ? -1.067  -17.203 9.651   1.00 70.92  ? 237 PRO A N   1 
ATOM   25   C CA  . PRO A 1 4   ? -2.530  -17.115 9.726   1.00 69.26  ? 237 PRO A CA  1 
ATOM   26   C C   . PRO A 1 4   ? -3.063  -15.917 8.920   1.00 67.93  ? 237 PRO A C   1 
ATOM   27   O O   . PRO A 1 4   ? -4.235  -15.867 8.544   1.00 67.56  ? 237 PRO A O   1 
ATOM   28   C CB  . PRO A 1 4   ? -2.802  -16.987 11.225  1.00 66.35  ? 237 PRO A CB  1 
ATOM   29   C CG  . PRO A 1 4   ? -1.574  -16.345 11.750  1.00 68.87  ? 237 PRO A CG  1 
ATOM   30   C CD  . PRO A 1 4   ? -0.447  -16.975 10.967  1.00 68.81  ? 237 PRO A CD  1 
ATOM   31   N N   . TYR A 1 5   ? -2.180  -14.963 8.642   1.00 66.16  ? 238 TYR A N   1 
ATOM   32   C CA  . TYR A 1 5   ? -2.522  -13.760 7.880   1.00 65.10  ? 238 TYR A CA  1 
ATOM   33   C C   . TYR A 1 5   ? -3.139  -14.015 6.504   1.00 64.86  ? 238 TYR A C   1 
ATOM   34   O O   . TYR A 1 5   ? -4.035  -13.282 6.082   1.00 64.00  ? 238 TYR A O   1 
ATOM   35   C CB  . TYR A 1 5   ? -1.272  -12.897 7.689   1.00 66.22  ? 238 TYR A CB  1 
ATOM   36   C CG  . TYR A 1 5   ? -1.468  -11.814 6.645   1.00 66.41  ? 238 TYR A CG  1 
ATOM   37   C CD1 . TYR A 1 5   ? -2.109  -10.615 6.973   1.00 65.97  ? 238 TYR A CD1 1 
ATOM   38   C CD2 . TYR A 1 5   ? -1.114  -12.030 5.303   1.00 66.09  ? 238 TYR A CD2 1 
ATOM   39   C CE1 . TYR A 1 5   ? -2.403  -9.657  6.001   1.00 64.50  ? 238 TYR A CE1 1 
ATOM   40   C CE2 . TYR A 1 5   ? -1.410  -11.082 4.318   1.00 65.23  ? 238 TYR A CE2 1 
ATOM   41   C CZ  . TYR A 1 5   ? -2.057  -9.897  4.679   1.00 65.97  ? 238 TYR A CZ  1 
ATOM   42   O OH  . TYR A 1 5   ? -2.362  -8.951  3.723   1.00 64.51  ? 238 TYR A OH  1 
ATOM   43   N N   . PHE A 1 6   ? -2.637  -15.025 5.792   1.00 67.00  ? 239 PHE A N   1 
ATOM   44   C CA  . PHE A 1 6   ? -3.124  -15.355 4.443   1.00 67.49  ? 239 PHE A CA  1 
ATOM   45   C C   . PHE A 1 6   ? -4.507  -15.984 4.297   1.00 69.30  ? 239 PHE A C   1 
ATOM   46   O O   . PHE A 1 6   ? -5.022  -16.047 3.177   1.00 68.89  ? 239 PHE A O   1 
ATOM   47   C CB  . PHE A 1 6   ? -2.112  -16.234 3.705   1.00 64.51  ? 239 PHE A CB  1 
ATOM   48   C CG  . PHE A 1 6   ? -0.819  -15.542 3.414   1.00 64.14  ? 239 PHE A CG  1 
ATOM   49   C CD1 . PHE A 1 6   ? 0.282   -15.736 4.239   1.00 64.31  ? 239 PHE A CD1 1 
ATOM   50   C CD2 . PHE A 1 6   ? -0.720  -14.653 2.349   1.00 63.78  ? 239 PHE A CD2 1 
ATOM   51   C CE1 . PHE A 1 6   ? 1.470   -15.054 4.020   1.00 66.10  ? 239 PHE A CE1 1 
ATOM   52   C CE2 . PHE A 1 6   ? 0.459   -13.956 2.107   1.00 65.81  ? 239 PHE A CE2 1 
ATOM   53   C CZ  . PHE A 1 6   ? 1.567   -14.155 2.949   1.00 66.29  ? 239 PHE A CZ  1 
ATOM   54   N N   . LYS A 1 7   ? -5.125  -16.432 5.393   1.00 72.41  ? 240 LYS A N   1 
ATOM   55   C CA  . LYS A 1 7   ? -6.455  -17.039 5.289   1.00 74.51  ? 240 LYS A CA  1 
ATOM   56   C C   . LYS A 1 7   ? -7.550  -16.318 6.090   1.00 75.57  ? 240 LYS A C   1 
ATOM   57   O O   . LYS A 1 7   ? -8.550  -16.940 6.481   1.00 74.47  ? 240 LYS A O   1 
ATOM   58   C CB  . LYS A 1 7   ? -6.387  -18.522 5.690   1.00 76.59  ? 240 LYS A CB  1 
ATOM   59   N N   . ILE A 1 8   ? -7.354  -15.010 6.310   1.00 75.16  ? 241 ILE A N   1 
ATOM   60   C CA  . ILE A 1 8   ? -8.297  -14.162 7.063   1.00 73.50  ? 241 ILE A CA  1 
ATOM   61   C C   . ILE A 1 8   ? -9.543  -13.928 6.222   1.00 79.53  ? 241 ILE A C   1 
ATOM   62   O O   . ILE A 1 8   ? -9.505  -14.125 5.004   1.00 80.05  ? 241 ILE A O   1 
ATOM   63   C CB  . ILE A 1 8   ? -7.689  -12.782 7.420   1.00 69.08  ? 241 ILE A CB  1 
ATOM   64   C CG1 . ILE A 1 8   ? -6.527  -12.974 8.387   1.00 66.67  ? 241 ILE A CG1 1 
ATOM   65   C CG2 . ILE A 1 8   ? -8.760  -11.883 8.059   1.00 66.43  ? 241 ILE A CG2 1 
ATOM   66   C CD1 . ILE A 1 8   ? -5.836  -11.677 8.778   1.00 57.76  ? 241 ILE A CD1 1 
ATOM   67   N N   . ALA A 1 9   ? -10.633 -13.479 6.847   1.00 83.30  ? 242 ALA A N   1 
ATOM   68   C CA  . ALA A 1 9   ? -11.862 -13.286 6.095   1.00 86.57  ? 242 ALA A CA  1 
ATOM   69   C C   . ALA A 1 9   ? -12.750 -12.091 6.432   1.00 90.46  ? 242 ALA A C   1 
ATOM   70   O O   . ALA A 1 9   ? -13.890 -12.037 5.991   1.00 93.79  ? 242 ALA A O   1 
ATOM   71   C CB  . ALA A 1 9   ? -12.682 -14.547 6.189   1.00 88.65  ? 242 ALA A CB  1 
ATOM   72   N N   . ASN A 1 10  ? -12.273 -11.148 7.224   1.00 93.68  ? 243 ASN A N   1 
ATOM   73   C CA  . ASN A 1 10  ? -13.096 -9.991  7.497   1.00 95.99  ? 243 ASN A CA  1 
ATOM   74   C C   . ASN A 1 10  ? -12.440 -8.894  6.694   1.00 95.85  ? 243 ASN A C   1 
ATOM   75   O O   . ASN A 1 10  ? -13.109 -8.039  6.107   1.00 97.76  ? 243 ASN A O   1 
ATOM   76   C CB  . ASN A 1 10  ? -13.080 -9.600  8.970   1.00 100.81 ? 243 ASN A CB  1 
ATOM   77   C CG  . ASN A 1 10  ? -14.174 -8.607  9.318   1.00 104.30 ? 243 ASN A CG  1 
ATOM   78   O OD1 . ASN A 1 10  ? -14.625 -7.832  8.483   1.00 106.52 ? 243 ASN A OD1 1 
ATOM   79   N ND2 . ASN A 1 10  ? -14.610 -8.639  10.568  1.00 105.52 ? 243 ASN A ND2 1 
ATOM   80   N N   . TRP A 1 11  ? -11.113 -8.938  6.666   1.00 91.64  ? 244 TRP A N   1 
ATOM   81   C CA  . TRP A 1 11  ? -10.332 -7.952  5.938   1.00 86.91  ? 244 TRP A CA  1 
ATOM   82   C C   . TRP A 1 11  ? -10.671 -6.557  6.418   1.00 85.93  ? 244 TRP A C   1 
ATOM   83   O O   . TRP A 1 11  ? -10.051 -5.587  5.983   1.00 85.81  ? 244 TRP A O   1 
ATOM   84   C CB  . TRP A 1 11  ? -10.596 -8.053  4.436   1.00 83.08  ? 244 TRP A CB  1 
ATOM   85   C CG  . TRP A 1 11  ? -10.041 -9.287  3.842   1.00 77.67  ? 244 TRP A CG  1 
ATOM   86   C CD1 . TRP A 1 11  ? -9.326  -10.260 4.483   1.00 76.44  ? 244 TRP A CD1 1 
ATOM   87   C CD2 . TRP A 1 11  ? -10.144 -9.698  2.482   1.00 74.61  ? 244 TRP A CD2 1 
ATOM   88   N NE1 . TRP A 1 11  ? -8.979  -11.253 3.606   1.00 74.93  ? 244 TRP A NE1 1 
ATOM   89   C CE2 . TRP A 1 11  ? -9.471  -10.936 2.367   1.00 74.16  ? 244 TRP A CE2 1 
ATOM   90   C CE3 . TRP A 1 11  ? -10.743 -9.146  1.347   1.00 71.30  ? 244 TRP A CE3 1 
ATOM   91   C CZ2 . TRP A 1 11  ? -9.377  -11.629 1.148   1.00 73.51  ? 244 TRP A CZ2 1 
ATOM   92   C CZ3 . TRP A 1 11  ? -10.649 -9.837  0.144   1.00 72.43  ? 244 TRP A CZ3 1 
ATOM   93   C CH2 . TRP A 1 11  ? -9.977  -11.060 0.055   1.00 72.92  ? 244 TRP A CH2 1 
ATOM   94   N N   . THR A 1 12  ? -11.634 -6.466  7.337   1.00 83.53  ? 245 THR A N   1 
ATOM   95   C CA  . THR A 1 12  ? -12.082 -5.183  7.883   1.00 79.66  ? 245 THR A CA  1 
ATOM   96   C C   . THR A 1 12  ? -10.909 -4.431  8.496   1.00 78.12  ? 245 THR A C   1 
ATOM   97   O O   . THR A 1 12  ? -10.877 -3.203  8.466   1.00 78.68  ? 245 THR A O   1 
ATOM   98   C CB  . THR A 1 12  ? -13.223 -5.386  8.935   1.00 79.75  ? 245 THR A CB  1 
ATOM   99   O OG1 . THR A 1 12  ? -14.486 -5.487  8.264   1.00 77.31  ? 245 THR A OG1 1 
ATOM   100  C CG2 . THR A 1 12  ? -13.280 -4.232  9.932   1.00 78.29  ? 245 THR A CG2 1 
ATOM   101  N N   . ASN A 1 13  ? -9.959  -5.160  9.073   1.00 75.26  ? 246 ASN A N   1 
ATOM   102  C CA  . ASN A 1 13  ? -8.793  -4.518  9.649   1.00 73.02  ? 246 ASN A CA  1 
ATOM   103  C C   . ASN A 1 13  ? -7.526  -4.958  8.944   1.00 70.89  ? 246 ASN A C   1 
ATOM   104  O O   . ASN A 1 13  ? -6.524  -5.290  9.588   1.00 71.76  ? 246 ASN A O   1 
ATOM   105  C CB  . ASN A 1 13  ? -8.708  -4.795  11.149  1.00 73.65  ? 246 ASN A CB  1 
ATOM   106  C CG  . ASN A 1 13  ? -9.611  -3.888  11.944  1.00 74.92  ? 246 ASN A CG  1 
ATOM   107  O OD1 . ASN A 1 13  ? -9.634  -3.943  13.167  1.00 76.03  ? 246 ASN A OD1 1 
ATOM   108  N ND2 . ASN A 1 13  ? -10.359 -3.034  11.250  1.00 75.84  ? 246 ASN A ND2 1 
ATOM   109  N N   . GLU A 1 14  ? -7.577  -4.955  7.614   1.00 68.24  ? 247 GLU A N   1 
ATOM   110  C CA  . GLU A 1 14  ? -6.421  -5.338  6.832   1.00 69.71  ? 247 GLU A CA  1 
ATOM   111  C C   . GLU A 1 14  ? -5.164  -4.532  7.202   1.00 69.74  ? 247 GLU A C   1 
ATOM   112  O O   . GLU A 1 14  ? -4.100  -5.128  7.345   1.00 70.33  ? 247 GLU A O   1 
ATOM   113  C CB  . GLU A 1 14  ? -6.734  -5.220  5.333   1.00 65.67  ? 247 GLU A CB  1 
ATOM   114  C CG  . GLU A 1 14  ? -5.568  -5.567  4.413   1.00 65.53  ? 247 GLU A CG  1 
ATOM   115  C CD  . GLU A 1 14  ? -5.129  -7.015  4.526   1.00 68.59  ? 247 GLU A CD  1 
ATOM   116  O OE1 . GLU A 1 14  ? -5.875  -7.826  5.120   1.00 70.48  ? 247 GLU A OE1 1 
ATOM   117  O OE2 . GLU A 1 14  ? -4.038  -7.357  4.010   1.00 68.55  ? 247 GLU A OE2 1 
ATOM   118  N N   . HIS A 1 15  ? -5.273  -3.208  7.369   1.00 73.83  ? 248 HIS A N   1 
ATOM   119  C CA  . HIS A 1 15  ? -4.092  -2.396  7.722   1.00 78.45  ? 248 HIS A CA  1 
ATOM   120  C C   . HIS A 1 15  ? -3.371  -2.986  8.904   1.00 75.07  ? 248 HIS A C   1 
ATOM   121  O O   . HIS A 1 15  ? -2.166  -3.173  8.853   1.00 75.95  ? 248 HIS A O   1 
ATOM   122  C CB  . HIS A 1 15  ? -4.442  -0.931  8.055   1.00 87.25  ? 248 HIS A CB  1 
ATOM   123  C CG  . HIS A 1 15  ? -3.256  -0.069  8.420   1.00 101.22 ? 248 HIS A CG  1 
ATOM   124  N ND1 . HIS A 1 15  ? -1.954  -0.378  8.066   1.00 107.56 ? 248 HIS A ND1 1 
ATOM   125  C CD2 . HIS A 1 15  ? -3.186  1.128   9.056   1.00 107.89 ? 248 HIS A CD2 1 
ATOM   126  C CE1 . HIS A 1 15  ? -1.146  0.588   8.466   1.00 112.48 ? 248 HIS A CE1 1 
ATOM   127  N NE2 . HIS A 1 15  ? -1.866  1.514   9.068   1.00 112.24 ? 248 HIS A NE2 1 
ATOM   128  N N   . ASP A 1 16  ? -4.109  -3.310  9.957   1.00 72.43  ? 249 ASP A N   1 
ATOM   129  C CA  . ASP A 1 16  ? -3.498  -3.866  11.158  1.00 71.78  ? 249 ASP A CA  1 
ATOM   130  C C   . ASP A 1 16  ? -2.942  -5.282  10.948  1.00 69.20  ? 249 ASP A C   1 
ATOM   131  O O   . ASP A 1 16  ? -1.770  -5.520  11.262  1.00 68.09  ? 249 ASP A O   1 
ATOM   132  C CB  . ASP A 1 16  ? -4.510  -3.861  12.302  1.00 74.31  ? 249 ASP A CB  1 
ATOM   133  C CG  . ASP A 1 16  ? -3.873  -4.106  13.657  1.00 75.26  ? 249 ASP A CG  1 
ATOM   134  O OD1 . ASP A 1 16  ? -3.014  -3.286  14.067  1.00 77.70  ? 249 ASP A OD1 1 
ATOM   135  O OD2 . ASP A 1 16  ? -4.242  -5.118  14.307  1.00 77.53  ? 249 ASP A OD2 1 
ATOM   136  N N   . ASP A 1 17  ? -3.744  -6.205  10.398  1.00 69.72  ? 250 ASP A N   1 
ATOM   137  C CA  . ASP A 1 17  ? -3.284  -7.589  10.186  1.00 70.85  ? 250 ASP A CA  1 
ATOM   138  C C   . ASP A 1 17  ? -2.019  -7.624  9.343   1.00 68.09  ? 250 ASP A C   1 
ATOM   139  O O   . ASP A 1 17  ? -1.100  -8.397  9.612   1.00 67.71  ? 250 ASP A O   1 
ATOM   140  C CB  . ASP A 1 17  ? -4.342  -8.452  9.483   1.00 74.55  ? 250 ASP A CB  1 
ATOM   141  C CG  . ASP A 1 17  ? -5.757  -8.073  9.850   1.00 79.53  ? 250 ASP A CG  1 
ATOM   142  O OD1 . ASP A 1 17  ? -6.081  -8.074  11.053  1.00 82.16  ? 250 ASP A OD1 1 
ATOM   143  O OD2 . ASP A 1 17  ? -6.544  -7.778  8.922   1.00 85.18  ? 250 ASP A OD2 1 
ATOM   144  N N   . PHE A 1 18  ? -1.994  -6.788  8.310   1.00 66.05  ? 251 PHE A N   1 
ATOM   145  C CA  . PHE A 1 18  ? -0.848  -6.696  7.414   1.00 65.52  ? 251 PHE A CA  1 
ATOM   146  C C   . PHE A 1 18  ? 0.356   -6.156  8.169   1.00 65.38  ? 251 PHE A C   1 
ATOM   147  O O   . PHE A 1 18  ? 1.408   -6.802  8.243   1.00 64.20  ? 251 PHE A O   1 
ATOM   148  C CB  . PHE A 1 18  ? -1.153  -5.764  6.255   1.00 65.75  ? 251 PHE A CB  1 
ATOM   149  C CG  . PHE A 1 18  ? 0.001   -5.572  5.331   1.00 67.39  ? 251 PHE A CG  1 
ATOM   150  C CD1 . PHE A 1 18  ? 0.511   -6.647  4.607   1.00 68.28  ? 251 PHE A CD1 1 
ATOM   151  C CD2 . PHE A 1 18  ? 0.614   -4.335  5.211   1.00 68.24  ? 251 PHE A CD2 1 
ATOM   152  C CE1 . PHE A 1 18  ? 1.606   -6.489  3.762   1.00 66.88  ? 251 PHE A CE1 1 
ATOM   153  C CE2 . PHE A 1 18  ? 1.708   -4.165  4.369   1.00 68.01  ? 251 PHE A CE2 1 
ATOM   154  C CZ  . PHE A 1 18  ? 2.209   -5.246  3.650   1.00 66.82  ? 251 PHE A CZ  1 
ATOM   155  N N   . LYS A 1 19  ? 0.184   -4.970  8.743   1.00 64.45  ? 252 LYS A N   1 
ATOM   156  C CA  . LYS A 1 19  ? 1.243   -4.323  9.513   1.00 64.34  ? 252 LYS A CA  1 
ATOM   157  C C   . LYS A 1 19  ? 1.842   -5.313  10.506  1.00 65.22  ? 252 LYS A C   1 
ATOM   158  O O   . LYS A 1 19  ? 3.046   -5.312  10.769  1.00 66.33  ? 252 LYS A O   1 
ATOM   159  C CB  . LYS A 1 19  ? 0.669   -3.125  10.264  1.00 64.55  ? 252 LYS A CB  1 
ATOM   160  C CG  . LYS A 1 19  ? 1.669   -2.184  10.610  1.00 62.75  ? 252 LYS A CG  1 
ATOM   161  N N   . LYS A 1 20  ? 0.984   -6.165  11.055  1.00 67.16  ? 253 LYS A N   1 
ATOM   162  C CA  . LYS A 1 20  ? 1.412   -7.174  12.019  1.00 66.83  ? 253 LYS A CA  1 
ATOM   163  C C   . LYS A 1 20  ? 2.145   -8.317  11.318  1.00 66.80  ? 253 LYS A C   1 
ATOM   164  O O   . LYS A 1 20  ? 3.216   -8.734  11.772  1.00 67.83  ? 253 LYS A O   1 
ATOM   165  C CB  . LYS A 1 20  ? 0.203   -7.713  12.794  1.00 68.85  ? 253 LYS A CB  1 
ATOM   166  N N   . ALA A 1 21  ? 1.579   -8.824  10.221  1.00 62.43  ? 254 ALA A N   1 
ATOM   167  C CA  . ALA A 1 21  ? 2.221   -9.917  9.490   1.00 60.75  ? 254 ALA A CA  1 
ATOM   168  C C   . ALA A 1 21  ? 3.596   -9.458  9.040   1.00 58.56  ? 254 ALA A C   1 
ATOM   169  O O   . ALA A 1 21  ? 4.567   -10.191 9.108   1.00 58.05  ? 254 ALA A O   1 
ATOM   170  C CB  . ALA A 1 21  ? 1.388   -10.317 8.287   1.00 60.09  ? 254 ALA A CB  1 
ATOM   171  N N   . GLU A 1 22  ? 3.661   -8.221  8.592   1.00 57.68  ? 255 GLU A N   1 
ATOM   172  C CA  . GLU A 1 22  ? 4.907   -7.665  8.134   1.00 60.77  ? 255 GLU A CA  1 
ATOM   173  C C   . GLU A 1 22  ? 5.993   -7.657  9.209   1.00 61.84  ? 255 GLU A C   1 
ATOM   174  O O   . GLU A 1 22  ? 7.168   -7.845  8.915   1.00 62.89  ? 255 GLU A O   1 
ATOM   175  C CB  . GLU A 1 22  ? 4.649   -6.273  7.605   1.00 60.43  ? 255 GLU A CB  1 
ATOM   176  C CG  . GLU A 1 22  ? 5.856   -5.511  7.227   1.00 64.28  ? 255 GLU A CG  1 
ATOM   177  C CD  . GLU A 1 22  ? 5.475   -4.262  6.478   1.00 67.26  ? 255 GLU A CD  1 
ATOM   178  O OE1 . GLU A 1 22  ? 4.538   -3.564  6.932   1.00 66.32  ? 255 GLU A OE1 1 
ATOM   179  O OE2 . GLU A 1 22  ? 6.100   -3.997  5.425   1.00 71.82  ? 255 GLU A OE2 1 
ATOM   180  N N   . MET A 1 23  ? 5.594   -7.458  10.460  1.00 65.14  ? 256 MET A N   1 
ATOM   181  C CA  . MET A 1 23  ? 6.537   -7.451  11.559  1.00 66.43  ? 256 MET A CA  1 
ATOM   182  C C   . MET A 1 23  ? 7.002   -8.866  11.829  1.00 65.72  ? 256 MET A C   1 
ATOM   183  O O   . MET A 1 23  ? 8.180   -9.101  12.041  1.00 67.17  ? 256 MET A O   1 
ATOM   184  C CB  . MET A 1 23  ? 5.889   -6.864  12.809  1.00 67.77  ? 256 MET A CB  1 
ATOM   185  C CG  . MET A 1 23  ? 5.370   -5.449  12.606  1.00 73.67  ? 256 MET A CG  1 
ATOM   186  S SD  . MET A 1 23  ? 4.699   -4.587  14.090  1.00 78.31  ? 256 MET A SD  1 
ATOM   187  C CE  . MET A 1 23  ? 5.579   -2.987  13.962  1.00 75.97  ? 256 MET A CE  1 
ATOM   188  N N   . ARG A 1 24  ? 6.069   -9.805  11.821  1.00 63.99  ? 257 ARG A N   1 
ATOM   189  C CA  . ARG A 1 24  ? 6.407   -11.191 12.061  1.00 66.37  ? 257 ARG A CA  1 
ATOM   190  C C   . ARG A 1 24  ? 7.388   -11.644 10.987  1.00 66.22  ? 257 ARG A C   1 
ATOM   191  O O   . ARG A 1 24  ? 8.347   -12.365 11.265  1.00 66.57  ? 257 ARG A O   1 
ATOM   192  C CB  . ARG A 1 24  ? 5.132   -12.041 12.051  1.00 68.56  ? 257 ARG A CB  1 
ATOM   193  C CG  . ARG A 1 24  ? 4.021   -11.348 12.809  1.00 73.18  ? 257 ARG A CG  1 
ATOM   194  C CD  . ARG A 1 24  ? 3.009   -12.298 13.421  1.00 76.57  ? 257 ARG A CD  1 
ATOM   195  N NE  . ARG A 1 24  ? 1.651   -12.046 12.935  1.00 78.25  ? 257 ARG A NE  1 
ATOM   196  C CZ  . ARG A 1 24  ? 1.199   -12.483 11.767  1.00 80.08  ? 257 ARG A CZ  1 
ATOM   197  N NH1 . ARG A 1 24  ? 1.995   -13.195 10.977  1.00 79.86  ? 257 ARG A NH1 1 
ATOM   198  N NH2 . ARG A 1 24  ? -0.040  -12.202 11.388  1.00 81.55  ? 257 ARG A NH2 1 
ATOM   199  N N   . MET A 1 25  ? 7.165   -11.195 9.761   1.00 66.65  ? 258 MET A N   1 
ATOM   200  C CA  . MET A 1 25  ? 8.049   -11.549 8.670   1.00 68.57  ? 258 MET A CA  1 
ATOM   201  C C   . MET A 1 25  ? 9.374   -10.840 8.881   1.00 69.96  ? 258 MET A C   1 
ATOM   202  O O   . MET A 1 25  ? 10.423  -11.477 8.948   1.00 68.74  ? 258 MET A O   1 
ATOM   203  C CB  . MET A 1 25  ? 7.447   -11.123 7.325   1.00 65.71  ? 258 MET A CB  1 
ATOM   204  C CG  . MET A 1 25  ? 8.441   -11.147 6.162   1.00 65.65  ? 258 MET A CG  1 
ATOM   205  S SD  . MET A 1 25  ? 7.780   -10.699 4.535   1.00 65.41  ? 258 MET A SD  1 
ATOM   206  C CE  . MET A 1 25  ? 8.151   -8.925  4.441   1.00 66.21  ? 258 MET A CE  1 
ATOM   207  N N   . ASP A 1 26  ? 9.303   -9.516  8.993   1.00 75.26  ? 259 ASP A N   1 
ATOM   208  C CA  . ASP A 1 26  ? 10.473  -8.675  9.186   1.00 80.35  ? 259 ASP A CA  1 
ATOM   209  C C   . ASP A 1 26  ? 11.374  -9.227  10.307  1.00 77.18  ? 259 ASP A C   1 
ATOM   210  O O   . ASP A 1 26  ? 12.591  -9.340  10.145  1.00 76.85  ? 259 ASP A O   1 
ATOM   211  C CB  . ASP A 1 26  ? 10.019  -7.248  9.516   1.00 92.39  ? 259 ASP A CB  1 
ATOM   212  C CG  . ASP A 1 26  ? 10.889  -6.177  8.852   1.00 104.19 ? 259 ASP A CG  1 
ATOM   213  O OD1 . ASP A 1 26  ? 12.126  -6.260  8.943   1.00 113.71 ? 259 ASP A OD1 1 
ATOM   214  O OD2 . ASP A 1 26  ? 10.325  -5.247  8.239   1.00 113.10 ? 259 ASP A OD2 1 
ATOM   215  N N   . GLU A 1 27  ? 10.764  -9.603  11.427  1.00 74.61  ? 260 GLU A N   1 
ATOM   216  C CA  . GLU A 1 27  ? 11.498  -10.136 12.576  1.00 72.54  ? 260 GLU A CA  1 
ATOM   217  C C   . GLU A 1 27  ? 12.097  -11.516 12.311  1.00 69.27  ? 260 GLU A C   1 
ATOM   218  O O   . GLU A 1 27  ? 13.227  -11.801 12.697  1.00 68.08  ? 260 GLU A O   1 
ATOM   219  C CB  . GLU A 1 27  ? 10.583  -10.219 13.790  1.00 72.97  ? 260 GLU A CB  1 
ATOM   220  C CG  . GLU A 1 27  ? 11.305  -10.590 15.070  1.00 78.21  ? 260 GLU A CG  1 
ATOM   221  C CD  . GLU A 1 27  ? 10.392  -11.276 16.059  1.00 83.68  ? 260 GLU A CD  1 
ATOM   222  O OE1 . GLU A 1 27  ? 9.336   -10.692 16.401  1.00 88.13  ? 260 GLU A OE1 1 
ATOM   223  O OE2 . GLU A 1 27  ? 10.736  -12.396 16.499  1.00 86.40  ? 260 GLU A OE2 1 
ATOM   224  N N   . LYS A 1 28  ? 11.338  -12.380 11.658  1.00 67.01  ? 261 LYS A N   1 
ATOM   225  C CA  . LYS A 1 28  ? 11.847  -13.696 11.372  1.00 66.79  ? 261 LYS A CA  1 
ATOM   226  C C   . LYS A 1 28  ? 13.079  -13.517 10.500  1.00 63.84  ? 261 LYS A C   1 
ATOM   227  O O   . LYS A 1 28  ? 14.085  -14.208 10.660  1.00 64.19  ? 261 LYS A O   1 
ATOM   228  C CB  . LYS A 1 28  ? 10.779  -14.550 10.672  1.00 69.09  ? 261 LYS A CB  1 
ATOM   229  C CG  . LYS A 1 28  ? 11.202  -15.999 10.516  1.00 75.52  ? 261 LYS A CG  1 
ATOM   230  C CD  . LYS A 1 28  ? 10.181  -16.829 9.743   1.00 82.03  ? 261 LYS A CD  1 
ATOM   231  C CE  . LYS A 1 28  ? 10.709  -18.234 9.486   1.00 84.56  ? 261 LYS A CE  1 
ATOM   232  N NZ  . LYS A 1 28  ? 9.820   -18.960 8.546   1.00 87.93  ? 261 LYS A NZ  1 
ATOM   233  N N   . HIS A 1 29  ? 13.014  -12.562 9.584   1.00 62.89  ? 262 HIS A N   1 
ATOM   234  C CA  . HIS A 1 29  ? 14.159  -12.312 8.715   1.00 62.54  ? 262 HIS A CA  1 
ATOM   235  C C   . HIS A 1 29  ? 15.378  -11.863 9.548   1.00 60.35  ? 262 HIS A C   1 
ATOM   236  O O   . HIS A 1 29  ? 16.476  -12.369 9.375   1.00 57.07  ? 262 HIS A O   1 
ATOM   237  C CB  . HIS A 1 29  ? 13.827  -11.238 7.673   1.00 63.40  ? 262 HIS A CB  1 
ATOM   238  C CG  . HIS A 1 29  ? 14.908  -11.041 6.661   1.00 65.84  ? 262 HIS A CG  1 
ATOM   239  N ND1 . HIS A 1 29  ? 15.337  -9.791  6.257   1.00 67.48  ? 262 HIS A ND1 1 
ATOM   240  C CD2 . HIS A 1 29  ? 15.671  -11.933 5.986   1.00 67.48  ? 262 HIS A CD2 1 
ATOM   241  C CE1 . HIS A 1 29  ? 16.316  -9.928  5.385   1.00 69.07  ? 262 HIS A CE1 1 
ATOM   242  N NE2 . HIS A 1 29  ? 16.541  -11.216 5.201   1.00 68.93  ? 262 HIS A NE2 1 
ATOM   243  N N   . ARG A 1 30  ? 15.163  -10.918 10.458  1.00 60.58  ? 263 ARG A N   1 
ATOM   244  C CA  . ARG A 1 30  ? 16.232  -10.412 11.308  1.00 61.78  ? 263 ARG A CA  1 
ATOM   245  C C   . ARG A 1 30  ? 16.913  -11.542 12.117  1.00 62.98  ? 263 ARG A C   1 
ATOM   246  O O   . ARG A 1 30  ? 18.124  -11.504 12.400  1.00 60.93  ? 263 ARG A O   1 
ATOM   247  C CB  . ARG A 1 30  ? 15.673  -9.331  12.243  1.00 61.65  ? 263 ARG A CB  1 
ATOM   248  C CG  . ARG A 1 30  ? 16.343  -7.969  12.105  1.00 63.85  ? 263 ARG A CG  1 
ATOM   249  C CD  . ARG A 1 30  ? 15.400  -6.846  12.519  1.00 63.98  ? 263 ARG A CD  1 
ATOM   250  N NE  . ARG A 1 30  ? 14.365  -7.311  13.447  1.00 66.09  ? 263 ARG A NE  1 
ATOM   251  C CZ  . ARG A 1 30  ? 13.064  -7.100  13.274  1.00 66.16  ? 263 ARG A CZ  1 
ATOM   252  N NH1 . ARG A 1 30  ? 12.647  -6.422  12.209  1.00 65.08  ? 263 ARG A NH1 1 
ATOM   253  N NH2 . ARG A 1 30  ? 12.193  -7.604  14.137  1.00 61.61  ? 263 ARG A NH2 1 
ATOM   254  N N   . LYS A 1 31  ? 16.129  -12.561 12.460  1.00 63.86  ? 264 LYS A N   1 
ATOM   255  C CA  . LYS A 1 31  ? 16.627  -13.699 13.213  1.00 64.41  ? 264 LYS A CA  1 
ATOM   256  C C   . LYS A 1 31  ? 17.663  -14.412 12.385  1.00 64.75  ? 264 LYS A C   1 
ATOM   257  O O   . LYS A 1 31  ? 18.716  -14.787 12.894  1.00 65.98  ? 264 LYS A O   1 
ATOM   258  C CB  . LYS A 1 31  ? 15.496  -14.660 13.536  1.00 64.03  ? 264 LYS A CB  1 
ATOM   259  C CG  . LYS A 1 31  ? 15.016  -14.464 14.863  1.00 67.54  ? 264 LYS A CG  1 
ATOM   260  N N   . LYS A 1 32  ? 17.363  -14.591 11.100  1.00 65.36  ? 265 LYS A N   1 
ATOM   261  C CA  . LYS A 1 32  ? 18.282  -15.272 10.197  1.00 67.07  ? 265 LYS A CA  1 
ATOM   262  C C   . LYS A 1 32  ? 19.527  -14.460 9.906   1.00 63.37  ? 265 LYS A C   1 
ATOM   263  O O   . LYS A 1 32  ? 20.630  -15.000 9.940   1.00 63.46  ? 265 LYS A O   1 
ATOM   264  C CB  . LYS A 1 32  ? 17.604  -15.624 8.872   1.00 73.78  ? 265 LYS A CB  1 
ATOM   265  C CG  . LYS A 1 32  ? 16.504  -16.670 8.988   1.00 84.65  ? 265 LYS A CG  1 
ATOM   266  C CD  . LYS A 1 32  ? 16.076  -17.185 7.606   1.00 93.91  ? 265 LYS A CD  1 
ATOM   267  C CE  . LYS A 1 32  ? 15.113  -18.369 7.705   1.00 98.90  ? 265 LYS A CE  1 
ATOM   268  N NZ  . LYS A 1 32  ? 14.894  -19.019 6.383   1.00 100.24 ? 265 LYS A NZ  1 
ATOM   269  N N   . VAL A 1 33  ? 19.364  -13.173 9.600   1.00 60.62  ? 266 VAL A N   1 
ATOM   270  C CA  . VAL A 1 33  ? 20.532  -12.341 9.322   1.00 56.84  ? 266 VAL A CA  1 
ATOM   271  C C   . VAL A 1 33  ? 21.475  -12.403 10.514  1.00 55.84  ? 266 VAL A C   1 
ATOM   272  O O   . VAL A 1 33  ? 22.675  -12.610 10.352  1.00 53.59  ? 266 VAL A O   1 
ATOM   273  C CB  . VAL A 1 33  ? 20.171  -10.866 9.049   1.00 54.70  ? 266 VAL A CB  1 
ATOM   274  C CG1 . VAL A 1 33  ? 21.456  -10.053 8.858   1.00 50.95  ? 266 VAL A CG1 1 
ATOM   275  C CG2 . VAL A 1 33  ? 19.329  -10.761 7.788   1.00 49.46  ? 266 VAL A CG2 1 
ATOM   276  N N   . ASP A 1 34  ? 20.933  -12.248 11.717  1.00 56.80  ? 267 ASP A N   1 
ATOM   277  C CA  . ASP A 1 34  ? 21.792  -12.318 12.887  1.00 60.26  ? 267 ASP A CA  1 
ATOM   278  C C   . ASP A 1 34  ? 22.585  -13.612 12.927  1.00 61.23  ? 267 ASP A C   1 
ATOM   279  O O   . ASP A 1 34  ? 23.807  -13.601 13.122  1.00 63.07  ? 267 ASP A O   1 
ATOM   280  C CB  . ASP A 1 34  ? 20.984  -12.174 14.166  1.00 60.00  ? 267 ASP A CB  1 
ATOM   281  C CG  . ASP A 1 34  ? 20.518  -10.775 14.372  1.00 62.36  ? 267 ASP A CG  1 
ATOM   282  O OD1 . ASP A 1 34  ? 21.144  -9.873  13.765  1.00 62.18  ? 267 ASP A OD1 1 
ATOM   283  O OD2 . ASP A 1 34  ? 19.542  -10.590 15.135  1.00 64.96  ? 267 ASP A OD2 1 
ATOM   284  N N   . LYS A 1 35  ? 21.892  -14.726 12.744  1.00 61.56  ? 268 LYS A N   1 
ATOM   285  C CA  . LYS A 1 35  ? 22.551  -16.012 12.763  1.00 64.34  ? 268 LYS A CA  1 
ATOM   286  C C   . LYS A 1 35  ? 23.698  -16.068 11.777  1.00 63.01  ? 268 LYS A C   1 
ATOM   287  O O   . LYS A 1 35  ? 24.739  -16.615 12.088  1.00 63.93  ? 268 LYS A O   1 
ATOM   288  C CB  . LYS A 1 35  ? 21.572  -17.131 12.430  1.00 69.52  ? 268 LYS A CB  1 
ATOM   289  C CG  . LYS A 1 35  ? 22.275  -18.473 12.273  1.00 78.86  ? 268 LYS A CG  1 
ATOM   290  C CD  . LYS A 1 35  ? 21.353  -19.523 11.663  1.00 86.22  ? 268 LYS A CD  1 
ATOM   291  C CE  . LYS A 1 35  ? 22.123  -20.793 11.293  1.00 90.51  ? 268 LYS A CE  1 
ATOM   292  N NZ  . LYS A 1 35  ? 21.283  -21.761 10.530  1.00 91.65  ? 268 LYS A NZ  1 
ATOM   293  N N   . VAL A 1 36  ? 23.508  -15.508 10.587  1.00 62.14  ? 269 VAL A N   1 
ATOM   294  C CA  . VAL A 1 36  ? 24.554  -15.551 9.569   1.00 60.72  ? 269 VAL A CA  1 
ATOM   295  C C   . VAL A 1 36  ? 25.723  -14.671 9.946   1.00 60.19  ? 269 VAL A C   1 
ATOM   296  O O   . VAL A 1 36  ? 26.878  -15.105 9.949   1.00 59.70  ? 269 VAL A O   1 
ATOM   297  C CB  . VAL A 1 36  ? 24.019  -15.102 8.183   1.00 58.98  ? 269 VAL A CB  1 
ATOM   298  C CG1 . VAL A 1 36  ? 25.155  -14.895 7.209   1.00 57.29  ? 269 VAL A CG1 1 
ATOM   299  C CG2 . VAL A 1 36  ? 23.076  -16.143 7.639   1.00 58.94  ? 269 VAL A CG2 1 
ATOM   300  N N   . MET A 1 37  ? 25.411  -13.429 10.271  1.00 60.05  ? 270 MET A N   1 
ATOM   301  C CA  . MET A 1 37  ? 26.424  -12.468 10.641  1.00 61.41  ? 270 MET A CA  1 
ATOM   302  C C   . MET A 1 37  ? 27.273  -12.981 11.814  1.00 61.40  ? 270 MET A C   1 
ATOM   303  O O   . MET A 1 37  ? 28.464  -12.672 11.899  1.00 62.51  ? 270 MET A O   1 
ATOM   304  C CB  . MET A 1 37  ? 25.748  -11.131 10.945  1.00 61.94  ? 270 MET A CB  1 
ATOM   305  C CG  . MET A 1 37  ? 25.155  -10.516 9.698   1.00 62.90  ? 270 MET A CG  1 
ATOM   306  S SD  . MET A 1 37  ? 26.462  -10.437 8.451   1.00 65.66  ? 270 MET A SD  1 
ATOM   307  C CE  . MET A 1 37  ? 25.642  -9.497  7.106   1.00 66.21  ? 270 MET A CE  1 
ATOM   308  N N   . LYS A 1 38  ? 26.669  -13.769 12.701  1.00 60.66  ? 271 LYS A N   1 
ATOM   309  C CA  . LYS A 1 38  ? 27.404  -14.356 13.819  1.00 63.70  ? 271 LYS A CA  1 
ATOM   310  C C   . LYS A 1 38  ? 28.330  -15.417 13.224  1.00 62.37  ? 271 LYS A C   1 
ATOM   311  O O   . LYS A 1 38  ? 29.503  -15.509 13.577  1.00 62.36  ? 271 LYS A O   1 
ATOM   312  C CB  . LYS A 1 38  ? 26.442  -15.017 14.819  1.00 64.45  ? 271 LYS A CB  1 
ATOM   313  C CG  . LYS A 1 38  ? 27.148  -15.802 15.781  1.00 65.87  ? 271 LYS A CG  1 
ATOM   314  N N   . GLU A 1 39  ? 27.792  -16.216 12.307  1.00 64.84  ? 272 GLU A N   1 
ATOM   315  C CA  . GLU A 1 39  ? 28.588  -17.250 11.655  1.00 67.88  ? 272 GLU A CA  1 
ATOM   316  C C   . GLU A 1 39  ? 29.804  -16.572 10.996  1.00 64.77  ? 272 GLU A C   1 
ATOM   317  O O   . GLU A 1 39  ? 30.943  -17.042 11.119  1.00 64.75  ? 272 GLU A O   1 
ATOM   318  C CB  . GLU A 1 39  ? 27.748  -18.007 10.609  1.00 72.45  ? 272 GLU A CB  1 
ATOM   319  C CG  . GLU A 1 39  ? 26.472  -18.651 11.170  1.00 85.78  ? 272 GLU A CG  1 
ATOM   320  C CD  . GLU A 1 39  ? 25.641  -19.403 10.123  1.00 93.41  ? 272 GLU A CD  1 
ATOM   321  O OE1 . GLU A 1 39  ? 25.394  -18.844 9.033   1.00 98.62  ? 272 GLU A OE1 1 
ATOM   322  O OE2 . GLU A 1 39  ? 25.215  -20.544 10.402  1.00 97.99  ? 272 GLU A OE2 1 
ATOM   323  N N   . TRP A 1 40  ? 29.561  -15.447 10.327  1.00 61.87  ? 273 TRP A N   1 
ATOM   324  C CA  . TRP A 1 40  ? 30.632  -14.707 9.663   1.00 61.76  ? 273 TRP A CA  1 
ATOM   325  C C   . TRP A 1 40  ? 31.698  -14.349 10.681  1.00 62.42  ? 273 TRP A C   1 
ATOM   326  O O   . TRP A 1 40  ? 32.893  -14.466 10.421  1.00 61.51  ? 273 TRP A O   1 
ATOM   327  C CB  . TRP A 1 40  ? 30.092  -13.420 9.035   1.00 62.13  ? 273 TRP A CB  1 
ATOM   328  C CG  . TRP A 1 40  ? 31.088  -12.724 8.152   1.00 63.23  ? 273 TRP A CG  1 
ATOM   329  C CD1 . TRP A 1 40  ? 31.414  -13.050 6.869   1.00 63.96  ? 273 TRP A CD1 1 
ATOM   330  C CD2 . TRP A 1 40  ? 31.964  -11.654 8.530   1.00 64.90  ? 273 TRP A CD2 1 
ATOM   331  N NE1 . TRP A 1 40  ? 32.440  -12.249 6.420   1.00 66.09  ? 273 TRP A NE1 1 
ATOM   332  C CE2 . TRP A 1 40  ? 32.790  -11.378 7.418   1.00 66.23  ? 273 TRP A CE2 1 
ATOM   333  C CE3 . TRP A 1 40  ? 32.116  -10.888 9.697   1.00 64.94  ? 273 TRP A CE3 1 
ATOM   334  C CZ2 . TRP A 1 40  ? 33.783  -10.393 7.450   1.00 67.78  ? 273 TRP A CZ2 1 
ATOM   335  C CZ3 . TRP A 1 40  ? 33.103  -9.906  9.728   1.00 65.37  ? 273 TRP A CZ3 1 
ATOM   336  C CH2 . TRP A 1 40  ? 33.916  -9.662  8.606   1.00 65.87  ? 273 TRP A CH2 1 
ATOM   337  N N   . GLY A 1 41  ? 31.237  -13.890 11.842  1.00 61.72  ? 274 GLY A N   1 
ATOM   338  C CA  . GLY A 1 41  ? 32.125  -13.503 12.924  1.00 61.26  ? 274 GLY A CA  1 
ATOM   339  C C   . GLY A 1 41  ? 33.028  -14.615 13.432  1.00 61.16  ? 274 GLY A C   1 
ATOM   340  O O   . GLY A 1 41  ? 34.242  -14.435 13.551  1.00 59.29  ? 274 GLY A O   1 
ATOM   341  N N   . ASP A 1 42  ? 32.444  -15.766 13.749  1.00 62.30  ? 275 ASP A N   1 
ATOM   342  C CA  . ASP A 1 42  ? 33.242  -16.880 14.221  1.00 64.25  ? 275 ASP A CA  1 
ATOM   343  C C   . ASP A 1 42  ? 34.206  -17.262 13.103  1.00 65.77  ? 275 ASP A C   1 
ATOM   344  O O   . ASP A 1 42  ? 35.401  -17.465 13.351  1.00 66.75  ? 275 ASP A O   1 
ATOM   345  C CB  . ASP A 1 42  ? 32.358  -18.075 14.569  1.00 66.43  ? 275 ASP A CB  1 
ATOM   346  C CG  . ASP A 1 42  ? 31.315  -17.748 15.607  1.00 69.19  ? 275 ASP A CG  1 
ATOM   347  O OD1 . ASP A 1 42  ? 31.540  -16.806 16.410  1.00 71.55  ? 275 ASP A OD1 1 
ATOM   348  O OD2 . ASP A 1 42  ? 30.276  -18.451 15.630  1.00 69.56  ? 275 ASP A OD2 1 
ATOM   349  N N   . LEU A 1 43  ? 33.695  -17.328 11.871  1.00 64.96  ? 276 LEU A N   1 
ATOM   350  C CA  . LEU A 1 43  ? 34.525  -17.694 10.720  1.00 65.61  ? 276 LEU A CA  1 
ATOM   351  C C   . LEU A 1 43  ? 35.691  -16.748 10.553  1.00 65.66  ? 276 LEU A C   1 
ATOM   352  O O   . LEU A 1 43  ? 36.825  -17.182 10.333  1.00 66.65  ? 276 LEU A O   1 
ATOM   353  C CB  . LEU A 1 43  ? 33.703  -17.715 9.424   1.00 66.70  ? 276 LEU A CB  1 
ATOM   354  C CG  . LEU A 1 43  ? 32.881  -18.989 9.189   1.00 67.07  ? 276 LEU A CG  1 
ATOM   355  C CD1 . LEU A 1 43  ? 31.819  -18.733 8.138   1.00 67.03  ? 276 LEU A CD1 1 
ATOM   356  C CD2 . LEU A 1 43  ? 33.810  -20.128 8.798   1.00 69.81  ? 276 LEU A CD2 1 
ATOM   357  N N   . GLU A 1 44  ? 35.406  -15.456 10.665  1.00 65.21  ? 277 GLU A N   1 
ATOM   358  C CA  . GLU A 1 44  ? 36.420  -14.432 10.501  1.00 64.22  ? 277 GLU A CA  1 
ATOM   359  C C   . GLU A 1 44  ? 37.451  -14.419 11.642  1.00 65.48  ? 277 GLU A C   1 
ATOM   360  O O   . GLU A 1 44  ? 38.646  -14.197 11.413  1.00 64.86  ? 277 GLU A O   1 
ATOM   361  C CB  . GLU A 1 44  ? 35.731  -13.070 10.386  1.00 65.15  ? 277 GLU A CB  1 
ATOM   362  C CG  . GLU A 1 44  ? 36.655  -11.891 10.176  1.00 65.42  ? 277 GLU A CG  1 
ATOM   363  C CD  . GLU A 1 44  ? 37.198  -11.797 8.768   1.00 68.00  ? 277 GLU A CD  1 
ATOM   364  O OE1 . GLU A 1 44  ? 38.126  -10.979 8.561   1.00 67.61  ? 277 GLU A OE1 1 
ATOM   365  O OE2 . GLU A 1 44  ? 36.704  -12.529 7.866   1.00 71.55  ? 277 GLU A OE2 1 
ATOM   366  N N   . THR A 1 45  ? 37.015  -14.650 12.878  1.00 65.22  ? 278 THR A N   1 
ATOM   367  C CA  . THR A 1 45  ? 37.974  -14.642 13.982  1.00 64.74  ? 278 THR A CA  1 
ATOM   368  C C   . THR A 1 45  ? 38.993  -15.745 13.732  1.00 67.36  ? 278 THR A C   1 
ATOM   369  O O   . THR A 1 45  ? 40.186  -15.558 13.955  1.00 66.39  ? 278 THR A O   1 
ATOM   370  C CB  . THR A 1 45  ? 37.298  -14.908 15.362  1.00 63.17  ? 278 THR A CB  1 
ATOM   371  O OG1 . THR A 1 45  ? 36.420  -13.824 15.696  1.00 61.37  ? 278 THR A OG1 1 
ATOM   372  C CG2 . THR A 1 45  ? 38.349  -15.031 16.455  1.00 57.42  ? 278 THR A CG2 1 
ATOM   373  N N   . ARG A 1 46  ? 38.497  -16.899 13.281  1.00 69.19  ? 279 ARG A N   1 
ATOM   374  C CA  . ARG A 1 46  ? 39.334  -18.059 12.992  1.00 70.98  ? 279 ARG A CA  1 
ATOM   375  C C   . ARG A 1 46  ? 40.394  -17.724 11.953  1.00 69.76  ? 279 ARG A C   1 
ATOM   376  O O   . ARG A 1 46  ? 41.508  -18.210 12.042  1.00 70.99  ? 279 ARG A O   1 
ATOM   377  C CB  . ARG A 1 46  ? 38.470  -19.232 12.509  1.00 73.79  ? 279 ARG A CB  1 
ATOM   378  C CG  . ARG A 1 46  ? 39.184  -20.455 12.557  1.00 82.04  ? 279 ARG A CG  1 
ATOM   379  N N   . TYR A 1 47  ? 40.053  -16.906 10.964  1.00 69.84  ? 280 TYR A N   1 
ATOM   380  C CA  . TYR A 1 47  ? 41.031  -16.517 9.958   1.00 72.74  ? 280 TYR A CA  1 
ATOM   381  C C   . TYR A 1 47  ? 42.126  -15.703 10.613  1.00 75.37  ? 280 TYR A C   1 
ATOM   382  O O   . TYR A 1 47  ? 43.301  -15.860 10.287  1.00 76.21  ? 280 TYR A O   1 
ATOM   383  C CB  . TYR A 1 47  ? 40.404  -15.650 8.877   1.00 68.97  ? 280 TYR A CB  1 
ATOM   384  C CG  . TYR A 1 47  ? 41.427  -14.956 8.004   1.00 69.73  ? 280 TYR A CG  1 
ATOM   385  C CD1 . TYR A 1 47  ? 42.038  -15.617 6.953   1.00 72.14  ? 280 TYR A CD1 1 
ATOM   386  C CD2 . TYR A 1 47  ? 41.798  -13.632 8.240   1.00 72.64  ? 280 TYR A CD2 1 
ATOM   387  C CE1 . TYR A 1 47  ? 43.002  -14.978 6.141   1.00 74.12  ? 280 TYR A CE1 1 
ATOM   388  C CE2 . TYR A 1 47  ? 42.760  -12.981 7.438   1.00 74.76  ? 280 TYR A CE2 1 
ATOM   389  C CZ  . TYR A 1 47  ? 43.355  -13.658 6.388   1.00 75.43  ? 280 TYR A CZ  1 
ATOM   390  O OH  . TYR A 1 47  ? 44.265  -13.012 5.572   1.00 77.86  ? 280 TYR A OH  1 
ATOM   391  N N   . ASN A 1 48  ? 41.739  -14.810 11.521  1.00 81.37  ? 281 ASN A N   1 
ATOM   392  C CA  . ASN A 1 48  ? 42.723  -13.969 12.191  1.00 86.85  ? 281 ASN A CA  1 
ATOM   393  C C   . ASN A 1 48  ? 43.684  -14.803 13.030  1.00 86.50  ? 281 ASN A C   1 
ATOM   394  O O   . ASN A 1 48  ? 44.837  -14.435 13.211  1.00 87.76  ? 281 ASN A O   1 
ATOM   395  C CB  . ASN A 1 48  ? 42.047  -12.929 13.085  1.00 94.50  ? 281 ASN A CB  1 
ATOM   396  C CG  . ASN A 1 48  ? 41.348  -11.827 12.293  1.00 102.10 ? 281 ASN A CG  1 
ATOM   397  O OD1 . ASN A 1 48  ? 41.833  -11.394 11.250  1.00 107.59 ? 281 ASN A OD1 1 
ATOM   398  N ND2 . ASN A 1 48  ? 40.220  -11.343 12.814  1.00 107.53 ? 281 ASN A ND2 1 
ATOM   399  N N   . GLU A 1 49  ? 43.206  -15.928 13.542  1.00 86.05  ? 282 GLU A N   1 
ATOM   400  C CA  . GLU A 1 49  ? 44.024  -16.790 14.375  1.00 86.55  ? 282 GLU A CA  1 
ATOM   401  C C   . GLU A 1 49  ? 45.040  -17.559 13.551  1.00 85.98  ? 282 GLU A C   1 
ATOM   402  O O   . GLU A 1 49  ? 46.250  -17.453 13.781  1.00 86.94  ? 282 GLU A O   1 
ATOM   403  C CB  . GLU A 1 49  ? 43.139  -17.764 15.145  1.00 86.49  ? 282 GLU A CB  1 
ATOM   404  C CG  . GLU A 1 49  ? 42.027  -17.103 15.940  1.00 90.47  ? 282 GLU A CG  1 
ATOM   405  C CD  . GLU A 1 49  ? 41.192  -18.128 16.696  1.00 93.09  ? 282 GLU A CD  1 
ATOM   406  O OE1 . GLU A 1 49  ? 41.090  -19.276 16.203  1.00 94.95  ? 282 GLU A OE1 1 
ATOM   407  O OE2 . GLU A 1 49  ? 40.638  -17.779 17.766  1.00 93.49  ? 282 GLU A OE2 1 
ATOM   408  N N   . GLN A 1 50  ? 44.539  -18.344 12.600  1.00 83.56  ? 283 GLN A N   1 
ATOM   409  C CA  . GLN A 1 50  ? 45.395  -19.141 11.739  1.00 82.52  ? 283 GLN A CA  1 
ATOM   410  C C   . GLN A 1 50  ? 46.156  -18.281 10.725  1.00 80.30  ? 283 GLN A C   1 
ATOM   411  O O   . GLN A 1 50  ? 46.919  -18.804 9.913   1.00 81.60  ? 283 GLN A O   1 
ATOM   412  C CB  . GLN A 1 50  ? 44.564  -20.226 11.021  1.00 82.33  ? 283 GLN A CB  1 
ATOM   413  C CG  . GLN A 1 50  ? 44.779  -21.651 11.530  1.00 86.62  ? 283 GLN A CG  1 
ATOM   414  C CD  . GLN A 1 50  ? 43.958  -21.978 12.741  1.00 89.57  ? 283 GLN A CD  1 
ATOM   415  O OE1 . GLN A 1 50  ? 43.805  -21.163 13.652  1.00 93.73  ? 283 GLN A OE1 1 
ATOM   416  N NE2 . GLN A 1 50  ? 43.431  -23.181 12.770  1.00 92.28  ? 283 GLN A NE2 1 
ATOM   417  N N   . LYS A 1 51  ? 45.942  -16.969 10.755  1.00 77.82  ? 284 LYS A N   1 
ATOM   418  C CA  . LYS A 1 51  ? 46.627  -16.071 9.823   1.00 76.46  ? 284 LYS A CA  1 
ATOM   419  C C   . LYS A 1 51  ? 48.109  -16.407 9.673   1.00 74.86  ? 284 LYS A C   1 
ATOM   420  O O   . LYS A 1 51  ? 48.550  -16.859 8.625   1.00 74.33  ? 284 LYS A O   1 
ATOM   421  C CB  . LYS A 1 51  ? 46.520  -14.634 10.307  1.00 77.90  ? 284 LYS A CB  1 
ATOM   422  C CG  . LYS A 1 51  ? 45.557  -13.734 9.555   1.00 81.67  ? 284 LYS A CG  1 
ATOM   423  C CD  . LYS A 1 51  ? 45.672  -12.313 10.098  1.00 85.37  ? 284 LYS A CD  1 
ATOM   424  C CE  . LYS A 1 51  ? 44.727  -11.353 9.414   1.00 88.21  ? 284 LYS A CE  1 
ATOM   425  N NZ  . LYS A 1 51  ? 44.838  -10.019 10.053  1.00 91.18  ? 284 LYS A NZ  1 
ATOM   426  N N   . ALA A 1 52  ? 48.861  -16.182 10.748  1.00 74.35  ? 285 ALA A N   1 
ATOM   427  C CA  . ALA A 1 52  ? 50.310  -16.393 10.801  1.00 74.08  ? 285 ALA A CA  1 
ATOM   428  C C   . ALA A 1 52  ? 50.749  -17.844 10.956  1.00 75.44  ? 285 ALA A C   1 
ATOM   429  O O   . ALA A 1 52  ? 51.870  -18.206 10.602  1.00 74.49  ? 285 ALA A O   1 
ATOM   430  C CB  . ALA A 1 52  ? 50.894  -15.552 11.935  1.00 70.64  ? 285 ALA A CB  1 
ATOM   431  N N   . LYS A 1 53  ? 49.859  -18.662 11.499  1.00 79.52  ? 286 LYS A N   1 
ATOM   432  C CA  . LYS A 1 53  ? 50.113  -20.082 11.740  1.00 82.20  ? 286 LYS A CA  1 
ATOM   433  C C   . LYS A 1 53  ? 50.047  -20.910 10.451  1.00 84.18  ? 286 LYS A C   1 
ATOM   434  O O   . LYS A 1 53  ? 50.986  -21.641 10.134  1.00 85.33  ? 286 LYS A O   1 
ATOM   435  C CB  . LYS A 1 53  ? 49.087  -20.597 12.734  1.00 83.34  ? 286 LYS A CB  1 
ATOM   436  C CG  . LYS A 1 53  ? 49.616  -20.766 14.115  1.00 84.39  ? 286 LYS A CG  1 
ATOM   437  C CD  . LYS A 1 53  ? 48.472  -20.933 15.090  1.00 85.43  ? 286 LYS A CD  1 
ATOM   438  C CE  . LYS A 1 53  ? 47.585  -22.103 14.716  1.00 85.73  ? 286 LYS A CE  1 
ATOM   439  N NZ  . LYS A 1 53  ? 46.564  -22.341 15.769  1.00 85.67  ? 286 LYS A NZ  1 
ATOM   440  N N   . ASP A 1 54  ? 48.933  -20.809 9.729   1.00 82.70  ? 287 ASP A N   1 
ATOM   441  C CA  . ASP A 1 54  ? 48.760  -21.545 8.485   1.00 82.83  ? 287 ASP A CA  1 
ATOM   442  C C   . ASP A 1 54  ? 48.490  -20.569 7.319   1.00 83.33  ? 287 ASP A C   1 
ATOM   443  O O   . ASP A 1 54  ? 47.585  -20.802 6.521   1.00 83.17  ? 287 ASP A O   1 
ATOM   444  C CB  . ASP A 1 54  ? 47.577  -22.521 8.626   1.00 83.93  ? 287 ASP A CB  1 
ATOM   445  C CG  . ASP A 1 54  ? 47.523  -23.552 7.495   1.00 83.21  ? 287 ASP A CG  1 
ATOM   446  O OD1 . ASP A 1 54  ? 48.126  -23.306 6.423   1.00 83.61  ? 287 ASP A OD1 1 
ATOM   447  O OD2 . ASP A 1 54  ? 46.873  -24.605 7.676   1.00 81.82  ? 287 ASP A OD2 1 
ATOM   448  N N   . PRO A 1 55  ? 49.278  -19.477 7.190   1.00 82.40  ? 288 PRO A N   1 
ATOM   449  C CA  . PRO A 1 55  ? 49.067  -18.498 6.105   1.00 81.82  ? 288 PRO A CA  1 
ATOM   450  C C   . PRO A 1 55  ? 48.500  -19.021 4.795   1.00 81.96  ? 288 PRO A C   1 
ATOM   451  O O   . PRO A 1 55  ? 47.632  -18.389 4.197   1.00 79.74  ? 288 PRO A O   1 
ATOM   452  C CB  . PRO A 1 55  ? 50.455  -17.865 5.901   1.00 79.32  ? 288 PRO A CB  1 
ATOM   453  C CG  . PRO A 1 55  ? 51.401  -18.826 6.567   1.00 78.88  ? 288 PRO A CG  1 
ATOM   454  C CD  . PRO A 1 55  ? 50.614  -19.283 7.771   1.00 80.26  ? 288 PRO A CD  1 
ATOM   455  N N   . LYS A 1 56  ? 49.004  -20.171 4.358   1.00 81.65  ? 289 LYS A N   1 
ATOM   456  C CA  . LYS A 1 56  ? 48.586  -20.802 3.107   1.00 83.55  ? 289 LYS A CA  1 
ATOM   457  C C   . LYS A 1 56  ? 47.200  -21.413 3.231   1.00 83.80  ? 289 LYS A C   1 
ATOM   458  O O   . LYS A 1 56  ? 46.280  -21.085 2.475   1.00 83.74  ? 289 LYS A O   1 
ATOM   459  C CB  . LYS A 1 56  ? 49.600  -21.890 2.710   1.00 84.67  ? 289 LYS A CB  1 
ATOM   460  N N   . GLY A 1 57  ? 47.065  -22.318 4.193   1.00 85.76  ? 290 GLY A N   1 
ATOM   461  C CA  . GLY A 1 57  ? 45.793  -22.970 4.418   1.00 85.92  ? 290 GLY A CA  1 
ATOM   462  C C   . GLY A 1 57  ? 44.778  -21.938 4.856   1.00 87.06  ? 290 GLY A C   1 
ATOM   463  O O   . GLY A 1 57  ? 43.618  -21.985 4.456   1.00 87.60  ? 290 GLY A O   1 
ATOM   464  N N   . ALA A 1 58  ? 45.231  -20.994 5.677   1.00 87.65  ? 291 ALA A N   1 
ATOM   465  C CA  . ALA A 1 58  ? 44.379  -19.930 6.186   1.00 87.93  ? 291 ALA A CA  1 
ATOM   466  C C   . ALA A 1 58  ? 43.760  -19.104 5.053   1.00 87.90  ? 291 ALA A C   1 
ATOM   467  O O   . ALA A 1 58  ? 42.546  -18.956 4.990   1.00 88.41  ? 291 ALA A O   1 
ATOM   468  C CB  . ALA A 1 58  ? 45.175  -19.031 7.124   1.00 88.77  ? 291 ALA A CB  1 
ATOM   469  N N   . GLU A 1 59  ? 44.589  -18.561 4.167   1.00 88.57  ? 292 GLU A N   1 
ATOM   470  C CA  . GLU A 1 59  ? 44.086  -17.751 3.060   1.00 88.58  ? 292 GLU A CA  1 
ATOM   471  C C   . GLU A 1 59  ? 43.068  -18.494 2.184   1.00 87.28  ? 292 GLU A C   1 
ATOM   472  O O   . GLU A 1 59  ? 42.062  -17.912 1.766   1.00 86.82  ? 292 GLU A O   1 
ATOM   473  C CB  . GLU A 1 59  ? 45.241  -17.232 2.188   1.00 89.65  ? 292 GLU A CB  1 
ATOM   474  C CG  . GLU A 1 59  ? 45.941  -15.974 2.716   1.00 93.46  ? 292 GLU A CG  1 
ATOM   475  C CD  . GLU A 1 59  ? 45.060  -14.722 2.660   1.00 95.71  ? 292 GLU A CD  1 
ATOM   476  O OE1 . GLU A 1 59  ? 44.427  -14.390 3.678   1.00 95.80  ? 292 GLU A OE1 1 
ATOM   477  O OE2 . GLU A 1 59  ? 44.995  -14.070 1.603   1.00 96.05  ? 292 GLU A OE2 1 
ATOM   478  N N   . LYS A 1 60  ? 43.324  -19.767 1.901   1.00 83.23  ? 293 LYS A N   1 
ATOM   479  C CA  . LYS A 1 60  ? 42.391  -20.549 1.093   1.00 81.64  ? 293 LYS A CA  1 
ATOM   480  C C   . LYS A 1 60  ? 41.034  -20.494 1.804   1.00 80.00  ? 293 LYS A C   1 
ATOM   481  O O   . LYS A 1 60  ? 39.979  -20.285 1.192   1.00 79.43  ? 293 LYS A O   1 
ATOM   482  C CB  . LYS A 1 60  ? 42.873  -22.001 0.977   1.00 83.02  ? 293 LYS A CB  1 
ATOM   483  C CG  . LYS A 1 60  ? 41.963  -22.816 0.259   1.00 81.19  ? 293 LYS A CG  1 
ATOM   484  N N   . PHE A 1 61  ? 41.090  -20.651 3.122   1.00 79.61  ? 294 PHE A N   1 
ATOM   485  C CA  . PHE A 1 61  ? 39.918  -20.594 3.979   1.00 77.61  ? 294 PHE A CA  1 
ATOM   486  C C   . PHE A 1 61  ? 39.135  -19.294 3.746   1.00 78.37  ? 294 PHE A C   1 
ATOM   487  O O   . PHE A 1 61  ? 37.914  -19.319 3.556   1.00 76.98  ? 294 PHE A O   1 
ATOM   488  C CB  . PHE A 1 61  ? 40.364  -20.683 5.437   1.00 72.54  ? 294 PHE A CB  1 
ATOM   489  C CG  . PHE A 1 61  ? 39.243  -20.644 6.426   1.00 70.74  ? 294 PHE A CG  1 
ATOM   490  C CD1 . PHE A 1 61  ? 38.318  -21.685 6.490   1.00 69.08  ? 294 PHE A CD1 1 
ATOM   491  C CD2 . PHE A 1 61  ? 39.107  -19.559 7.296   1.00 69.42  ? 294 PHE A CD2 1 
ATOM   492  C CE1 . PHE A 1 61  ? 37.278  -21.661 7.407   1.00 67.42  ? 294 PHE A CE1 1 
ATOM   493  C CE2 . PHE A 1 61  ? 38.072  -19.519 8.220   1.00 67.84  ? 294 PHE A CE2 1 
ATOM   494  C CZ  . PHE A 1 61  ? 37.149  -20.575 8.274   1.00 68.09  ? 294 PHE A CZ  1 
ATOM   495  N N   . LYS A 1 62  ? 39.835  -18.160 3.754   1.00 76.71  ? 295 LYS A N   1 
ATOM   496  C CA  . LYS A 1 62  ? 39.173  -16.880 3.541   1.00 76.92  ? 295 LYS A CA  1 
ATOM   497  C C   . LYS A 1 62  ? 38.459  -16.848 2.192   1.00 77.19  ? 295 LYS A C   1 
ATOM   498  O O   . LYS A 1 62  ? 37.264  -16.609 2.133   1.00 77.11  ? 295 LYS A O   1 
ATOM   499  C CB  . LYS A 1 62  ? 40.175  -15.734 3.634   1.00 78.89  ? 295 LYS A CB  1 
ATOM   500  C CG  . LYS A 1 62  ? 39.707  -14.626 4.555   1.00 76.46  ? 295 LYS A CG  1 
ATOM   501  C CD  . LYS A 1 62  ? 40.400  -13.322 4.264   1.00 76.44  ? 295 LYS A CD  1 
ATOM   502  C CE  . LYS A 1 62  ? 39.977  -12.287 5.296   1.00 77.30  ? 295 LYS A CE  1 
ATOM   503  N NZ  . LYS A 1 62  ? 40.700  -11.000 5.124   1.00 76.21  ? 295 LYS A NZ  1 
ATOM   504  N N   . SER A 1 63  ? 39.189  -17.099 1.111   1.00 79.42  ? 296 SER A N   1 
ATOM   505  C CA  . SER A 1 63  ? 38.573  -17.115 -0.213  1.00 78.75  ? 296 SER A CA  1 
ATOM   506  C C   . SER A 1 63  ? 37.335  -18.001 -0.189  1.00 77.71  ? 296 SER A C   1 
ATOM   507  O O   . SER A 1 63  ? 36.236  -17.553 -0.518  1.00 77.52  ? 296 SER A O   1 
ATOM   508  C CB  . SER A 1 63  ? 39.553  -17.630 -1.273  1.00 78.89  ? 296 SER A CB  1 
ATOM   509  O OG  . SER A 1 63  ? 40.083  -16.562 -2.044  1.00 81.51  ? 296 SER A OG  1 
ATOM   510  N N   . GLN A 1 64  ? 37.509  -19.253 0.228   1.00 77.03  ? 297 GLN A N   1 
ATOM   511  C CA  . GLN A 1 64  ? 36.393  -20.200 0.291   1.00 76.79  ? 297 GLN A CA  1 
ATOM   512  C C   . GLN A 1 64  ? 35.187  -19.623 1.053   1.00 76.13  ? 297 GLN A C   1 
ATOM   513  O O   . GLN A 1 64  ? 34.101  -19.452 0.479   1.00 75.05  ? 297 GLN A O   1 
ATOM   514  C CB  . GLN A 1 64  ? 36.848  -21.519 0.932   1.00 77.48  ? 297 GLN A CB  1 
ATOM   515  N N   . MET A 1 65  ? 35.386  -19.313 2.336   1.00 74.05  ? 298 MET A N   1 
ATOM   516  C CA  . MET A 1 65  ? 34.318  -18.771 3.165   1.00 72.63  ? 298 MET A CA  1 
ATOM   517  C C   . MET A 1 65  ? 33.641  -17.505 2.622   1.00 71.17  ? 298 MET A C   1 
ATOM   518  O O   . MET A 1 65  ? 32.453  -17.289 2.885   1.00 70.00  ? 298 MET A O   1 
ATOM   519  C CB  . MET A 1 65  ? 34.810  -18.545 4.593   1.00 73.90  ? 298 MET A CB  1 
ATOM   520  C CG  . MET A 1 65  ? 35.175  -19.843 5.320   1.00 75.83  ? 298 MET A CG  1 
ATOM   521  S SD  . MET A 1 65  ? 34.045  -21.201 4.888   1.00 77.65  ? 298 MET A SD  1 
ATOM   522  C CE  . MET A 1 65  ? 34.246  -22.304 6.289   1.00 77.71  ? 298 MET A CE  1 
ATOM   523  N N   . ASN A 1 66  ? 34.352  -16.660 1.876   1.00 70.30  ? 299 ASN A N   1 
ATOM   524  C CA  . ASN A 1 66  ? 33.674  -15.494 1.315   1.00 70.57  ? 299 ASN A CA  1 
ATOM   525  C C   . ASN A 1 66  ? 32.638  -16.040 0.364   1.00 70.69  ? 299 ASN A C   1 
ATOM   526  O O   . ASN A 1 66  ? 31.455  -15.718 0.483   1.00 70.77  ? 299 ASN A O   1 
ATOM   527  C CB  . ASN A 1 66  ? 34.601  -14.582 0.515   1.00 70.96  ? 299 ASN A CB  1 
ATOM   528  C CG  . ASN A 1 66  ? 35.268  -13.552 1.365   1.00 72.73  ? 299 ASN A CG  1 
ATOM   529  O OD1 . ASN A 1 66  ? 34.643  -12.956 2.245   1.00 75.69  ? 299 ASN A OD1 1 
ATOM   530  N ND2 . ASN A 1 66  ? 36.553  -13.320 1.112   1.00 73.77  ? 299 ASN A ND2 1 
ATOM   531  N N   . ALA A 1 67  ? 33.084  -16.869 -0.582  1.00 70.76  ? 300 ALA A N   1 
ATOM   532  C CA  . ALA A 1 67  ? 32.177  -17.461 -1.563  1.00 70.30  ? 300 ALA A CA  1 
ATOM   533  C C   . ALA A 1 67  ? 30.914  -17.912 -0.839  1.00 70.07  ? 300 ALA A C   1 
ATOM   534  O O   . ALA A 1 67  ? 29.806  -17.482 -1.175  1.00 69.25  ? 300 ALA A O   1 
ATOM   535  C CB  . ALA A 1 67  ? 32.851  -18.638 -2.246  1.00 69.63  ? 300 ALA A CB  1 
ATOM   536  N N   . ARG A 1 68  ? 31.087  -18.759 0.170   1.00 69.42  ? 301 ARG A N   1 
ATOM   537  C CA  . ARG A 1 68  ? 29.948  -19.245 0.936   1.00 69.81  ? 301 ARG A CA  1 
ATOM   538  C C   . ARG A 1 68  ? 29.095  -18.105 1.458   1.00 69.19  ? 301 ARG A C   1 
ATOM   539  O O   . ARG A 1 68  ? 27.887  -18.048 1.212   1.00 70.32  ? 301 ARG A O   1 
ATOM   540  C CB  . ARG A 1 68  ? 30.414  -20.096 2.113   1.00 72.19  ? 301 ARG A CB  1 
ATOM   541  C CG  . ARG A 1 68  ? 30.368  -21.485 1.789   1.00 77.02  ? 301 ARG A CG  1 
ATOM   542  N N   . PHE A 1 69  ? 29.733  -17.197 2.186   1.00 67.03  ? 302 PHE A N   1 
ATOM   543  C CA  . PHE A 1 69  ? 29.042  -16.067 2.768   1.00 63.74  ? 302 PHE A CA  1 
ATOM   544  C C   . PHE A 1 69  ? 28.379  -15.211 1.698   1.00 64.48  ? 302 PHE A C   1 
ATOM   545  O O   . PHE A 1 69  ? 27.187  -14.905 1.786   1.00 64.15  ? 302 PHE A O   1 
ATOM   546  C CB  . PHE A 1 69  ? 30.030  -15.257 3.588   1.00 61.78  ? 302 PHE A CB  1 
ATOM   547  C CG  . PHE A 1 69  ? 29.494  -13.955 4.105   1.00 57.41  ? 302 PHE A CG  1 
ATOM   548  C CD1 . PHE A 1 69  ? 28.490  -13.920 5.060   1.00 56.66  ? 302 PHE A CD1 1 
ATOM   549  C CD2 . PHE A 1 69  ? 30.021  -12.759 3.646   1.00 53.96  ? 302 PHE A CD2 1 
ATOM   550  C CE1 . PHE A 1 69  ? 28.033  -12.697 5.572   1.00 55.81  ? 302 PHE A CE1 1 
ATOM   551  C CE2 . PHE A 1 69  ? 29.573  -11.546 4.149   1.00 54.73  ? 302 PHE A CE2 1 
ATOM   552  C CZ  . PHE A 1 69  ? 28.572  -11.510 5.109   1.00 53.94  ? 302 PHE A CZ  1 
ATOM   553  N N   . GLN A 1 70  ? 29.129  -14.826 0.673   1.00 63.71  ? 303 GLN A N   1 
ATOM   554  C CA  . GLN A 1 70  ? 28.534  -14.010 -0.371  1.00 66.02  ? 303 GLN A CA  1 
ATOM   555  C C   . GLN A 1 70  ? 27.268  -14.716 -0.821  1.00 67.14  ? 303 GLN A C   1 
ATOM   556  O O   . GLN A 1 70  ? 26.188  -14.135 -0.779  1.00 68.12  ? 303 GLN A O   1 
ATOM   557  C CB  . GLN A 1 70  ? 29.490  -13.832 -1.536  1.00 64.02  ? 303 GLN A CB  1 
ATOM   558  N N   . LYS A 1 71  ? 27.395  -15.980 -1.215  1.00 70.13  ? 304 LYS A N   1 
ATOM   559  C CA  . LYS A 1 71  ? 26.238  -16.745 -1.665  1.00 73.44  ? 304 LYS A CA  1 
ATOM   560  C C   . LYS A 1 71  ? 25.112  -16.810 -0.644  1.00 69.59  ? 304 LYS A C   1 
ATOM   561  O O   . LYS A 1 71  ? 23.955  -16.532 -0.980  1.00 70.55  ? 304 LYS A O   1 
ATOM   562  C CB  . LYS A 1 71  ? 26.650  -18.161 -2.054  1.00 82.48  ? 304 LYS A CB  1 
ATOM   563  C CG  . LYS A 1 71  ? 27.043  -18.287 -3.514  1.00 97.88  ? 304 LYS A CG  1 
ATOM   564  C CD  . LYS A 1 71  ? 27.685  -19.638 -3.823  1.00 108.99 ? 304 LYS A CD  1 
ATOM   565  C CE  . LYS A 1 71  ? 29.170  -19.652 -3.484  1.00 115.73 ? 304 LYS A CE  1 
ATOM   566  N NZ  . LYS A 1 71  ? 29.840  -20.878 -4.001  1.00 117.66 ? 304 LYS A NZ  1 
ATOM   567  N N   . THR A 1 72  ? 25.427  -17.167 0.598   1.00 65.86  ? 305 THR A N   1 
ATOM   568  C CA  . THR A 1 72  ? 24.374  -17.238 1.606   1.00 63.62  ? 305 THR A CA  1 
ATOM   569  C C   . THR A 1 72  ? 23.614  -15.928 1.751   1.00 61.79  ? 305 THR A C   1 
ATOM   570  O O   . THR A 1 72  ? 22.393  -15.926 1.879   1.00 60.80  ? 305 THR A O   1 
ATOM   571  C CB  . THR A 1 72  ? 24.897  -17.627 2.981   1.00 59.39  ? 305 THR A CB  1 
ATOM   572  O OG1 . THR A 1 72  ? 25.274  -19.014 2.983   1.00 58.27  ? 305 THR A OG1 1 
ATOM   573  C CG2 . THR A 1 72  ? 23.796  -17.421 4.005   1.00 55.85  ? 305 THR A CG2 1 
ATOM   574  N N   . VAL A 1 73  ? 24.328  -14.812 1.727   1.00 61.50  ? 306 VAL A N   1 
ATOM   575  C CA  . VAL A 1 73  ? 23.672  -13.519 1.840   1.00 66.10  ? 306 VAL A CA  1 
ATOM   576  C C   . VAL A 1 73  ? 22.639  -13.417 0.731   1.00 65.34  ? 306 VAL A C   1 
ATOM   577  O O   . VAL A 1 73  ? 21.441  -13.447 1.006   1.00 67.09  ? 306 VAL A O   1 
ATOM   578  C CB  . VAL A 1 73  ? 24.674  -12.355 1.704   1.00 67.98  ? 306 VAL A CB  1 
ATOM   579  C CG1 . VAL A 1 73  ? 23.930  -11.024 1.685   1.00 69.00  ? 306 VAL A CG1 1 
ATOM   580  C CG2 . VAL A 1 73  ? 25.673  -12.392 2.849   1.00 71.57  ? 306 VAL A CG2 1 
ATOM   581  N N   . SER A 1 74  ? 23.107  -13.305 -0.515  1.00 66.82  ? 307 SER A N   1 
ATOM   582  C CA  . SER A 1 74  ? 22.220  -13.214 -1.687  1.00 66.42  ? 307 SER A CA  1 
ATOM   583  C C   . SER A 1 74  ? 21.024  -14.146 -1.561  1.00 64.83  ? 307 SER A C   1 
ATOM   584  O O   . SER A 1 74  ? 19.883  -13.755 -1.800  1.00 62.87  ? 307 SER A O   1 
ATOM   585  C CB  . SER A 1 74  ? 22.972  -13.563 -2.970  1.00 65.25  ? 307 SER A CB  1 
ATOM   586  O OG  . SER A 1 74  ? 23.861  -12.515 -3.321  1.00 71.90  ? 307 SER A OG  1 
ATOM   587  N N   . SER A 1 75  ? 21.297  -15.387 -1.186  1.00 64.32  ? 308 SER A N   1 
ATOM   588  C CA  . SER A 1 75  ? 20.235  -16.364 -1.007  1.00 65.66  ? 308 SER A CA  1 
ATOM   589  C C   . SER A 1 75  ? 19.155  -15.752 -0.103  1.00 65.37  ? 308 SER A C   1 
ATOM   590  O O   . SER A 1 75  ? 17.981  -15.697 -0.477  1.00 65.76  ? 308 SER A O   1 
ATOM   591  C CB  . SER A 1 75  ? 20.803  -17.637 -0.382  1.00 64.95  ? 308 SER A CB  1 
ATOM   592  O OG  . SER A 1 75  ? 19.839  -18.666 -0.322  1.00 66.56  ? 308 SER A OG  1 
ATOM   593  N N   . LEU A 1 76  ? 19.552  -15.270 1.075   1.00 65.08  ? 309 LEU A N   1 
ATOM   594  C CA  . LEU A 1 76  ? 18.602  -14.657 2.014   1.00 65.05  ? 309 LEU A CA  1 
ATOM   595  C C   . LEU A 1 76  ? 17.873  -13.437 1.466   1.00 60.69  ? 309 LEU A C   1 
ATOM   596  O O   . LEU A 1 76  ? 16.657  -13.306 1.604   1.00 56.89  ? 309 LEU A O   1 
ATOM   597  C CB  . LEU A 1 76  ? 19.312  -14.267 3.306   1.00 69.80  ? 309 LEU A CB  1 
ATOM   598  C CG  . LEU A 1 76  ? 19.409  -15.349 4.376   1.00 74.41  ? 309 LEU A CG  1 
ATOM   599  C CD1 . LEU A 1 76  ? 20.216  -14.815 5.548   1.00 78.10  ? 309 LEU A CD1 1 
ATOM   600  C CD2 . LEU A 1 76  ? 18.005  -15.773 4.817   1.00 78.74  ? 309 LEU A CD2 1 
ATOM   601  N N   . GLU A 1 77  ? 18.633  -12.544 0.850   1.00 60.68  ? 310 GLU A N   1 
ATOM   602  C CA  . GLU A 1 77  ? 18.103  -11.314 0.274   1.00 62.64  ? 310 GLU A CA  1 
ATOM   603  C C   . GLU A 1 77  ? 16.979  -11.603 -0.705  1.00 64.91  ? 310 GLU A C   1 
ATOM   604  O O   . GLU A 1 77  ? 15.997  -10.870 -0.776  1.00 65.40  ? 310 GLU A O   1 
ATOM   605  C CB  . GLU A 1 77  ? 19.246  -10.577 -0.411  1.00 60.07  ? 310 GLU A CB  1 
ATOM   606  C CG  . GLU A 1 77  ? 18.851  -9.484  -1.350  1.00 59.14  ? 310 GLU A CG  1 
ATOM   607  C CD  . GLU A 1 77  ? 20.056  -8.799  -1.937  1.00 60.88  ? 310 GLU A CD  1 
ATOM   608  O OE1 . GLU A 1 77  ? 20.930  -9.490  -2.505  1.00 63.25  ? 310 GLU A OE1 1 
ATOM   609  O OE2 . GLU A 1 77  ? 20.124  -7.567  -1.827  1.00 62.28  ? 310 GLU A OE2 1 
ATOM   610  N N   . GLU A 1 78  ? 17.132  -12.687 -1.452  1.00 69.27  ? 311 GLU A N   1 
ATOM   611  C CA  . GLU A 1 78  ? 16.128  -13.098 -2.418  1.00 74.82  ? 311 GLU A CA  1 
ATOM   612  C C   . GLU A 1 78  ? 14.866  -13.542 -1.710  1.00 75.53  ? 311 GLU A C   1 
ATOM   613  O O   . GLU A 1 78  ? 13.780  -13.065 -1.999  1.00 77.43  ? 311 GLU A O   1 
ATOM   614  C CB  . GLU A 1 78  ? 16.642  -14.253 -3.268  1.00 77.41  ? 311 GLU A CB  1 
ATOM   615  C CG  . GLU A 1 78  ? 17.144  -13.836 -4.631  1.00 88.24  ? 311 GLU A CG  1 
ATOM   616  C CD  . GLU A 1 78  ? 17.782  -14.995 -5.374  1.00 95.40  ? 311 GLU A CD  1 
ATOM   617  O OE1 . GLU A 1 78  ? 17.277  -16.125 -5.234  1.00 99.55  ? 311 GLU A OE1 1 
ATOM   618  O OE2 . GLU A 1 78  ? 18.782  -14.781 -6.096  1.00 99.83  ? 311 GLU A OE2 1 
ATOM   619  N N   . GLU A 1 79  ? 15.017  -14.476 -0.790  1.00 77.75  ? 312 GLU A N   1 
ATOM   620  C CA  . GLU A 1 79  ? 13.887  -14.982 -0.054  1.00 80.25  ? 312 GLU A CA  1 
ATOM   621  C C   . GLU A 1 79  ? 13.079  -13.851 0.571   1.00 78.73  ? 312 GLU A C   1 
ATOM   622  O O   . GLU A 1 79  ? 11.873  -13.792 0.372   1.00 80.63  ? 312 GLU A O   1 
ATOM   623  C CB  . GLU A 1 79  ? 14.365  -15.942 1.026   1.00 85.06  ? 312 GLU A CB  1 
ATOM   624  C CG  . GLU A 1 79  ? 13.251  -16.693 1.710   1.00 97.26  ? 312 GLU A CG  1 
ATOM   625  C CD  . GLU A 1 79  ? 13.771  -17.548 2.850   1.00 104.06 ? 312 GLU A CD  1 
ATOM   626  O OE1 . GLU A 1 79  ? 14.581  -18.459 2.593   1.00 108.96 ? 312 GLU A OE1 1 
ATOM   627  O OE2 . GLU A 1 79  ? 13.388  -17.293 4.004   1.00 107.94 ? 312 GLU A OE2 1 
ATOM   628  N N   . HIS A 1 80  ? 13.725  -12.947 1.311   1.00 77.18  ? 313 HIS A N   1 
ATOM   629  C CA  . HIS A 1 80  ? 12.986  -11.852 1.952   1.00 75.77  ? 313 HIS A CA  1 
ATOM   630  C C   . HIS A 1 80  ? 12.281  -11.025 0.899   1.00 72.57  ? 313 HIS A C   1 
ATOM   631  O O   . HIS A 1 80  ? 11.172  -10.543 1.115   1.00 72.33  ? 313 HIS A O   1 
ATOM   632  C CB  . HIS A 1 80  ? 13.914  -10.970 2.801   1.00 78.53  ? 313 HIS A CB  1 
ATOM   633  C CG  . HIS A 1 80  ? 13.218  -9.832  3.480   1.00 82.26  ? 313 HIS A CG  1 
ATOM   634  N ND1 . HIS A 1 80  ? 13.479  -8.508  3.175   1.00 85.09  ? 313 HIS A ND1 1 
ATOM   635  C CD2 . HIS A 1 80  ? 12.240  -9.813  4.415   1.00 84.06  ? 313 HIS A CD2 1 
ATOM   636  C CE1 . HIS A 1 80  ? 12.686  -7.733  3.887   1.00 87.49  ? 313 HIS A CE1 1 
ATOM   637  N NE2 . HIS A 1 80  ? 11.923  -8.496  4.646   1.00 87.64  ? 313 HIS A NE2 1 
ATOM   638  N N   . LYS A 1 81  ? 12.915  -10.867 -0.256  1.00 69.39  ? 314 LYS A N   1 
ATOM   639  C CA  . LYS A 1 81  ? 12.296  -10.107 -1.336  1.00 68.64  ? 314 LYS A CA  1 
ATOM   640  C C   . LYS A 1 81  ? 11.123  -10.904 -1.926  1.00 67.75  ? 314 LYS A C   1 
ATOM   641  O O   . LYS A 1 81  ? 10.073  -10.354 -2.245  1.00 67.39  ? 314 LYS A O   1 
ATOM   642  C CB  . LYS A 1 81  ? 13.321  -9.791  -2.426  1.00 66.28  ? 314 LYS A CB  1 
ATOM   643  C CG  . LYS A 1 81  ? 12.743  -8.973  -3.428  1.00 68.00  ? 314 LYS A CG  1 
ATOM   644  N N   . ARG A 1 82  ? 11.301  -12.209 -2.067  1.00 68.47  ? 315 ARG A N   1 
ATOM   645  C CA  . ARG A 1 82  ? 10.234  -13.031 -2.594  1.00 71.44  ? 315 ARG A CA  1 
ATOM   646  C C   . ARG A 1 82  ? 9.061   -12.997 -1.624  1.00 70.69  ? 315 ARG A C   1 
ATOM   647  O O   . ARG A 1 82  ? 7.941   -12.664 -2.012  1.00 72.04  ? 315 ARG A O   1 
ATOM   648  C CB  . ARG A 1 82  ? 10.721  -14.469 -2.836  1.00 74.11  ? 315 ARG A CB  1 
ATOM   649  C CG  . ARG A 1 82  ? 9.622   -15.487 -3.130  1.00 79.14  ? 315 ARG A CG  1 
ATOM   650  C CD  . ARG A 1 82  ? 9.263   -16.230 -1.861  1.00 85.35  ? 315 ARG A CD  1 
ATOM   651  N NE  . ARG A 1 82  ? 8.078   -17.064 -2.004  1.00 88.61  ? 315 ARG A NE  1 
ATOM   652  C CZ  . ARG A 1 82  ? 7.564   -17.785 -1.010  1.00 90.86  ? 315 ARG A CZ  1 
ATOM   653  N NH1 . ARG A 1 82  ? 8.143   -17.760 0.187   1.00 92.05  ? 315 ARG A NH1 1 
ATOM   654  N NH2 . ARG A 1 82  ? 6.485   -18.543 -1.212  1.00 91.17  ? 315 ARG A NH2 1 
ATOM   655  N N   . MET A 1 83  ? 9.308   -13.314 -0.358  1.00 72.25  ? 316 MET A N   1 
ATOM   656  C CA  . MET A 1 83  ? 8.231   -13.304 0.632   1.00 73.49  ? 316 MET A CA  1 
ATOM   657  C C   . MET A 1 83  ? 7.572   -11.939 0.828   1.00 72.04  ? 316 MET A C   1 
ATOM   658  O O   . MET A 1 83  ? 6.386   -11.861 1.141   1.00 71.81  ? 316 MET A O   1 
ATOM   659  C CB  . MET A 1 83  ? 8.738   -13.806 1.980   1.00 76.51  ? 316 MET A CB  1 
ATOM   660  C CG  . MET A 1 83  ? 9.174   -15.255 1.961   1.00 84.73  ? 316 MET A CG  1 
ATOM   661  S SD  . MET A 1 83  ? 9.549   -15.798 3.610   1.00 91.82  ? 316 MET A SD  1 
ATOM   662  C CE  . MET A 1 83  ? 10.180  -17.399 3.279   1.00 95.73  ? 316 MET A CE  1 
ATOM   663  N N   . ARG A 1 84  ? 8.336   -10.863 0.650   1.00 71.23  ? 317 ARG A N   1 
ATOM   664  C CA  . ARG A 1 84  ? 7.814   -9.507  0.825   1.00 70.40  ? 317 ARG A CA  1 
ATOM   665  C C   . ARG A 1 84  ? 6.785   -9.187  -0.252  1.00 71.16  ? 317 ARG A C   1 
ATOM   666  O O   . ARG A 1 84  ? 5.737   -8.601  0.019   1.00 70.48  ? 317 ARG A O   1 
ATOM   667  C CB  . ARG A 1 84  ? 8.957   -8.486  0.764   1.00 68.28  ? 317 ARG A CB  1 
ATOM   668  C CG  . ARG A 1 84  ? 8.479   -7.165  1.001   1.00 66.11  ? 317 ARG A CG  1 
ATOM   669  N N   . LYS A 1 85  ? 7.095   -9.571  -1.483  1.00 72.67  ? 318 LYS A N   1 
ATOM   670  C CA  . LYS A 1 85  ? 6.189   -9.322  -2.589  1.00 75.34  ? 318 LYS A CA  1 
ATOM   671  C C   . LYS A 1 85  ? 4.897   -10.098 -2.420  1.00 73.99  ? 318 LYS A C   1 
ATOM   672  O O   . LYS A 1 85  ? 3.818   -9.534  -2.576  1.00 75.46  ? 318 LYS A O   1 
ATOM   673  C CB  . LYS A 1 85  ? 6.854   -9.685  -3.912  1.00 77.55  ? 318 LYS A CB  1 
ATOM   674  C CG  . LYS A 1 85  ? 8.002   -8.770  -4.272  1.00 82.19  ? 318 LYS A CG  1 
ATOM   675  C CD  . LYS A 1 85  ? 8.542   -9.118  -5.636  1.00 87.31  ? 318 LYS A CD  1 
ATOM   676  C CE  . LYS A 1 85  ? 9.718   -8.239  -6.012  1.00 90.79  ? 318 LYS A CE  1 
ATOM   677  N NZ  . LYS A 1 85  ? 10.225  -8.599  -7.376  1.00 92.41  ? 318 LYS A NZ  1 
ATOM   678  N N   . GLU A 1 86  ? 4.999   -11.385 -2.100  1.00 74.15  ? 319 GLU A N   1 
ATOM   679  C CA  . GLU A 1 86  ? 3.794   -12.195 -1.918  1.00 76.14  ? 319 GLU A CA  1 
ATOM   680  C C   . GLU A 1 86  ? 2.856   -11.495 -0.929  1.00 73.59  ? 319 GLU A C   1 
ATOM   681  O O   . GLU A 1 86  ? 1.675   -11.284 -1.221  1.00 74.56  ? 319 GLU A O   1 
ATOM   682  C CB  . GLU A 1 86  ? 4.137   -13.620 -1.420  1.00 79.25  ? 319 GLU A CB  1 
ATOM   683  C CG  . GLU A 1 86  ? 2.906   -14.466 -1.014  1.00 86.81  ? 319 GLU A CG  1 
ATOM   684  C CD  . GLU A 1 86  ? 3.253   -15.920 -0.624  1.00 93.27  ? 319 GLU A CD  1 
ATOM   685  O OE1 . GLU A 1 86  ? 4.349   -16.170 -0.077  1.00 96.21  ? 319 GLU A OE1 1 
ATOM   686  O OE2 . GLU A 1 86  ? 2.412   -16.810 -0.852  1.00 96.72  ? 319 GLU A OE2 1 
ATOM   687  N N   . ILE A 1 87  ? 3.387   -11.101 0.224   1.00 71.77  ? 320 ILE A N   1 
ATOM   688  C CA  . ILE A 1 87  ? 2.561   -10.445 1.226   1.00 70.29  ? 320 ILE A CA  1 
ATOM   689  C C   . ILE A 1 87  ? 1.956   -9.117  0.726   1.00 68.20  ? 320 ILE A C   1 
ATOM   690  O O   . ILE A 1 87  ? 0.881   -8.720  1.163   1.00 67.65  ? 320 ILE A O   1 
ATOM   691  C CB  . ILE A 1 87  ? 3.363   -10.204 2.546   1.00 69.12  ? 320 ILE A CB  1 
ATOM   692  C CG1 . ILE A 1 87  ? 2.442   -10.390 3.752   1.00 68.86  ? 320 ILE A CG1 1 
ATOM   693  C CG2 . ILE A 1 87  ? 3.930   -8.783  2.579   1.00 68.52  ? 320 ILE A CG2 1 
ATOM   694  C CD1 . ILE A 1 87  ? 3.138   -10.194 5.086   1.00 70.95  ? 320 ILE A CD1 1 
ATOM   695  N N   . GLU A 1 88  ? 2.635   -8.437  -0.194  1.00 66.53  ? 321 GLU A N   1 
ATOM   696  C CA  . GLU A 1 88  ? 2.146   -7.154  -0.711  1.00 67.49  ? 321 GLU A CA  1 
ATOM   697  C C   . GLU A 1 88  ? 1.040   -7.330  -1.752  1.00 66.12  ? 321 GLU A C   1 
ATOM   698  O O   . GLU A 1 88  ? 0.003   -6.640  -1.715  1.00 65.28  ? 321 GLU A O   1 
ATOM   699  C CB  . GLU A 1 88  ? 3.315   -6.338  -1.296  1.00 69.80  ? 321 GLU A CB  1 
ATOM   700  C CG  . GLU A 1 88  ? 4.311   -5.883  -0.237  1.00 75.15  ? 321 GLU A CG  1 
ATOM   701  C CD  . GLU A 1 88  ? 5.455   -5.012  -0.779  1.00 77.06  ? 321 GLU A CD  1 
ATOM   702  O OE1 . GLU A 1 88  ? 5.353   -4.505  -1.914  1.00 79.53  ? 321 GLU A OE1 1 
ATOM   703  O OE2 . GLU A 1 88  ? 6.452   -4.821  -0.054  1.00 77.17  ? 321 GLU A OE2 1 
ATOM   704  N N   . ALA A 1 89  ? 1.271   -8.241  -2.690  1.00 64.65  ? 322 ALA A N   1 
ATOM   705  C CA  . ALA A 1 89  ? 0.285   -8.523  -3.719  1.00 62.73  ? 322 ALA A CA  1 
ATOM   706  C C   . ALA A 1 89  ? -1.034  -8.811  -3.003  1.00 62.46  ? 322 ALA A C   1 
ATOM   707  O O   . ALA A 1 89  ? -2.069  -8.217  -3.323  1.00 61.61  ? 322 ALA A O   1 
ATOM   708  C CB  . ALA A 1 89  ? 0.729   -9.723  -4.543  1.00 61.35  ? 322 ALA A CB  1 
ATOM   709  N N   . VAL A 1 90  ? -0.990  -9.704  -2.016  1.00 60.64  ? 323 VAL A N   1 
ATOM   710  C CA  . VAL A 1 90  ? -2.193  -10.024 -1.254  1.00 60.11  ? 323 VAL A CA  1 
ATOM   711  C C   . VAL A 1 90  ? -2.764  -8.743  -0.629  1.00 61.82  ? 323 VAL A C   1 
ATOM   712  O O   . VAL A 1 90  ? -3.920  -8.377  -0.869  1.00 61.65  ? 323 VAL A O   1 
ATOM   713  C CB  . VAL A 1 90  ? -1.906  -11.039 -0.130  1.00 58.71  ? 323 VAL A CB  1 
ATOM   714  C CG1 . VAL A 1 90  ? -3.198  -11.364 0.621   1.00 56.73  ? 323 VAL A CG1 1 
ATOM   715  C CG2 . VAL A 1 90  ? -1.322  -12.289 -0.713  1.00 59.39  ? 323 VAL A CG2 1 
ATOM   716  N N   . HIS A 1 91  ? -1.943  -8.059  0.162   1.00 61.27  ? 324 HIS A N   1 
ATOM   717  C CA  . HIS A 1 91  ? -2.368  -6.832  0.809   1.00 61.78  ? 324 HIS A CA  1 
ATOM   718  C C   . HIS A 1 91  ? -3.024  -5.888  -0.208  1.00 62.83  ? 324 HIS A C   1 
ATOM   719  O O   . HIS A 1 91  ? -4.191  -5.520  -0.058  1.00 62.47  ? 324 HIS A O   1 
ATOM   720  C CB  . HIS A 1 91  ? -1.169  -6.150  1.471   1.00 61.39  ? 324 HIS A CB  1 
ATOM   721  C CG  . HIS A 1 91  ? -1.504  -4.859  2.157   1.00 60.25  ? 324 HIS A CG  1 
ATOM   722  N ND1 . HIS A 1 91  ? -2.391  -4.780  3.211   1.00 58.46  ? 324 HIS A ND1 1 
ATOM   723  C CD2 . HIS A 1 91  ? -1.043  -3.601  1.958   1.00 58.37  ? 324 HIS A CD2 1 
ATOM   724  C CE1 . HIS A 1 91  ? -2.458  -3.530  3.633   1.00 57.25  ? 324 HIS A CE1 1 
ATOM   725  N NE2 . HIS A 1 91  ? -1.649  -2.795  2.888   1.00 58.21  ? 324 HIS A NE2 1 
ATOM   726  N N   . GLU A 1 92  ? -2.285  -5.509  -1.250  1.00 65.07  ? 325 GLU A N   1 
ATOM   727  C CA  . GLU A 1 92  ? -2.843  -4.617  -2.263  1.00 65.44  ? 325 GLU A CA  1 
ATOM   728  C C   . GLU A 1 92  ? -4.150  -5.188  -2.833  1.00 65.34  ? 325 GLU A C   1 
ATOM   729  O O   . GLU A 1 92  ? -5.076  -4.433  -3.131  1.00 65.36  ? 325 GLU A O   1 
ATOM   730  C CB  . GLU A 1 92  ? -1.829  -4.357  -3.394  1.00 65.07  ? 325 GLU A CB  1 
ATOM   731  N N   . GLU A 1 93  ? -4.245  -6.507  -2.990  1.00 63.20  ? 326 GLU A N   1 
ATOM   732  C CA  . GLU A 1 93  ? -5.495  -7.067  -3.491  1.00 63.43  ? 326 GLU A CA  1 
ATOM   733  C C   . GLU A 1 93  ? -6.626  -6.818  -2.489  1.00 62.71  ? 326 GLU A C   1 
ATOM   734  O O   . GLU A 1 93  ? -7.707  -6.350  -2.868  1.00 64.33  ? 326 GLU A O   1 
ATOM   735  C CB  . GLU A 1 93  ? -5.379  -8.561  -3.763  1.00 65.32  ? 326 GLU A CB  1 
ATOM   736  C CG  . GLU A 1 93  ? -4.872  -8.793  -5.077  1.00 70.18  ? 326 GLU A CG  1 
ATOM   737  N N   . ARG A 1 94  ? -6.397  -7.088  -1.208  1.00 60.63  ? 327 ARG A N   1 
ATOM   738  C CA  . ARG A 1 94  ? -7.466  -6.855  -0.239  1.00 60.00  ? 327 ARG A CA  1 
ATOM   739  C C   . ARG A 1 94  ? -7.837  -5.393  -0.159  1.00 57.84  ? 327 ARG A C   1 
ATOM   740  O O   . ARG A 1 94  ? -9.008  -5.047  -0.255  1.00 58.35  ? 327 ARG A O   1 
ATOM   741  C CB  . ARG A 1 94  ? -7.075  -7.362  1.154   1.00 58.39  ? 327 ARG A CB  1 
ATOM   742  C CG  . ARG A 1 94  ? -6.883  -8.854  1.195   1.00 59.71  ? 327 ARG A CG  1 
ATOM   743  C CD  . ARG A 1 94  ? -6.526  -9.356  2.565   1.00 62.32  ? 327 ARG A CD  1 
ATOM   744  N NE  . ARG A 1 94  ? -6.129  -10.767 2.510   1.00 64.85  ? 327 ARG A NE  1 
ATOM   745  C CZ  . ARG A 1 94  ? -5.569  -11.416 3.521   1.00 64.34  ? 327 ARG A CZ  1 
ATOM   746  N NH1 . ARG A 1 94  ? -5.345  -10.771 4.662   1.00 64.40  ? 327 ARG A NH1 1 
ATOM   747  N NH2 . ARG A 1 94  ? -5.241  -12.694 3.390   1.00 63.92  ? 327 ARG A NH2 1 
ATOM   748  N N   . VAL A 1 95  ? -6.841  -4.534  0.012   1.00 58.07  ? 328 VAL A N   1 
ATOM   749  C CA  . VAL A 1 95  ? -7.091  -3.105  0.123   1.00 59.81  ? 328 VAL A CA  1 
ATOM   750  C C   . VAL A 1 95  ? -7.929  -2.599  -1.061  1.00 60.97  ? 328 VAL A C   1 
ATOM   751  O O   . VAL A 1 95  ? -8.868  -1.830  -0.874  1.00 59.98  ? 328 VAL A O   1 
ATOM   752  C CB  . VAL A 1 95  ? -5.746  -2.310  0.215   1.00 58.82  ? 328 VAL A CB  1 
ATOM   753  C CG1 . VAL A 1 95  ? -6.026  -0.827  0.524   1.00 58.89  ? 328 VAL A CG1 1 
ATOM   754  C CG2 . VAL A 1 95  ? -4.861  -2.890  1.307   1.00 55.04  ? 328 VAL A CG2 1 
ATOM   755  N N   . GLN A 1 96  ? -7.596  -3.017  -2.279  1.00 65.62  ? 329 GLN A N   1 
ATOM   756  C CA  . GLN A 1 96  ? -8.376  -2.563  -3.430  1.00 71.10  ? 329 GLN A CA  1 
ATOM   757  C C   . GLN A 1 96  ? -9.793  -3.097  -3.325  1.00 71.00  ? 329 GLN A C   1 
ATOM   758  O O   . GLN A 1 96  ? -10.758 -2.405  -3.669  1.00 70.89  ? 329 GLN A O   1 
ATOM   759  C CB  . GLN A 1 96  ? -7.767  -3.027  -4.757  1.00 73.79  ? 329 GLN A CB  1 
ATOM   760  C CG  . GLN A 1 96  ? -7.247  -1.891  -5.665  1.00 84.57  ? 329 GLN A CG  1 
ATOM   761  C CD  . GLN A 1 96  ? -5.715  -1.907  -5.815  1.00 91.00  ? 329 GLN A CD  1 
ATOM   762  O OE1 . GLN A 1 96  ? -4.986  -1.082  -5.227  1.00 93.22  ? 329 GLN A OE1 1 
ATOM   763  N NE2 . GLN A 1 96  ? -5.226  -2.860  -6.598  1.00 94.79  ? 329 GLN A NE2 1 
ATOM   764  N N   . ALA A 1 97  ? -9.920  -4.336  -2.865  1.00 70.23  ? 330 ALA A N   1 
ATOM   765  C CA  . ALA A 1 97  ? -11.249 -4.906  -2.727  1.00 70.37  ? 330 ALA A CA  1 
ATOM   766  C C   . ALA A 1 97  ? -12.030 -4.135  -1.661  1.00 69.83  ? 330 ALA A C   1 
ATOM   767  O O   . ALA A 1 97  ? -13.185 -3.777  -1.868  1.00 68.68  ? 330 ALA A O   1 
ATOM   768  C CB  . ALA A 1 97  ? -11.164 -6.392  -2.357  1.00 70.97  ? 330 ALA A CB  1 
ATOM   769  N N   . MET A 1 98  ? -11.389 -3.880  -0.522  1.00 70.01  ? 331 MET A N   1 
ATOM   770  C CA  . MET A 1 98  ? -12.025 -3.158  0.572   1.00 69.98  ? 331 MET A CA  1 
ATOM   771  C C   . MET A 1 98  ? -12.437 -1.758  0.118   1.00 70.93  ? 331 MET A C   1 
ATOM   772  O O   . MET A 1 98  ? -13.545 -1.297  0.404   1.00 71.62  ? 331 MET A O   1 
ATOM   773  C CB  . MET A 1 98  ? -11.080 -3.076  1.761   1.00 69.44  ? 331 MET A CB  1 
ATOM   774  N N   . LEU A 1 99  ? -11.541 -1.082  -0.594  1.00 71.81  ? 332 LEU A N   1 
ATOM   775  C CA  . LEU A 1 99  ? -11.825 0.257   -1.102  1.00 73.64  ? 332 LEU A CA  1 
ATOM   776  C C   . LEU A 1 99  ? -13.013 0.248   -2.071  1.00 73.01  ? 332 LEU A C   1 
ATOM   777  O O   . LEU A 1 99  ? -13.886 1.120   -1.999  1.00 72.66  ? 332 LEU A O   1 
ATOM   778  C CB  . LEU A 1 99  ? -10.589 0.841   -1.793  1.00 76.76  ? 332 LEU A CB  1 
ATOM   779  C CG  . LEU A 1 99  ? -9.499  1.391   -0.871  1.00 80.37  ? 332 LEU A CG  1 
ATOM   780  C CD1 . LEU A 1 99  ? -8.276  1.738   -1.712  1.00 82.03  ? 332 LEU A CD1 1 
ATOM   781  C CD2 . LEU A 1 99  ? -10.016 2.602   -0.096  1.00 81.06  ? 332 LEU A CD2 1 
ATOM   782  N N   . ASN A 1 100 ? -13.038 -0.724  -2.981  1.00 70.52  ? 333 ASN A N   1 
ATOM   783  C CA  . ASN A 1 100 ? -14.143 -0.840  -3.934  1.00 69.22  ? 333 ASN A CA  1 
ATOM   784  C C   . ASN A 1 100 ? -15.475 -1.035  -3.194  1.00 68.84  ? 333 ASN A C   1 
ATOM   785  O O   . ASN A 1 100 ? -16.484 -0.415  -3.529  1.00 68.02  ? 333 ASN A O   1 
ATOM   786  C CB  . ASN A 1 100 ? -13.915 -2.025  -4.890  1.00 67.10  ? 333 ASN A CB  1 
ATOM   787  C CG  . ASN A 1 100 ? -13.063 -1.650  -6.092  1.00 65.17  ? 333 ASN A CG  1 
ATOM   788  O OD1 . ASN A 1 100 ? -13.146 -0.529  -6.598  1.00 62.58  ? 333 ASN A OD1 1 
ATOM   789  N ND2 . ASN A 1 100 ? -12.270 -2.589  -6.574  1.00 65.49  ? 333 ASN A ND2 1 
ATOM   790  N N   . GLU A 1 101 ? -15.466 -1.892  -2.178  1.00 69.43  ? 334 GLU A N   1 
ATOM   791  C CA  . GLU A 1 101 ? -16.667 -2.169  -1.408  1.00 70.07  ? 334 GLU A CA  1 
ATOM   792  C C   . GLU A 1 101 ? -17.254 -0.878  -0.896  1.00 68.62  ? 334 GLU A C   1 
ATOM   793  O O   . GLU A 1 101 ? -18.441 -0.614  -1.085  1.00 70.51  ? 334 GLU A O   1 
ATOM   794  C CB  . GLU A 1 101 ? -16.341 -3.079  -0.235  1.00 73.05  ? 334 GLU A CB  1 
ATOM   795  C CG  . GLU A 1 101 ? -17.546 -3.575  0.531   1.00 77.95  ? 334 GLU A CG  1 
ATOM   796  C CD  . GLU A 1 101 ? -17.140 -4.469  1.693   1.00 82.00  ? 334 GLU A CD  1 
ATOM   797  O OE1 . GLU A 1 101 ? -16.706 -3.938  2.737   1.00 83.98  ? 334 GLU A OE1 1 
ATOM   798  O OE2 . GLU A 1 101 ? -17.228 -5.708  1.541   1.00 83.74  ? 334 GLU A OE2 1 
ATOM   799  N N   . LYS A 1 102 ? -16.422 -0.079  -0.232  1.00 65.20  ? 335 LYS A N   1 
ATOM   800  C CA  . LYS A 1 102 ? -16.874 1.208   0.284   1.00 63.93  ? 335 LYS A CA  1 
ATOM   801  C C   . LYS A 1 102 ? -17.502 2.044   -0.833  1.00 60.77  ? 335 LYS A C   1 
ATOM   802  O O   . LYS A 1 102 ? -18.540 2.679   -0.635  1.00 59.85  ? 335 LYS A O   1 
ATOM   803  C CB  . LYS A 1 102 ? -15.716 1.983   0.926   1.00 64.05  ? 335 LYS A CB  1 
ATOM   804  C CG  . LYS A 1 102 ? -15.388 1.444   2.202   1.00 69.70  ? 335 LYS A CG  1 
ATOM   805  N N   . LYS A 1 103 ? -16.877 2.025   -2.010  1.00 58.96  ? 336 LYS A N   1 
ATOM   806  C CA  . LYS A 1 103 ? -17.372 2.767   -3.173  1.00 60.79  ? 336 LYS A CA  1 
ATOM   807  C C   . LYS A 1 103 ? -18.747 2.273   -3.550  1.00 61.41  ? 336 LYS A C   1 
ATOM   808  O O   . LYS A 1 103 ? -19.661 3.051   -3.772  1.00 59.12  ? 336 LYS A O   1 
ATOM   809  C CB  . LYS A 1 103 ? -16.449 2.577   -4.378  1.00 58.70  ? 336 LYS A CB  1 
ATOM   810  C CG  . LYS A 1 103 ? -15.220 3.445   -4.389  1.00 59.08  ? 336 LYS A CG  1 
ATOM   811  C CD  . LYS A 1 103 ? -14.413 3.219   -5.653  1.00 59.25  ? 336 LYS A CD  1 
ATOM   812  C CE  . LYS A 1 103 ? -13.016 3.812   -5.539  1.00 61.08  ? 336 LYS A CE  1 
ATOM   813  N NZ  . LYS A 1 103 ? -12.238 3.611   -6.784  1.00 63.39  ? 336 LYS A NZ  1 
ATOM   814  N N   . ARG A 1 104 ? -18.853 0.952   -3.631  1.00 67.05  ? 337 ARG A N   1 
ATOM   815  C CA  . ARG A 1 104 ? -20.078 0.252   -3.982  1.00 71.43  ? 337 ARG A CA  1 
ATOM   816  C C   . ARG A 1 104 ? -21.162 0.677   -3.019  1.00 71.40  ? 337 ARG A C   1 
ATOM   817  O O   . ARG A 1 104 ? -22.174 1.249   -3.407  1.00 72.27  ? 337 ARG A O   1 
ATOM   818  C CB  . ARG A 1 104 ? -19.824 -1.248  -3.867  1.00 74.56  ? 337 ARG A CB  1 
ATOM   819  C CG  . ARG A 1 104 ? -20.904 -2.163  -4.405  1.00 82.22  ? 337 ARG A CG  1 
ATOM   820  C CD  . ARG A 1 104 ? -20.571 -3.614  -4.054  1.00 89.52  ? 337 ARG A CD  1 
ATOM   821  N NE  . ARG A 1 104 ? -21.595 -4.563  -4.492  1.00 94.80  ? 337 ARG A NE  1 
ATOM   822  C CZ  . ARG A 1 104 ? -21.588 -5.861  -4.189  1.00 96.29  ? 337 ARG A CZ  1 
ATOM   823  N NH1 . ARG A 1 104 ? -20.609 -6.361  -3.443  1.00 95.06  ? 337 ARG A NH1 1 
ATOM   824  N NH2 . ARG A 1 104 ? -22.552 -6.663  -4.633  1.00 95.58  ? 337 ARG A NH2 1 
ATOM   825  N N   . ASP A 1 105 ? -20.929 0.405   -1.745  1.00 71.67  ? 338 ASP A N   1 
ATOM   826  C CA  . ASP A 1 105 ? -21.908 0.742   -0.722  1.00 72.65  ? 338 ASP A CA  1 
ATOM   827  C C   . ASP A 1 105 ? -22.116 2.257   -0.534  1.00 70.60  ? 338 ASP A C   1 
ATOM   828  O O   . ASP A 1 105 ? -23.227 2.713   -0.280  1.00 69.43  ? 338 ASP A O   1 
ATOM   829  C CB  . ASP A 1 105 ? -21.533 0.073   0.606   1.00 77.97  ? 338 ASP A CB  1 
ATOM   830  C CG  . ASP A 1 105 ? -21.380 -1.441  0.478   1.00 82.17  ? 338 ASP A CG  1 
ATOM   831  O OD1 . ASP A 1 105 ? -21.926 -2.031  -0.484  1.00 84.93  ? 338 ASP A OD1 1 
ATOM   832  O OD2 . ASP A 1 105 ? -20.710 -2.025  1.356   1.00 86.46  ? 338 ASP A OD2 1 
ATOM   833  N N   . ALA A 1 106 ? -21.063 3.054   -0.667  1.00 68.58  ? 339 ALA A N   1 
ATOM   834  C CA  . ALA A 1 106 ? -21.240 4.496   -0.507  1.00 67.94  ? 339 ALA A CA  1 
ATOM   835  C C   . ALA A 1 106 ? -22.164 5.019   -1.602  1.00 67.56  ? 339 ALA A C   1 
ATOM   836  O O   . ALA A 1 106 ? -22.914 5.996   -1.411  1.00 65.97  ? 339 ALA A O   1 
ATOM   837  C CB  . ALA A 1 106 ? -19.905 5.220   -0.565  1.00 65.72  ? 339 ALA A CB  1 
ATOM   838  N N   . THR A 1 107 ? -22.099 4.368   -2.758  1.00 66.68  ? 340 THR A N   1 
ATOM   839  C CA  . THR A 1 107 ? -22.918 4.741   -3.902  1.00 68.47  ? 340 THR A CA  1 
ATOM   840  C C   . THR A 1 107 ? -24.383 4.415   -3.633  1.00 68.83  ? 340 THR A C   1 
ATOM   841  O O   . THR A 1 107 ? -25.260 5.253   -3.863  1.00 69.23  ? 340 THR A O   1 
ATOM   842  C CB  . THR A 1 107 ? -22.451 3.986   -5.176  1.00 69.58  ? 340 THR A CB  1 
ATOM   843  O OG1 . THR A 1 107 ? -21.120 4.393   -5.515  1.00 69.90  ? 340 THR A OG1 1 
ATOM   844  C CG2 . THR A 1 107 ? -23.379 4.259   -6.346  1.00 68.60  ? 340 THR A CG2 1 
ATOM   845  N N   . HIS A 1 108 ? -24.644 3.196   -3.155  1.00 71.07  ? 341 HIS A N   1 
ATOM   846  C CA  . HIS A 1 108 ? -26.010 2.754   -2.848  1.00 71.22  ? 341 HIS A CA  1 
ATOM   847  C C   . HIS A 1 108 ? -26.688 3.760   -1.945  1.00 70.02  ? 341 HIS A C   1 
ATOM   848  O O   . HIS A 1 108 ? -27.719 4.307   -2.293  1.00 69.67  ? 341 HIS A O   1 
ATOM   849  C CB  . HIS A 1 108 ? -25.988 1.386   -2.157  1.00 72.27  ? 341 HIS A CB  1 
ATOM   850  C CG  . HIS A 1 108 ? -27.322 0.938   -1.649  1.00 75.51  ? 341 HIS A CG  1 
ATOM   851  N ND1 . HIS A 1 108 ? -28.247 0.284   -2.440  1.00 76.92  ? 341 HIS A ND1 1 
ATOM   852  C CD2 . HIS A 1 108 ? -27.905 1.091   -0.436  1.00 76.00  ? 341 HIS A CD2 1 
ATOM   853  C CE1 . HIS A 1 108 ? -29.340 0.057   -1.735  1.00 78.74  ? 341 HIS A CE1 1 
ATOM   854  N NE2 . HIS A 1 108 ? -29.160 0.535   -0.517  1.00 78.91  ? 341 HIS A NE2 1 
ATOM   855  N N   . ASP A 1 109 ? -26.104 3.987   -0.775  1.00 69.41  ? 342 ASP A N   1 
ATOM   856  C CA  . ASP A 1 109 ? -26.659 4.954   0.158   1.00 69.67  ? 342 ASP A CA  1 
ATOM   857  C C   . ASP A 1 109 ? -26.912 6.272   -0.592  1.00 69.00  ? 342 ASP A C   1 
ATOM   858  O O   . ASP A 1 109 ? -27.900 6.958   -0.323  1.00 69.95  ? 342 ASP A O   1 
ATOM   859  C CB  . ASP A 1 109 ? -25.702 5.214   1.330   1.00 72.97  ? 342 ASP A CB  1 
ATOM   860  C CG  . ASP A 1 109 ? -25.473 3.984   2.197   1.00 76.27  ? 342 ASP A CG  1 
ATOM   861  O OD1 . ASP A 1 109 ? -26.428 3.231   2.449   1.00 81.32  ? 342 ASP A OD1 1 
ATOM   862  O OD2 . ASP A 1 109 ? -24.336 3.776   2.657   1.00 78.00  ? 342 ASP A OD2 1 
ATOM   863  N N   . TYR A 1 110 ? -26.037 6.620   -1.543  1.00 67.03  ? 343 TYR A N   1 
ATOM   864  C CA  . TYR A 1 110 ? -26.197 7.873   -2.298  1.00 66.22  ? 343 TYR A CA  1 
ATOM   865  C C   . TYR A 1 110 ? -27.431 7.926   -3.171  1.00 67.92  ? 343 TYR A C   1 
ATOM   866  O O   . TYR A 1 110 ? -28.248 8.845   -3.049  1.00 66.44  ? 343 TYR A O   1 
ATOM   867  C CB  . TYR A 1 110 ? -24.999 8.150   -3.206  1.00 61.49  ? 343 TYR A CB  1 
ATOM   868  C CG  . TYR A 1 110 ? -25.148 9.418   -4.050  1.00 54.73  ? 343 TYR A CG  1 
ATOM   869  C CD1 . TYR A 1 110 ? -24.906 9.401   -5.418  1.00 51.59  ? 343 TYR A CD1 1 
ATOM   870  C CD2 . TYR A 1 110 ? -25.446 10.641  -3.452  1.00 55.68  ? 343 TYR A CD2 1 
ATOM   871  C CE1 . TYR A 1 110 ? -24.942 10.565  -6.172  1.00 49.82  ? 343 TYR A CE1 1 
ATOM   872  C CE2 . TYR A 1 110 ? -25.484 11.821  -4.183  1.00 52.42  ? 343 TYR A CE2 1 
ATOM   873  C CZ  . TYR A 1 110 ? -25.222 11.775  -5.544  1.00 53.45  ? 343 TYR A CZ  1 
ATOM   874  O OH  . TYR A 1 110 ? -25.174 12.954  -6.267  1.00 50.73  ? 343 TYR A OH  1 
ATOM   875  N N   . ARG A 1 111 ? -27.540 6.961   -4.077  1.00 69.95  ? 344 ARG A N   1 
ATOM   876  C CA  . ARG A 1 111 ? -28.669 6.904   -4.982  1.00 72.10  ? 344 ARG A CA  1 
ATOM   877  C C   . ARG A 1 111 ? -29.992 6.769   -4.249  1.00 75.01  ? 344 ARG A C   1 
ATOM   878  O O   . ARG A 1 111 ? -30.993 7.343   -4.657  1.00 76.16  ? 344 ARG A O   1 
ATOM   879  C CB  . ARG A 1 111 ? -28.486 5.754   -5.950  1.00 72.09  ? 344 ARG A CB  1 
ATOM   880  C CG  . ARG A 1 111 ? -27.410 6.006   -6.993  1.00 70.28  ? 344 ARG A CG  1 
ATOM   881  C CD  . ARG A 1 111 ? -27.977 5.773   -8.369  1.00 70.97  ? 344 ARG A CD  1 
ATOM   882  N NE  . ARG A 1 111 ? -28.012 6.998   -9.161  1.00 73.29  ? 344 ARG A NE  1 
ATOM   883  C CZ  . ARG A 1 111 ? -28.707 7.141   -10.287 1.00 75.55  ? 344 ARG A CZ  1 
ATOM   884  N NH1 . ARG A 1 111 ? -29.442 6.127   -10.756 1.00 77.09  ? 344 ARG A NH1 1 
ATOM   885  N NH2 . ARG A 1 111 ? -28.647 8.286   -10.962 1.00 75.49  ? 344 ARG A NH2 1 
ATOM   886  N N   . GLN A 1 112 ? -30.001 6.019   -3.154  1.00 81.14  ? 345 GLN A N   1 
ATOM   887  C CA  . GLN A 1 112 ? -31.237 5.866   -2.400  1.00 84.52  ? 345 GLN A CA  1 
ATOM   888  C C   . GLN A 1 112 ? -31.558 7.250   -1.844  1.00 85.58  ? 345 GLN A C   1 
ATOM   889  O O   . GLN A 1 112 ? -32.698 7.721   -1.921  1.00 84.90  ? 345 GLN A O   1 
ATOM   890  C CB  . GLN A 1 112 ? -31.070 4.842   -1.264  1.00 85.09  ? 345 GLN A CB  1 
ATOM   891  C CG  . GLN A 1 112 ? -32.263 3.871   -1.130  1.00 90.99  ? 345 GLN A CG  1 
ATOM   892  C CD  . GLN A 1 112 ? -32.063 2.775   -0.088  1.00 94.00  ? 345 GLN A CD  1 
ATOM   893  O OE1 . GLN A 1 112 ? -32.392 1.602   -0.320  1.00 94.33  ? 345 GLN A OE1 1 
ATOM   894  N NE2 . GLN A 1 112 ? -31.545 3.150   1.063   1.00 94.43  ? 345 GLN A NE2 1 
ATOM   895  N N   . ALA A 1 113 ? -30.535 7.901   -1.298  1.00 82.89  ? 346 ALA A N   1 
ATOM   896  C CA  . ALA A 1 113 ? -30.694 9.232   -0.732  1.00 82.10  ? 346 ALA A CA  1 
ATOM   897  C C   . ALA A 1 113 ? -31.405 10.123  -1.741  1.00 81.38  ? 346 ALA A C   1 
ATOM   898  O O   . ALA A 1 113 ? -32.267 10.927  -1.384  1.00 80.86  ? 346 ALA A O   1 
ATOM   899  C CB  . ALA A 1 113 ? -29.335 9.820   -0.383  1.00 83.39  ? 346 ALA A CB  1 
ATOM   900  N N   . LEU A 1 114 ? -31.030 9.981   -3.006  1.00 81.05  ? 347 LEU A N   1 
ATOM   901  C CA  . LEU A 1 114 ? -31.631 10.779  -4.068  1.00 79.33  ? 347 LEU A CA  1 
ATOM   902  C C   . LEU A 1 114 ? -33.056 10.340  -4.382  1.00 81.17  ? 347 LEU A C   1 
ATOM   903  O O   . LEU A 1 114 ? -33.970 11.168  -4.438  1.00 81.95  ? 347 LEU A O   1 
ATOM   904  C CB  . LEU A 1 114 ? -30.784 10.710  -5.345  1.00 73.61  ? 347 LEU A CB  1 
ATOM   905  C CG  . LEU A 1 114 ? -29.605 11.673  -5.422  1.00 70.76  ? 347 LEU A CG  1 
ATOM   906  C CD1 . LEU A 1 114 ? -28.779 11.349  -6.647  1.00 64.03  ? 347 LEU A CD1 1 
ATOM   907  C CD2 . LEU A 1 114 ? -30.101 13.131  -5.458  1.00 65.36  ? 347 LEU A CD2 1 
ATOM   908  N N   . ALA A 1 115 ? -33.245 9.042   -4.604  1.00 81.72  ? 348 ALA A N   1 
ATOM   909  C CA  . ALA A 1 115 ? -34.570 8.525   -4.907  1.00 81.46  ? 348 ALA A CA  1 
ATOM   910  C C   . ALA A 1 115 ? -35.526 8.947   -3.798  1.00 82.08  ? 348 ALA A C   1 
ATOM   911  O O   . ALA A 1 115 ? -36.601 9.473   -4.076  1.00 81.14  ? 348 ALA A O   1 
ATOM   912  C CB  . ALA A 1 115 ? -34.535 7.008   -5.049  1.00 83.70  ? 348 ALA A CB  1 
ATOM   913  N N   . THR A 1 116 ? -35.132 8.733   -2.545  1.00 81.40  ? 349 THR A N   1 
ATOM   914  C CA  . THR A 1 116 ? -35.972 9.115   -1.412  1.00 82.81  ? 349 THR A CA  1 
ATOM   915  C C   . THR A 1 116 ? -36.256 10.602  -1.407  1.00 84.99  ? 349 THR A C   1 
ATOM   916  O O   . THR A 1 116 ? -37.231 11.058  -0.827  1.00 86.71  ? 349 THR A O   1 
ATOM   917  C CB  . THR A 1 116 ? -35.324 8.753   -0.075  1.00 82.34  ? 349 THR A CB  1 
ATOM   918  O OG1 . THR A 1 116 ? -35.357 7.332   0.100   1.00 81.95  ? 349 THR A OG1 1 
ATOM   919  C CG2 . THR A 1 116 ? -36.053 9.430   1.075   1.00 80.24  ? 349 THR A CG2 1 
ATOM   920  N N   . HIS A 1 117 ? -35.404 11.358  -2.078  1.00 86.47  ? 350 HIS A N   1 
ATOM   921  C CA  . HIS A 1 117 ? -35.567 12.800  -2.146  1.00 87.04  ? 350 HIS A CA  1 
ATOM   922  C C   . HIS A 1 117 ? -36.668 13.217  -3.100  1.00 91.24  ? 350 HIS A C   1 
ATOM   923  O O   . HIS A 1 117 ? -37.384 14.181  -2.841  1.00 93.07  ? 350 HIS A O   1 
ATOM   924  C CB  . HIS A 1 117 ? -34.267 13.462  -2.580  1.00 83.99  ? 350 HIS A CB  1 
ATOM   925  C CG  . HIS A 1 117 ? -34.299 14.949  -2.470  1.00 79.73  ? 350 HIS A CG  1 
ATOM   926  N ND1 . HIS A 1 117 ? -34.274 15.601  -1.253  1.00 76.39  ? 350 HIS A ND1 1 
ATOM   927  C CD2 . HIS A 1 117 ? -34.408 15.917  -3.410  1.00 77.65  ? 350 HIS A CD2 1 
ATOM   928  C CE1 . HIS A 1 117 ? -34.365 16.901  -1.450  1.00 74.45  ? 350 HIS A CE1 1 
ATOM   929  N NE2 . HIS A 1 117 ? -34.448 17.122  -2.751  1.00 75.02  ? 350 HIS A NE2 1 
ATOM   930  N N   . VAL A 1 118 ? -36.766 12.508  -4.221  1.00 94.75  ? 351 VAL A N   1 
ATOM   931  C CA  . VAL A 1 118 ? -37.788 12.797  -5.213  1.00 95.29  ? 351 VAL A CA  1 
ATOM   932  C C   . VAL A 1 118 ? -39.089 13.061  -4.486  1.00 100.36 ? 351 VAL A C   1 
ATOM   933  O O   . VAL A 1 118 ? -39.787 14.032  -4.775  1.00 101.32 ? 351 VAL A O   1 
ATOM   934  C CB  . VAL A 1 118 ? -37.986 11.599  -6.181  1.00 94.92  ? 351 VAL A CB  1 
ATOM   935  C CG1 . VAL A 1 118 ? -39.454 11.428  -6.525  1.00 91.56  ? 351 VAL A CG1 1 
ATOM   936  C CG2 . VAL A 1 118 ? -37.155 11.790  -7.458  1.00 93.60  ? 351 VAL A CG2 1 
ATOM   937  N N   . ASN A 1 119 ? -39.407 12.180  -3.543  1.00 101.93 ? 352 ASN A N   1 
ATOM   938  C CA  . ASN A 1 119 ? -40.629 12.282  -2.758  1.00 103.54 ? 352 ASN A CA  1 
ATOM   939  C C   . ASN A 1 119 ? -40.454 13.337  -1.674  1.00 103.07 ? 352 ASN A C   1 
ATOM   940  O O   . ASN A 1 119 ? -40.938 14.460  -1.791  1.00 103.99 ? 352 ASN A O   1 
ATOM   941  C CB  . ASN A 1 119 ? -40.951 10.946  -2.087  1.00 106.71 ? 352 ASN A CB  1 
ATOM   942  C CG  . ASN A 1 119 ? -40.516 9.739   -2.911  1.00 108.44 ? 352 ASN A CG  1 
ATOM   943  O OD1 . ASN A 1 119 ? -39.912 8.815   -2.371  1.00 109.42 ? 352 ASN A OD1 1 
ATOM   944  N ND2 . ASN A 1 119 ? -40.838 9.726   -4.203  1.00 108.84 ? 352 ASN A ND2 1 
ATOM   945  N N   . LYS A 1 120 ? -39.762 12.984  -0.597  1.00 99.10  ? 353 LYS A N   1 
ATOM   946  C CA  . LYS A 1 120 ? -39.555 13.955  0.487   1.00 97.37  ? 353 LYS A CA  1 
ATOM   947  C C   . LYS A 1 120 ? -38.099 14.311  0.723   1.00 98.17  ? 353 LYS A C   1 
ATOM   948  O O   . LYS A 1 120 ? -37.220 13.455  0.676   1.00 94.68  ? 353 LYS A O   1 
ATOM   949  C CB  . LYS A 1 120 ? -40.203 13.467  1.766   1.00 97.14  ? 353 LYS A CB  1 
ATOM   950  C CG  . LYS A 1 120 ? -39.588 12.239  2.392   1.00 96.03  ? 353 LYS A CG  1 
ATOM   951  C CD  . LYS A 1 120 ? -40.000 10.991  1.660   1.00 96.98  ? 353 LYS A CD  1 
ATOM   952  C CE  . LYS A 1 120 ? -39.538 9.773   2.440   1.00 98.00  ? 353 LYS A CE  1 
ATOM   953  N NZ  . LYS A 1 120 ? -40.050 8.533   1.795   1.00 98.16  ? 353 LYS A NZ  1 
ATOM   954  N N   . PRO A 1 121 ? -37.833 15.601  0.992   1.00 95.26  ? 354 PRO A N   1 
ATOM   955  C CA  . PRO A 1 121 ? -36.532 16.225  1.248   1.00 97.04  ? 354 PRO A CA  1 
ATOM   956  C C   . PRO A 1 121 ? -35.495 15.430  2.042   1.00 98.58  ? 354 PRO A C   1 
ATOM   957  O O   . PRO A 1 121 ? -35.313 15.667  3.239   1.00 96.23  ? 354 PRO A O   1 
ATOM   958  C CB  . PRO A 1 121 ? -36.892 17.525  1.972   1.00 95.22  ? 354 PRO A CB  1 
ATOM   959  C CG  . PRO A 1 121 ? -38.096 17.927  1.236   1.00 93.90  ? 354 PRO A CG  1 
ATOM   960  C CD  . PRO A 1 121 ? -38.884 16.624  1.045   1.00 94.15  ? 354 PRO A CD  1 
ATOM   961  N N   . ASN A 1 122 ? -34.780 14.535  1.367   1.00 95.86  ? 355 ASN A N   1 
ATOM   962  C CA  . ASN A 1 122 ? -33.747 13.795  2.029   1.00 94.24  ? 355 ASN A CA  1 
ATOM   963  C C   . ASN A 1 122 ? -32.499 14.681  2.117   1.00 93.59  ? 355 ASN A C   1 
ATOM   964  O O   . ASN A 1 122 ? -31.383 14.210  2.357   1.00 93.84  ? 355 ASN A O   1 
ATOM   965  C CB  . ASN A 1 122 ? -33.455 12.508  1.286   1.00 95.77  ? 355 ASN A CB  1 
ATOM   966  C CG  . ASN A 1 122 ? -32.733 11.521  2.138   1.00 97.37  ? 355 ASN A CG  1 
ATOM   967  O OD1 . ASN A 1 122 ? -32.693 11.651  3.353   1.00 97.92  ? 355 ASN A OD1 1 
ATOM   968  N ND2 . ASN A 1 122 ? -32.157 10.499  1.497   1.00 98.16  ? 355 ASN A ND2 1 
ATOM   969  N N   . LYS A 1 123 ? -32.715 15.971  1.881   1.00 90.52  ? 356 LYS A N   1 
ATOM   970  C CA  . LYS A 1 123 ? -31.691 17.005  1.949   1.00 88.87  ? 356 LYS A CA  1 
ATOM   971  C C   . LYS A 1 123 ? -30.344 16.557  2.514   1.00 86.00  ? 356 LYS A C   1 
ATOM   972  O O   . LYS A 1 123 ? -29.452 16.159  1.768   1.00 85.53  ? 356 LYS A O   1 
ATOM   973  C CB  . LYS A 1 123 ? -32.245 18.155  2.792   1.00 88.47  ? 356 LYS A CB  1 
ATOM   974  C CG  . LYS A 1 123 ? -33.145 17.632  3.932   1.00 87.18  ? 356 LYS A CG  1 
ATOM   975  C CD  . LYS A 1 123 ? -33.289 18.613  5.074   1.00 87.85  ? 356 LYS A CD  1 
ATOM   976  C CE  . LYS A 1 123 ? -34.034 19.854  4.649   1.00 89.67  ? 356 LYS A CE  1 
ATOM   977  N NZ  . LYS A 1 123 ? -35.466 19.560  4.368   1.00 90.42  ? 356 LYS A NZ  1 
ATOM   978  N N   . HIS A 1 124 ? -30.218 16.643  3.837   1.00 85.32  ? 357 HIS A N   1 
ATOM   979  C CA  . HIS A 1 124 ? -29.008 16.286  4.569   1.00 84.60  ? 357 HIS A CA  1 
ATOM   980  C C   . HIS A 1 124 ? -28.445 14.915  4.231   1.00 80.65  ? 357 HIS A C   1 
ATOM   981  O O   . HIS A 1 124 ? -27.253 14.773  3.973   1.00 80.60  ? 357 HIS A O   1 
ATOM   982  C CB  . HIS A 1 124 ? -29.280 16.382  6.079   1.00 91.23  ? 357 HIS A CB  1 
ATOM   983  C CG  . HIS A 1 124 ? -28.299 15.641  6.928   1.00 98.37  ? 357 HIS A CG  1 
ATOM   984  N ND1 . HIS A 1 124 ? -28.294 14.261  7.025   1.00 102.51 ? 357 HIS A ND1 1 
ATOM   985  C CD2 . HIS A 1 124 ? -27.298 16.070  7.735   1.00 102.14 ? 357 HIS A CD2 1 
ATOM   986  C CE1 . HIS A 1 124 ? -27.341 13.883  7.853   1.00 105.92 ? 357 HIS A CE1 1 
ATOM   987  N NE2 . HIS A 1 124 ? -26.719 14.960  8.299   1.00 105.64 ? 357 HIS A NE2 1 
ATOM   988  N N   . SER A 1 125 ? -29.299 13.901  4.234   1.00 78.28  ? 358 SER A N   1 
ATOM   989  C CA  . SER A 1 125 ? -28.839 12.552  3.939   1.00 74.40  ? 358 SER A CA  1 
ATOM   990  C C   . SER A 1 125 ? -28.140 12.457  2.587   1.00 71.39  ? 358 SER A C   1 
ATOM   991  O O   . SER A 1 125 ? -27.134 11.758  2.448   1.00 69.23  ? 358 SER A O   1 
ATOM   992  C CB  . SER A 1 125 ? -30.009 11.566  3.997   1.00 73.84  ? 358 SER A CB  1 
ATOM   993  O OG  . SER A 1 125 ? -29.556 10.241  3.824   1.00 72.36  ? 358 SER A OG  1 
ATOM   994  N N   . VAL A 1 126 ? -28.664 13.160  1.588   1.00 67.27  ? 359 VAL A N   1 
ATOM   995  C CA  . VAL A 1 126 ? -28.050 13.120  0.263   1.00 66.30  ? 359 VAL A CA  1 
ATOM   996  C C   . VAL A 1 126 ? -26.581 13.510  0.365   1.00 66.61  ? 359 VAL A C   1 
ATOM   997  O O   . VAL A 1 126 ? -25.703 12.782  -0.122  1.00 64.89  ? 359 VAL A O   1 
ATOM   998  C CB  . VAL A 1 126 ? -28.822 14.031  -0.744  1.00 65.51  ? 359 VAL A CB  1 
ATOM   999  C CG1 . VAL A 1 126 ? -27.912 14.501  -1.874  1.00 60.71  ? 359 VAL A CG1 1 
ATOM   1000 C CG2 . VAL A 1 126 ? -29.984 13.244  -1.346  1.00 64.33  ? 359 VAL A CG2 1 
ATOM   1001 N N   . LEU A 1 127 ? -26.332 14.646  1.014   1.00 65.78  ? 360 LEU A N   1 
ATOM   1002 C CA  . LEU A 1 127 ? -24.988 15.176  1.216   1.00 65.55  ? 360 LEU A CA  1 
ATOM   1003 C C   . LEU A 1 127 ? -24.058 14.229  1.980   1.00 67.74  ? 360 LEU A C   1 
ATOM   1004 O O   . LEU A 1 127 ? -22.976 13.893  1.504   1.00 68.62  ? 360 LEU A O   1 
ATOM   1005 C CB  . LEU A 1 127 ? -25.079 16.514  1.950   1.00 63.55  ? 360 LEU A CB  1 
ATOM   1006 C CG  . LEU A 1 127 ? -23.797 17.229  2.382   1.00 61.82  ? 360 LEU A CG  1 
ATOM   1007 C CD1 . LEU A 1 127 ? -22.812 17.312  1.236   1.00 61.66  ? 360 LEU A CD1 1 
ATOM   1008 C CD2 . LEU A 1 127 ? -24.151 18.625  2.845   1.00 60.74  ? 360 LEU A CD2 1 
ATOM   1009 N N   . GLN A 1 128 ? -24.480 13.795  3.165   1.00 71.84  ? 361 GLN A N   1 
ATOM   1010 C CA  . GLN A 1 128 ? -23.672 12.884  3.978   1.00 73.54  ? 361 GLN A CA  1 
ATOM   1011 C C   . GLN A 1 128 ? -23.356 11.649  3.167   1.00 73.77  ? 361 GLN A C   1 
ATOM   1012 O O   . GLN A 1 128 ? -22.324 11.002  3.356   1.00 74.77  ? 361 GLN A O   1 
ATOM   1013 C CB  . GLN A 1 128 ? -24.424 12.473  5.246   1.00 74.31  ? 361 GLN A CB  1 
ATOM   1014 C CG  . GLN A 1 128 ? -23.778 12.991  6.403   1.00 78.94  ? 361 GLN A CG  1 
ATOM   1015 N N   . SER A 1 129 ? -24.263 11.333  2.251   1.00 71.41  ? 362 SER A N   1 
ATOM   1016 C CA  . SER A 1 129 ? -24.102 10.168  1.395   1.00 70.13  ? 362 SER A CA  1 
ATOM   1017 C C   . SER A 1 129 ? -23.011 10.433  0.362   1.00 68.84  ? 362 SER A C   1 
ATOM   1018 O O   . SER A 1 129 ? -22.105 9.620   0.144   1.00 67.80  ? 362 SER A O   1 
ATOM   1019 C CB  . SER A 1 129 ? -25.420 9.856   0.699   1.00 71.24  ? 362 SER A CB  1 
ATOM   1020 O OG  . SER A 1 129 ? -25.399 8.530   0.226   1.00 72.97  ? 362 SER A OG  1 
ATOM   1021 N N   . LEU A 1 130 ? -23.105 11.605  -0.255  1.00 66.94  ? 363 LEU A N   1 
ATOM   1022 C CA  . LEU A 1 130 ? -22.152 12.041  -1.268  1.00 64.36  ? 363 LEU A CA  1 
ATOM   1023 C C   . LEU A 1 130 ? -20.739 12.135  -0.689  1.00 64.85  ? 363 LEU A C   1 
ATOM   1024 O O   . LEU A 1 130 ? -19.793 11.567  -1.247  1.00 64.91  ? 363 LEU A O   1 
ATOM   1025 C CB  . LEU A 1 130 ? -22.586 13.399  -1.814  1.00 59.18  ? 363 LEU A CB  1 
ATOM   1026 C CG  . LEU A 1 130 ? -21.954 13.822  -3.129  1.00 57.06  ? 363 LEU A CG  1 
ATOM   1027 C CD1 . LEU A 1 130 ? -22.169 12.717  -4.150  1.00 55.36  ? 363 LEU A CD1 1 
ATOM   1028 C CD2 . LEU A 1 130 ? -22.607 15.113  -3.615  1.00 51.33  ? 363 LEU A CD2 1 
ATOM   1029 N N   . LYS A 1 131 ? -20.613 12.841  0.437   1.00 63.48  ? 364 LYS A N   1 
ATOM   1030 C CA  . LYS A 1 131 ? -19.322 13.016  1.095   1.00 63.77  ? 364 LYS A CA  1 
ATOM   1031 C C   . LYS A 1 131 ? -18.687 11.670  1.399   1.00 64.17  ? 364 LYS A C   1 
ATOM   1032 O O   . LYS A 1 131 ? -17.466 11.524  1.367   1.00 64.82  ? 364 LYS A O   1 
ATOM   1033 C CB  . LYS A 1 131 ? -19.466 13.829  2.387   1.00 64.47  ? 364 LYS A CB  1 
ATOM   1034 C CG  . LYS A 1 131 ? -20.185 15.153  2.170   1.00 67.37  ? 364 LYS A CG  1 
ATOM   1035 C CD  . LYS A 1 131 ? -19.735 16.265  3.111   1.00 68.15  ? 364 LYS A CD  1 
ATOM   1036 C CE  . LYS A 1 131 ? -20.391 16.153  4.473   1.00 70.53  ? 364 LYS A CE  1 
ATOM   1037 N NZ  . LYS A 1 131 ? -20.160 17.371  5.303   1.00 69.45  ? 364 LYS A NZ  1 
ATOM   1038 N N   . ALA A 1 132 ? -19.516 10.673  1.682   1.00 64.41  ? 365 ALA A N   1 
ATOM   1039 C CA  . ALA A 1 132 ? -18.992 9.342   1.969   1.00 62.21  ? 365 ALA A CA  1 
ATOM   1040 C C   . ALA A 1 132 ? -18.398 8.769   0.684   1.00 60.23  ? 365 ALA A C   1 
ATOM   1041 O O   . ALA A 1 132 ? -17.293 8.209   0.669   1.00 57.43  ? 365 ALA A O   1 
ATOM   1042 C CB  . ALA A 1 132 ? -20.100 8.444   2.490   1.00 62.57  ? 365 ALA A CB  1 
ATOM   1043 N N   . TYR A 1 133 ? -19.142 8.920   -0.402  1.00 56.51  ? 366 TYR A N   1 
ATOM   1044 C CA  . TYR A 1 133 ? -18.684 8.420   -1.689  1.00 53.99  ? 366 TYR A CA  1 
ATOM   1045 C C   . TYR A 1 133 ? -17.382 9.099   -2.080  1.00 53.17  ? 366 TYR A C   1 
ATOM   1046 O O   . TYR A 1 133 ? -16.474 8.453   -2.616  1.00 53.22  ? 366 TYR A O   1 
ATOM   1047 C CB  . TYR A 1 133 ? -19.744 8.669   -2.763  1.00 52.79  ? 366 TYR A CB  1 
ATOM   1048 C CG  . TYR A 1 133 ? -19.247 8.350   -4.138  1.00 51.20  ? 366 TYR A CG  1 
ATOM   1049 C CD1 . TYR A 1 133 ? -18.973 7.036   -4.525  1.00 52.00  ? 366 TYR A CD1 1 
ATOM   1050 C CD2 . TYR A 1 133 ? -18.979 9.375   -5.037  1.00 50.74  ? 366 TYR A CD2 1 
ATOM   1051 C CE1 . TYR A 1 133 ? -18.438 6.762   -5.774  1.00 52.73  ? 366 TYR A CE1 1 
ATOM   1052 C CE2 . TYR A 1 133 ? -18.444 9.125   -6.287  1.00 50.39  ? 366 TYR A CE2 1 
ATOM   1053 C CZ  . TYR A 1 133 ? -18.172 7.815   -6.653  1.00 54.02  ? 366 TYR A CZ  1 
ATOM   1054 O OH  . TYR A 1 133 ? -17.620 7.565   -7.902  1.00 54.52  ? 366 TYR A OH  1 
ATOM   1055 N N   . ILE A 1 134 ? -17.303 10.403  -1.824  1.00 51.06  ? 367 ILE A N   1 
ATOM   1056 C CA  . ILE A 1 134 ? -16.113 11.178  -2.139  1.00 49.20  ? 367 ILE A CA  1 
ATOM   1057 C C   . ILE A 1 134 ? -14.917 10.689  -1.329  1.00 49.43  ? 367 ILE A C   1 
ATOM   1058 O O   . ILE A 1 134 ? -13.832 10.464  -1.857  1.00 49.13  ? 367 ILE A O   1 
ATOM   1059 C CB  . ILE A 1 134 ? -16.351 12.678  -1.835  1.00 48.24  ? 367 ILE A CB  1 
ATOM   1060 C CG1 . ILE A 1 134 ? -17.204 13.279  -2.953  1.00 45.41  ? 367 ILE A CG1 1 
ATOM   1061 C CG2 . ILE A 1 134 ? -15.014 13.429  -1.694  1.00 43.22  ? 367 ILE A CG2 1 
ATOM   1062 C CD1 . ILE A 1 134 ? -17.520 14.728  -2.753  1.00 43.13  ? 367 ILE A CD1 1 
ATOM   1063 N N   . ARG A 1 135 ? -15.123 10.534  -0.031  1.00 53.15  ? 368 ARG A N   1 
ATOM   1064 C CA  . ARG A 1 135 ? -14.065 10.065  0.858   1.00 53.64  ? 368 ARG A CA  1 
ATOM   1065 C C   . ARG A 1 135 ? -13.535 8.767   0.267   1.00 53.96  ? 368 ARG A C   1 
ATOM   1066 O O   . ARG A 1 135 ? -12.324 8.587   0.148   1.00 54.45  ? 368 ARG A O   1 
ATOM   1067 C CB  . ARG A 1 135 ? -14.644 9.814   2.261   1.00 54.41  ? 368 ARG A CB  1 
ATOM   1068 C CG  . ARG A 1 135 ? -14.016 10.660  3.361   1.00 56.53  ? 368 ARG A CG  1 
ATOM   1069 C CD  . ARG A 1 135 ? -14.674 10.462  4.721   1.00 54.70  ? 368 ARG A CD  1 
ATOM   1070 N NE  . ARG A 1 135 ? -15.944 11.159  4.800   1.00 57.06  ? 368 ARG A NE  1 
ATOM   1071 C CZ  . ARG A 1 135 ? -17.113 10.550  4.925   1.00 60.22  ? 368 ARG A CZ  1 
ATOM   1072 N NH1 . ARG A 1 135 ? -17.143 9.223   4.986   1.00 60.26  ? 368 ARG A NH1 1 
ATOM   1073 N NH2 . ARG A 1 135 ? -18.238 11.267  4.981   1.00 60.69  ? 368 ARG A NH2 1 
ATOM   1074 N N   . ALA A 1 136 ? -14.454 7.881   -0.127  1.00 54.15  ? 369 ALA A N   1 
ATOM   1075 C CA  . ALA A 1 136 ? -14.098 6.574   -0.692  1.00 55.45  ? 369 ALA A CA  1 
ATOM   1076 C C   . ALA A 1 136 ? -13.175 6.658   -1.895  1.00 55.66  ? 369 ALA A C   1 
ATOM   1077 O O   . ALA A 1 136 ? -12.103 6.056   -1.913  1.00 55.89  ? 369 ALA A O   1 
ATOM   1078 C CB  . ALA A 1 136 ? -15.353 5.801   -1.064  1.00 55.59  ? 369 ALA A CB  1 
ATOM   1079 N N   . GLU A 1 137 ? -13.609 7.379   -2.921  1.00 53.65  ? 370 GLU A N   1 
ATOM   1080 C CA  . GLU A 1 137 ? -12.785 7.534   -4.109  1.00 54.22  ? 370 GLU A CA  1 
ATOM   1081 C C   . GLU A 1 137 ? -11.445 8.199   -3.752  1.00 55.31  ? 370 GLU A C   1 
ATOM   1082 O O   . GLU A 1 137 ? -10.375 7.744   -4.179  1.00 53.77  ? 370 GLU A O   1 
ATOM   1083 C CB  . GLU A 1 137 ? -13.529 8.357   -5.160  1.00 52.69  ? 370 GLU A CB  1 
ATOM   1084 C CG  . GLU A 1 137 ? -14.749 7.642   -5.692  1.00 52.36  ? 370 GLU A CG  1 
ATOM   1085 C CD  . GLU A 1 137 ? -14.407 6.706   -6.825  1.00 54.27  ? 370 GLU A CD  1 
ATOM   1086 O OE1 . GLU A 1 137 ? -13.240 6.274   -6.903  1.00 54.36  ? 370 GLU A OE1 1 
ATOM   1087 O OE2 . GLU A 1 137 ? -15.299 6.395   -7.645  1.00 57.30  ? 370 GLU A OE2 1 
ATOM   1088 N N   . GLU A 1 138 ? -11.496 9.261   -2.948  1.00 56.78  ? 371 GLU A N   1 
ATOM   1089 C CA  . GLU A 1 138 ? -10.267 9.948   -2.578  1.00 58.03  ? 371 GLU A CA  1 
ATOM   1090 C C   . GLU A 1 138 ? -9.303  9.029   -1.801  1.00 58.34  ? 371 GLU A C   1 
ATOM   1091 O O   . GLU A 1 138 ? -8.088  9.148   -1.949  1.00 56.63  ? 371 GLU A O   1 
ATOM   1092 C CB  . GLU A 1 138 ? -10.590 11.227  -1.805  1.00 56.90  ? 371 GLU A CB  1 
ATOM   1093 C CG  . GLU A 1 138 ? -9.824  12.460  -2.324  1.00 61.67  ? 371 GLU A CG  1 
ATOM   1094 C CD  . GLU A 1 138 ? -10.135 12.806  -3.787  1.00 62.60  ? 371 GLU A CD  1 
ATOM   1095 O OE1 . GLU A 1 138 ? -11.314 12.872  -4.164  1.00 64.67  ? 371 GLU A OE1 1 
ATOM   1096 O OE2 . GLU A 1 138 ? -9.200  13.027  -4.563  1.00 64.35  ? 371 GLU A OE2 1 
ATOM   1097 N N   . LYS A 1 139 ? -9.836  8.113   -0.988  1.00 59.52  ? 372 LYS A N   1 
ATOM   1098 C CA  . LYS A 1 139 ? -8.982  7.167   -0.259  1.00 60.32  ? 372 LYS A CA  1 
ATOM   1099 C C   . LYS A 1 139 ? -8.279  6.308   -1.303  1.00 60.02  ? 372 LYS A C   1 
ATOM   1100 O O   . LYS A 1 139 ? -7.130  5.914   -1.143  1.00 60.28  ? 372 LYS A O   1 
ATOM   1101 C CB  . LYS A 1 139 ? -9.812  6.262   0.657   1.00 61.48  ? 372 LYS A CB  1 
ATOM   1102 C CG  . LYS A 1 139 ? -10.167 6.952   1.852   1.00 63.90  ? 372 LYS A CG  1 
ATOM   1103 N N   . ASP A 1 140 ? -8.988  6.014   -2.382  1.00 60.28  ? 373 ASP A N   1 
ATOM   1104 C CA  . ASP A 1 140 ? -8.422  5.209   -3.457  1.00 59.59  ? 373 ASP A CA  1 
ATOM   1105 C C   . ASP A 1 140 ? -7.227  5.959   -4.054  1.00 58.90  ? 373 ASP A C   1 
ATOM   1106 O O   . ASP A 1 140 ? -6.177  5.376   -4.323  1.00 58.98  ? 373 ASP A O   1 
ATOM   1107 C CB  . ASP A 1 140 ? -9.483  4.939   -4.535  1.00 58.78  ? 373 ASP A CB  1 
ATOM   1108 C CG  . ASP A 1 140 ? -9.039  3.904   -5.553  1.00 59.06  ? 373 ASP A CG  1 
ATOM   1109 O OD1 . ASP A 1 140 ? -7.881  3.431   -5.494  1.00 57.76  ? 373 ASP A OD1 1 
ATOM   1110 O OD2 . ASP A 1 140 ? -9.859  3.563   -6.425  1.00 56.76  ? 373 ASP A OD2 1 
ATOM   1111 N N   . ARG A 1 141 ? -7.396  7.258   -4.273  1.00 57.77  ? 374 ARG A N   1 
ATOM   1112 C CA  . ARG A 1 141 ? -6.334  8.085   -4.840  1.00 57.94  ? 374 ARG A CA  1 
ATOM   1113 C C   . ARG A 1 141 ? -5.121  8.049   -3.914  1.00 58.55  ? 374 ARG A C   1 
ATOM   1114 O O   . ARG A 1 141 ? -4.027  7.671   -4.314  1.00 59.04  ? 374 ARG A O   1 
ATOM   1115 C CB  . ARG A 1 141 ? -6.834  9.528   -5.023  1.00 55.30  ? 374 ARG A CB  1 
ATOM   1116 C CG  . ARG A 1 141 ? -5.900  10.492  -5.724  1.00 53.77  ? 374 ARG A CG  1 
ATOM   1117 C CD  . ARG A 1 141 ? -6.661  11.747  -6.035  1.00 51.81  ? 374 ARG A CD  1 
ATOM   1118 N NE  . ARG A 1 141 ? -5.865  12.810  -6.611  1.00 54.89  ? 374 ARG A NE  1 
ATOM   1119 C CZ  . ARG A 1 141 ? -4.966  13.527  -5.945  1.00 56.26  ? 374 ARG A CZ  1 
ATOM   1120 N NH1 . ARG A 1 141 ? -4.739  13.294  -4.661  1.00 56.27  ? 374 ARG A NH1 1 
ATOM   1121 N NH2 . ARG A 1 141 ? -4.292  14.489  -6.573  1.00 56.41  ? 374 ARG A NH2 1 
ATOM   1122 N N   . MET A 1 142 ? -5.329  8.425   -2.663  1.00 60.97  ? 375 MET A N   1 
ATOM   1123 C CA  . MET A 1 142 ? -4.252  8.442   -1.690  1.00 65.24  ? 375 MET A CA  1 
ATOM   1124 C C   . MET A 1 142 ? -3.438  7.144   -1.713  1.00 64.26  ? 375 MET A C   1 
ATOM   1125 O O   . MET A 1 142 ? -2.215  7.180   -1.813  1.00 65.67  ? 375 MET A O   1 
ATOM   1126 C CB  . MET A 1 142 ? -4.815  8.696   -0.293  1.00 67.01  ? 375 MET A CB  1 
ATOM   1127 C CG  . MET A 1 142 ? -3.785  8.549   0.797   1.00 75.96  ? 375 MET A CG  1 
ATOM   1128 S SD  . MET A 1 142 ? -4.590  8.445   2.398   1.00 81.31  ? 375 MET A SD  1 
ATOM   1129 C CE  . MET A 1 142 ? -5.469  6.944   2.219   1.00 85.17  ? 375 MET A CE  1 
ATOM   1130 N N   . HIS A 1 143 ? -4.108  6.003   -1.630  1.00 64.17  ? 376 HIS A N   1 
ATOM   1131 C CA  . HIS A 1 143 ? -3.383  4.745   -1.660  1.00 66.38  ? 376 HIS A CA  1 
ATOM   1132 C C   . HIS A 1 143 ? -2.621  4.554   -2.959  1.00 63.55  ? 376 HIS A C   1 
ATOM   1133 O O   . HIS A 1 143 ? -1.481  4.114   -2.951  1.00 63.28  ? 376 HIS A O   1 
ATOM   1134 C CB  . HIS A 1 143 ? -4.318  3.558   -1.477  1.00 71.71  ? 376 HIS A CB  1 
ATOM   1135 C CG  . HIS A 1 143 ? -4.671  3.285   -0.049  1.00 79.86  ? 376 HIS A CG  1 
ATOM   1136 N ND1 . HIS A 1 143 ? -4.164  2.208   0.649   1.00 83.48  ? 376 HIS A ND1 1 
ATOM   1137 C CD2 . HIS A 1 143 ? -5.485  3.938   0.813   1.00 82.56  ? 376 HIS A CD2 1 
ATOM   1138 C CE1 . HIS A 1 143 ? -4.656  2.210   1.876   1.00 86.21  ? 376 HIS A CE1 1 
ATOM   1139 N NE2 . HIS A 1 143 ? -5.461  3.249   2.002   1.00 85.09  ? 376 HIS A NE2 1 
ATOM   1140 N N   . THR A 1 144 ? -3.235  4.888   -4.084  1.00 60.91  ? 377 THR A N   1 
ATOM   1141 C CA  . THR A 1 144 ? -2.539  4.683   -5.338  1.00 60.14  ? 377 THR A CA  1 
ATOM   1142 C C   . THR A 1 144 ? -1.271  5.507   -5.385  1.00 60.49  ? 377 THR A C   1 
ATOM   1143 O O   . THR A 1 144 ? -0.204  4.983   -5.685  1.00 59.59  ? 377 THR A O   1 
ATOM   1144 C CB  . THR A 1 144 ? -3.397  5.047   -6.548  1.00 58.94  ? 377 THR A CB  1 
ATOM   1145 O OG1 . THR A 1 144 ? -4.664  4.387   -6.458  1.00 58.84  ? 377 THR A OG1 1 
ATOM   1146 C CG2 . THR A 1 144 ? -2.699  4.609   -7.827  1.00 56.82  ? 377 THR A CG2 1 
ATOM   1147 N N   . LEU A 1 145 ? -1.392  6.799   -5.109  1.00 61.17  ? 378 LEU A N   1 
ATOM   1148 C CA  . LEU A 1 145 ? -0.243  7.694   -5.093  1.00 61.69  ? 378 LEU A CA  1 
ATOM   1149 C C   . LEU A 1 145 ? 0.824   7.135   -4.161  1.00 65.50  ? 378 LEU A C   1 
ATOM   1150 O O   . LEU A 1 145 ? 2.003   7.010   -4.519  1.00 67.59  ? 378 LEU A O   1 
ATOM   1151 C CB  . LEU A 1 145 ? -0.679  9.084   -4.611  1.00 58.86  ? 378 LEU A CB  1 
ATOM   1152 C CG  . LEU A 1 145 ? -1.379  9.926   -5.676  1.00 58.02  ? 378 LEU A CG  1 
ATOM   1153 C CD1 . LEU A 1 145 ? -1.957  11.185  -5.068  1.00 56.11  ? 378 LEU A CD1 1 
ATOM   1154 C CD2 . LEU A 1 145 ? -0.377  10.267  -6.753  1.00 53.49  ? 378 LEU A CD2 1 
ATOM   1155 N N   . ASN A 1 146 ? 0.409   6.796   -2.951  1.00 67.37  ? 379 ASN A N   1 
ATOM   1156 C CA  . ASN A 1 146 ? 1.353   6.258   -1.988  1.00 70.30  ? 379 ASN A CA  1 
ATOM   1157 C C   . ASN A 1 146 ? 2.080   5.033   -2.537  1.00 73.32  ? 379 ASN A C   1 
ATOM   1158 O O   . ASN A 1 146 ? 3.291   4.924   -2.400  1.00 75.65  ? 379 ASN A O   1 
ATOM   1159 C CB  . ASN A 1 146 ? 0.644   5.962   -0.662  1.00 66.40  ? 379 ASN A CB  1 
ATOM   1160 C CG  . ASN A 1 146 ? 0.288   7.238   0.099   1.00 64.33  ? 379 ASN A CG  1 
ATOM   1161 O OD1 . ASN A 1 146 ? -0.500  7.218   1.047   1.00 65.22  ? 379 ASN A OD1 1 
ATOM   1162 N ND2 . ASN A 1 146 ? 0.876   8.364   -0.324  1.00 61.16  ? 379 ASN A ND2 1 
ATOM   1163 N N   . ARG A 1 147 ? 1.361   4.141   -3.204  1.00 75.92  ? 380 ARG A N   1 
ATOM   1164 C CA  . ARG A 1 147 ? 1.995   2.963   -3.782  1.00 79.35  ? 380 ARG A CA  1 
ATOM   1165 C C   . ARG A 1 147 ? 3.103   3.413   -4.758  1.00 77.40  ? 380 ARG A C   1 
ATOM   1166 O O   . ARG A 1 147 ? 4.215   2.894   -4.759  1.00 77.76  ? 380 ARG A O   1 
ATOM   1167 C CB  . ARG A 1 147 ? 0.942   2.118   -4.512  1.00 84.92  ? 380 ARG A CB  1 
ATOM   1168 C CG  . ARG A 1 147 ? 1.297   0.631   -4.694  1.00 94.32  ? 380 ARG A CG  1 
ATOM   1169 C CD  . ARG A 1 147 ? 0.024   -0.172  -4.984  1.00 102.76 ? 380 ARG A CD  1 
ATOM   1170 N NE  . ARG A 1 147 ? 0.256   -1.604  -5.190  1.00 108.95 ? 380 ARG A NE  1 
ATOM   1171 C CZ  . ARG A 1 147 ? 0.840   -2.129  -6.272  1.00 110.25 ? 380 ARG A CZ  1 
ATOM   1172 N NH1 . ARG A 1 147 ? 1.268   -1.347  -7.267  1.00 110.37 ? 380 ARG A NH1 1 
ATOM   1173 N NH2 . ARG A 1 147 ? 0.991   -3.444  -6.372  1.00 109.51 ? 380 ARG A NH2 1 
ATOM   1174 N N   . TYR A 1 148 ? 2.789   4.402   -5.580  1.00 76.13  ? 381 TYR A N   1 
ATOM   1175 C CA  . TYR A 1 148 ? 3.731   4.934   -6.550  1.00 75.27  ? 381 TYR A CA  1 
ATOM   1176 C C   . TYR A 1 148 ? 4.914   5.526   -5.818  1.00 75.24  ? 381 TYR A C   1 
ATOM   1177 O O   . TYR A 1 148 ? 6.041   5.511   -6.321  1.00 74.25  ? 381 TYR A O   1 
ATOM   1178 C CB  . TYR A 1 148 ? 3.047   6.013   -7.388  1.00 75.01  ? 381 TYR A CB  1 
ATOM   1179 C CG  . TYR A 1 148 ? 3.914   6.645   -8.443  1.00 73.87  ? 381 TYR A CG  1 
ATOM   1180 C CD1 . TYR A 1 148 ? 4.433   5.883   -9.475  1.00 73.89  ? 381 TYR A CD1 1 
ATOM   1181 C CD2 . TYR A 1 148 ? 4.199   8.009   -8.414  1.00 73.69  ? 381 TYR A CD2 1 
ATOM   1182 C CE1 . TYR A 1 148 ? 5.220   6.459   -10.459 1.00 75.76  ? 381 TYR A CE1 1 
ATOM   1183 C CE2 . TYR A 1 148 ? 4.981   8.597   -9.394  1.00 74.84  ? 381 TYR A CE2 1 
ATOM   1184 C CZ  . TYR A 1 148 ? 5.488   7.814   -10.412 1.00 75.37  ? 381 TYR A CZ  1 
ATOM   1185 O OH  . TYR A 1 148 ? 6.268   8.384   -11.394 1.00 76.58  ? 381 TYR A OH  1 
ATOM   1186 N N   . ARG A 1 149 ? 4.655   6.079   -4.637  1.00 75.67  ? 382 ARG A N   1 
ATOM   1187 C CA  . ARG A 1 149 ? 5.729   6.663   -3.840  1.00 76.81  ? 382 ARG A CA  1 
ATOM   1188 C C   . ARG A 1 149 ? 6.677   5.556   -3.351  1.00 77.14  ? 382 ARG A C   1 
ATOM   1189 O O   . ARG A 1 149 ? 7.873   5.599   -3.631  1.00 76.44  ? 382 ARG A O   1 
ATOM   1190 C CB  . ARG A 1 149 ? 5.142   7.458   -2.670  1.00 75.99  ? 382 ARG A CB  1 
ATOM   1191 N N   . HIS A 1 150 ? 6.147   4.562   -2.641  1.00 76.50  ? 383 HIS A N   1 
ATOM   1192 C CA  . HIS A 1 150 ? 6.965   3.448   -2.151  1.00 78.36  ? 383 HIS A CA  1 
ATOM   1193 C C   . HIS A 1 150 ? 7.743   2.826   -3.300  1.00 79.17  ? 383 HIS A C   1 
ATOM   1194 O O   . HIS A 1 150 ? 8.940   2.633   -3.203  1.00 80.52  ? 383 HIS A O   1 
ATOM   1195 C CB  . HIS A 1 150 ? 6.091   2.372   -1.489  1.00 78.91  ? 383 HIS A CB  1 
ATOM   1196 C CG  . HIS A 1 150 ? 6.869   1.308   -0.944  1.00 80.37  ? 383 HIS A CG  1 
ATOM   1197 N N   . LEU A 1 151 ? 7.059   2.520   -4.396  1.00 82.64  ? 384 LEU A N   1 
ATOM   1198 C CA  . LEU A 1 151 ? 7.714   1.917   -5.555  1.00 83.91  ? 384 LEU A CA  1 
ATOM   1199 C C   . LEU A 1 151 ? 8.784   2.821   -6.160  1.00 86.09  ? 384 LEU A C   1 
ATOM   1200 O O   . LEU A 1 151 ? 9.747   2.326   -6.730  1.00 86.14  ? 384 LEU A O   1 
ATOM   1201 C CB  . LEU A 1 151 ? 6.663   1.527   -6.606  1.00 80.47  ? 384 LEU A CB  1 
ATOM   1202 C CG  . LEU A 1 151 ? 5.892   0.275   -6.188  1.00 80.88  ? 384 LEU A CG  1 
ATOM   1203 C CD1 . LEU A 1 151 ? 4.436   0.362   -6.606  1.00 79.42  ? 384 LEU A CD1 1 
ATOM   1204 C CD2 . LEU A 1 151 ? 6.578   -0.943  -6.790  1.00 80.30  ? 384 LEU A CD2 1 
ATOM   1205 N N   . LEU A 1 152 ? 8.629   4.135   -6.028  1.00 87.69  ? 385 LEU A N   1 
ATOM   1206 C CA  . LEU A 1 152 ? 9.615   5.059   -6.573  1.00 90.80  ? 385 LEU A CA  1 
ATOM   1207 C C   . LEU A 1 152 ? 10.931  4.995   -5.807  1.00 93.44  ? 385 LEU A C   1 
ATOM   1208 O O   . LEU A 1 152 ? 11.977  5.323   -6.353  1.00 95.63  ? 385 LEU A O   1 
ATOM   1209 C CB  . LEU A 1 152 ? 9.109   6.499   -6.533  1.00 92.56  ? 385 LEU A CB  1 
ATOM   1210 C CG  . LEU A 1 152 ? 8.373   7.040   -7.743  1.00 93.20  ? 385 LEU A CG  1 
ATOM   1211 C CD1 . LEU A 1 152 ? 8.181   8.543   -7.569  1.00 91.15  ? 385 LEU A CD1 1 
ATOM   1212 C CD2 . LEU A 1 152 ? 9.160   6.742   -9.014  1.00 92.66  ? 385 LEU A CD2 1 
ATOM   1213 N N   . LYS A 1 153 ? 10.867  4.589   -4.540  1.00 97.15  ? 386 LYS A N   1 
ATOM   1214 C CA  . LYS A 1 153 ? 12.049  4.492   -3.689  1.00 97.15  ? 386 LYS A CA  1 
ATOM   1215 C C   . LYS A 1 153 ? 12.575  3.047   -3.660  1.00 98.22  ? 386 LYS A C   1 
ATOM   1216 O O   . LYS A 1 153 ? 13.787  2.825   -3.638  1.00 96.72  ? 386 LYS A O   1 
ATOM   1217 C CB  . LYS A 1 153 ? 11.721  4.979   -2.274  1.00 99.45  ? 386 LYS A CB  1 
ATOM   1218 N N   . ALA A 1 154 ? 11.669  2.071   -3.667  1.00 97.76  ? 387 ALA A N   1 
ATOM   1219 C CA  . ALA A 1 154 ? 12.062  0.664   -3.665  1.00 100.64 ? 387 ALA A CA  1 
ATOM   1220 C C   . ALA A 1 154 ? 12.678  0.300   -5.011  1.00 103.31 ? 387 ALA A C   1 
ATOM   1221 O O   . ALA A 1 154 ? 13.882  0.022   -5.109  1.00 105.10 ? 387 ALA A O   1 
ATOM   1222 C CB  . ALA A 1 154 ? 10.862  -0.218  -3.390  1.00 103.61 ? 387 ALA A CB  1 
ATOM   1223 N N   . ASP A 1 155 ? 11.843  0.281   -6.045  1.00 105.55 ? 388 ASP A N   1 
ATOM   1224 C CA  . ASP A 1 155 ? 12.301  -0.041  -7.396  1.00 106.36 ? 388 ASP A CA  1 
ATOM   1225 C C   . ASP A 1 155 ? 11.998  1.130   -8.346  1.00 106.92 ? 388 ASP A C   1 
ATOM   1226 O O   . ASP A 1 155 ? 10.844  1.279   -8.790  1.00 108.44 ? 388 ASP A O   1 
ATOM   1227 C CB  . ASP A 1 155 ? 11.607  -1.315  -7.907  1.00 108.13 ? 388 ASP A CB  1 
ATOM   1228 C CG  . ASP A 1 155 ? 12.003  -1.620  -9.228  1.00 108.68 ? 388 ASP A CG  1 
ATOM   1229 N N   . SER A 1 156 ? 13.009  1.955   -8.644  1.00 103.75 ? 389 SER A N   1 
ATOM   1230 C CA  . SER A 1 156 ? 12.840  3.095   -9.534  1.00 100.39 ? 389 SER A CA  1 
ATOM   1231 C C   . SER A 1 156 ? 12.312  2.563   -10.855 1.00 99.03  ? 389 SER A C   1 
ATOM   1232 O O   . SER A 1 156 ? 11.761  3.307   -11.668 1.00 98.39  ? 389 SER A O   1 
ATOM   1233 C CB  . SER A 1 156 ? 14.173  3.792   -9.761  1.00 101.29 ? 389 SER A CB  1 
ATOM   1234 O OG  . SER A 1 156 ? 13.957  5.085   -10.286 1.00 96.40  ? 389 SER A OG  1 
ATOM   1235 N N   . LYS A 1 157 ? 12.475  1.258   -11.050 1.00 96.47  ? 390 LYS A N   1 
ATOM   1236 C CA  . LYS A 1 157 ? 12.022  0.608   -12.260 1.00 93.21  ? 390 LYS A CA  1 
ATOM   1237 C C   . LYS A 1 157 ? 10.525  0.277   -12.156 1.00 90.86  ? 390 LYS A C   1 
ATOM   1238 O O   . LYS A 1 157 ? 9.713   0.852   -12.878 1.00 89.81  ? 390 LYS A O   1 
ATOM   1239 C CB  . LYS A 1 157 ? 12.839  -0.661  -12.505 1.00 94.25  ? 390 LYS A CB  1 
ATOM   1240 N N   . GLU A 1 158 ? 10.168  -0.646  -11.261 1.00 87.79  ? 391 GLU A N   1 
ATOM   1241 C CA  . GLU A 1 158 ? 8.776   -1.045  -11.075 1.00 85.97  ? 391 GLU A CA  1 
ATOM   1242 C C   . GLU A 1 158 ? 7.830   0.165   -11.132 1.00 84.87  ? 391 GLU A C   1 
ATOM   1243 O O   . GLU A 1 158 ? 6.717   0.085   -11.668 1.00 85.24  ? 391 GLU A O   1 
ATOM   1244 C CB  . GLU A 1 158 ? 8.624   -1.785  -9.753  1.00 86.87  ? 391 GLU A CB  1 
ATOM   1245 N N   . ALA A 1 159 ? 8.300   1.283   -10.578 1.00 84.79  ? 392 ALA A N   1 
ATOM   1246 C CA  . ALA A 1 159 ? 7.549   2.530   -10.532 1.00 83.80  ? 392 ALA A CA  1 
ATOM   1247 C C   . ALA A 1 159 ? 7.252   3.047   -11.941 1.00 83.47  ? 392 ALA A C   1 
ATOM   1248 O O   . ALA A 1 159 ? 6.165   3.561   -12.213 1.00 82.13  ? 392 ALA A O   1 
ATOM   1249 C CB  . ALA A 1 159 ? 8.328   3.578   -9.736  1.00 84.30  ? 392 ALA A CB  1 
ATOM   1250 N N   . ALA A 1 160 ? 8.223   2.918   -12.834 1.00 80.76  ? 393 ALA A N   1 
ATOM   1251 C CA  . ALA A 1 160 ? 8.049   3.372   -14.199 1.00 80.45  ? 393 ALA A CA  1 
ATOM   1252 C C   . ALA A 1 160 ? 7.011   2.516   -14.936 1.00 80.02  ? 393 ALA A C   1 
ATOM   1253 O O   . ALA A 1 160 ? 6.282   3.020   -15.791 1.00 80.51  ? 393 ALA A O   1 
ATOM   1254 C CB  . ALA A 1 160 ? 9.384   3.349   -14.922 1.00 81.44  ? 393 ALA A CB  1 
ATOM   1255 N N   . ALA A 1 161 ? 6.933   1.231   -14.602 1.00 80.69  ? 394 ALA A N   1 
ATOM   1256 C CA  . ALA A 1 161 ? 5.968   0.338   -15.241 1.00 80.59  ? 394 ALA A CA  1 
ATOM   1257 C C   . ALA A 1 161 ? 4.628   0.421   -14.520 1.00 80.88  ? 394 ALA A C   1 
ATOM   1258 O O   . ALA A 1 161 ? 3.773   -0.459  -14.658 1.00 81.47  ? 394 ALA A O   1 
ATOM   1259 C CB  . ALA A 1 161 ? 6.482   -1.101  -15.215 1.00 80.42  ? 394 ALA A CB  1 
ATOM   1260 N N   . TYR A 1 162 ? 4.454   1.486   -13.745 1.00 79.09  ? 395 TYR A N   1 
ATOM   1261 C CA  . TYR A 1 162 ? 3.238   1.681   -12.991 1.00 78.19  ? 395 TYR A CA  1 
ATOM   1262 C C   . TYR A 1 162 ? 2.667   3.055   -13.285 1.00 78.35  ? 395 TYR A C   1 
ATOM   1263 O O   . TYR A 1 162 ? 1.447   3.245   -13.260 1.00 77.66  ? 395 TYR A O   1 
ATOM   1264 C CB  . TYR A 1 162 ? 3.544   1.546   -11.503 1.00 78.86  ? 395 TYR A CB  1 
ATOM   1265 C CG  . TYR A 1 162 ? 2.325   1.502   -10.608 1.00 79.39  ? 395 TYR A CG  1 
ATOM   1266 C CD1 . TYR A 1 162 ? 1.313   0.565   -10.823 1.00 78.85  ? 395 TYR A CD1 1 
ATOM   1267 C CD2 . TYR A 1 162 ? 2.218   2.347   -9.501  1.00 80.21  ? 395 TYR A CD2 1 
ATOM   1268 C CE1 . TYR A 1 162 ? 0.233   0.461   -9.954  1.00 79.60  ? 395 TYR A CE1 1 
ATOM   1269 C CE2 . TYR A 1 162 ? 1.145   2.252   -8.622  1.00 80.88  ? 395 TYR A CE2 1 
ATOM   1270 C CZ  . TYR A 1 162 ? 0.153   1.304   -8.849  1.00 81.36  ? 395 TYR A CZ  1 
ATOM   1271 O OH  . TYR A 1 162 ? -0.887  1.170   -7.956  1.00 80.16  ? 395 TYR A OH  1 
ATOM   1272 N N   . LYS A 1 163 ? 3.546   4.005   -13.588 1.00 78.87  ? 396 LYS A N   1 
ATOM   1273 C CA  . LYS A 1 163 ? 3.112   5.365   -13.846 1.00 79.05  ? 396 LYS A CA  1 
ATOM   1274 C C   . LYS A 1 163 ? 1.932   5.441   -14.797 1.00 81.00  ? 396 LYS A C   1 
ATOM   1275 O O   . LYS A 1 163 ? 0.898   6.000   -14.447 1.00 82.26  ? 396 LYS A O   1 
ATOM   1276 C CB  . LYS A 1 163 ? 4.271   6.222   -14.362 1.00 76.62  ? 396 LYS A CB  1 
ATOM   1277 C CG  . LYS A 1 163 ? 3.941   7.711   -14.413 1.00 72.61  ? 396 LYS A CG  1 
ATOM   1278 C CD  . LYS A 1 163 ? 5.170   8.565   -14.682 1.00 72.73  ? 396 LYS A CD  1 
ATOM   1279 C CE  . LYS A 1 163 ? 4.841   10.066  -14.570 1.00 73.45  ? 396 LYS A CE  1 
ATOM   1280 N NZ  . LYS A 1 163 ? 6.048   10.967  -14.544 1.00 73.61  ? 396 LYS A NZ  1 
ATOM   1281 N N   . PRO A 1 164 ? 2.053   4.863   -15.999 1.00 83.04  ? 397 PRO A N   1 
ATOM   1282 C CA  . PRO A 1 164 ? 0.909   4.938   -16.913 1.00 82.50  ? 397 PRO A CA  1 
ATOM   1283 C C   . PRO A 1 164 ? -0.371  4.518   -16.186 1.00 80.82  ? 397 PRO A C   1 
ATOM   1284 O O   . PRO A 1 164 ? -1.421  5.160   -16.312 1.00 80.48  ? 397 PRO A O   1 
ATOM   1285 C CB  . PRO A 1 164 ? 1.307   3.979   -18.033 1.00 84.53  ? 397 PRO A CB  1 
ATOM   1286 C CG  . PRO A 1 164 ? 2.132   2.956   -17.317 1.00 86.22  ? 397 PRO A CG  1 
ATOM   1287 C CD  . PRO A 1 164 ? 2.998   3.818   -16.426 1.00 84.51  ? 397 PRO A CD  1 
ATOM   1288 N N   . THR A 1 165 ? -0.264  3.449   -15.405 1.00 77.42  ? 398 THR A N   1 
ATOM   1289 C CA  . THR A 1 165 ? -1.385  2.921   -14.620 1.00 75.16  ? 398 THR A CA  1 
ATOM   1290 C C   . THR A 1 165 ? -1.917  3.916   -13.567 1.00 73.14  ? 398 THR A C   1 
ATOM   1291 O O   . THR A 1 165 ? -3.132  4.059   -13.374 1.00 72.05  ? 398 THR A O   1 
ATOM   1292 C CB  . THR A 1 165 ? -0.946  1.615   -13.910 1.00 74.36  ? 398 THR A CB  1 
ATOM   1293 O OG1 . THR A 1 165 ? -0.561  0.650   -14.900 1.00 74.07  ? 398 THR A OG1 1 
ATOM   1294 C CG2 . THR A 1 165 ? -2.059  1.049   -13.055 1.00 70.87  ? 398 THR A CG2 1 
ATOM   1295 N N   . VAL A 1 166 ? -1.000  4.583   -12.872 1.00 72.10  ? 399 VAL A N   1 
ATOM   1296 C CA  . VAL A 1 166 ? -1.375  5.549   -11.838 1.00 70.19  ? 399 VAL A CA  1 
ATOM   1297 C C   . VAL A 1 166 ? -2.140  6.709   -12.458 1.00 70.56  ? 399 VAL A C   1 
ATOM   1298 O O   . VAL A 1 166 ? -3.178  7.109   -11.939 1.00 70.36  ? 399 VAL A O   1 
ATOM   1299 C CB  . VAL A 1 166 ? -0.121  6.099   -11.094 1.00 69.80  ? 399 VAL A CB  1 
ATOM   1300 C CG1 . VAL A 1 166 ? -0.476  7.296   -10.228 1.00 68.87  ? 399 VAL A CG1 1 
ATOM   1301 C CG2 . VAL A 1 166 ? 0.487   5.012   -10.219 1.00 70.09  ? 399 VAL A CG2 1 
ATOM   1302 N N   . ILE A 1 167 ? -1.629  7.249   -13.563 1.00 70.74  ? 400 ILE A N   1 
ATOM   1303 C CA  . ILE A 1 167 ? -2.313  8.342   -14.230 1.00 69.83  ? 400 ILE A CA  1 
ATOM   1304 C C   . ILE A 1 167 ? -3.678  7.887   -14.735 1.00 70.49  ? 400 ILE A C   1 
ATOM   1305 O O   . ILE A 1 167 ? -4.587  8.695   -14.844 1.00 71.73  ? 400 ILE A O   1 
ATOM   1306 C CB  . ILE A 1 167 ? -1.508  8.900   -15.438 1.00 70.77  ? 400 ILE A CB  1 
ATOM   1307 C CG1 . ILE A 1 167 ? -0.132  9.418   -14.989 1.00 70.91  ? 400 ILE A CG1 1 
ATOM   1308 C CG2 . ILE A 1 167 ? -2.291  10.028  -16.102 1.00 70.13  ? 400 ILE A CG2 1 
ATOM   1309 C CD1 . ILE A 1 167 ? 0.762   9.893   -16.115 1.00 69.42  ? 400 ILE A CD1 1 
ATOM   1310 N N   . HIS A 1 168 ? -3.837  6.602   -15.045 1.00 69.34  ? 401 HIS A N   1 
ATOM   1311 C CA  . HIS A 1 168 ? -5.122  6.094   -15.537 1.00 68.54  ? 401 HIS A CA  1 
ATOM   1312 C C   . HIS A 1 168 ? -6.135  5.994   -14.405 1.00 66.66  ? 401 HIS A C   1 
ATOM   1313 O O   . HIS A 1 168 ? -7.306  6.326   -14.577 1.00 66.03  ? 401 HIS A O   1 
ATOM   1314 C CB  . HIS A 1 168 ? -4.949  4.725   -16.184 1.00 69.82  ? 401 HIS A CB  1 
ATOM   1315 C CG  . HIS A 1 168 ? -6.210  4.189   -16.777 1.00 72.90  ? 401 HIS A CG  1 
ATOM   1316 N ND1 . HIS A 1 168 ? -6.959  3.198   -16.173 1.00 74.19  ? 401 HIS A ND1 1 
ATOM   1317 C CD2 . HIS A 1 168 ? -6.886  4.541   -17.897 1.00 74.85  ? 401 HIS A CD2 1 
ATOM   1318 C CE1 . HIS A 1 168 ? -8.037  2.965   -16.897 1.00 76.47  ? 401 HIS A CE1 1 
ATOM   1319 N NE2 . HIS A 1 168 ? -8.019  3.764   -17.948 1.00 77.06  ? 401 HIS A NE2 1 
ATOM   1320 N N   . ARG A 1 169 ? -5.680  5.532   -13.245 1.00 65.23  ? 402 ARG A N   1 
ATOM   1321 C CA  . ARG A 1 169 ? -6.557  5.427   -12.084 1.00 66.13  ? 402 ARG A CA  1 
ATOM   1322 C C   . ARG A 1 169 ? -7.003  6.811   -11.623 1.00 62.97  ? 402 ARG A C   1 
ATOM   1323 O O   . ARG A 1 169 ? -8.185  7.052   -11.412 1.00 62.96  ? 402 ARG A O   1 
ATOM   1324 C CB  . ARG A 1 169 ? -5.836  4.749   -10.929 1.00 68.70  ? 402 ARG A CB  1 
ATOM   1325 C CG  . ARG A 1 169 ? -6.082  3.269   -10.824 1.00 75.69  ? 402 ARG A CG  1 
ATOM   1326 C CD  . ARG A 1 169 ? -5.679  2.804   -9.449  1.00 82.12  ? 402 ARG A CD  1 
ATOM   1327 N NE  . ARG A 1 169 ? -6.423  1.623   -9.044  1.00 86.18  ? 402 ARG A NE  1 
ATOM   1328 C CZ  . ARG A 1 169 ? -5.848  0.529   -8.564  1.00 90.01  ? 402 ARG A CZ  1 
ATOM   1329 N NH1 . ARG A 1 169 ? -4.525  0.479   -8.430  1.00 91.00  ? 402 ARG A NH1 1 
ATOM   1330 N NH2 . ARG A 1 169 ? -6.588  -0.521  -8.234  1.00 91.27  ? 402 ARG A NH2 1 
ATOM   1331 N N   . LEU A 1 170 ? -6.045  7.718   -11.471 1.00 63.87  ? 403 LEU A N   1 
ATOM   1332 C CA  . LEU A 1 170 ? -6.358  9.063   -11.009 1.00 64.80  ? 403 LEU A CA  1 
ATOM   1333 C C   . LEU A 1 170 ? -7.335  9.800   -11.927 1.00 62.16  ? 403 LEU A C   1 
ATOM   1334 O O   . LEU A 1 170 ? -8.145  10.608  -11.464 1.00 60.82  ? 403 LEU A O   1 
ATOM   1335 C CB  . LEU A 1 170 ? -5.065  9.871   -10.808 1.00 63.75  ? 403 LEU A CB  1 
ATOM   1336 C CG  . LEU A 1 170 ? -4.226  9.385   -9.620  1.00 64.31  ? 403 LEU A CG  1 
ATOM   1337 C CD1 . LEU A 1 170 ? -2.879  10.086  -9.533  1.00 66.51  ? 403 LEU A CD1 1 
ATOM   1338 C CD2 . LEU A 1 170 ? -4.997  9.654   -8.374  1.00 66.68  ? 403 LEU A CD2 1 
ATOM   1339 N N   . ARG A 1 171 ? -7.278  9.493   -13.218 1.00 61.27  ? 404 ARG A N   1 
ATOM   1340 C CA  . ARG A 1 171 ? -8.161  10.113  -14.203 1.00 62.87  ? 404 ARG A CA  1 
ATOM   1341 C C   . ARG A 1 171 ? -9.595  9.653   -13.973 1.00 60.63  ? 404 ARG A C   1 
ATOM   1342 O O   . ARG A 1 171 ? -10.520 10.467  -13.834 1.00 61.53  ? 404 ARG A O   1 
ATOM   1343 C CB  . ARG A 1 171 ? -7.730  9.729   -15.612 1.00 65.98  ? 404 ARG A CB  1 
ATOM   1344 C CG  . ARG A 1 171 ? -7.546  10.904  -16.523 1.00 74.94  ? 404 ARG A CG  1 
ATOM   1345 C CD  . ARG A 1 171 ? -6.579  10.540  -17.621 1.00 83.57  ? 404 ARG A CD  1 
ATOM   1346 N NE  . ARG A 1 171 ? -5.884  11.705  -18.157 1.00 88.07  ? 404 ARG A NE  1 
ATOM   1347 C CZ  . ARG A 1 171 ? -4.707  11.642  -18.778 1.00 89.98  ? 404 ARG A CZ  1 
ATOM   1348 N NH1 . ARG A 1 171 ? -4.092  10.471  -18.937 1.00 88.85  ? 404 ARG A NH1 1 
ATOM   1349 N NH2 . ARG A 1 171 ? -4.143  12.749  -19.246 1.00 91.23  ? 404 ARG A NH2 1 
ATOM   1350 N N   . TYR A 1 172 ? -9.785  8.341   -13.945 1.00 56.06  ? 405 TYR A N   1 
ATOM   1351 C CA  . TYR A 1 172 ? -11.121 7.826   -13.744 1.00 54.04  ? 405 TYR A CA  1 
ATOM   1352 C C   . TYR A 1 172 ? -11.708 8.143   -12.386 1.00 51.46  ? 405 TYR A C   1 
ATOM   1353 O O   . TYR A 1 172 ? -12.920 8.219   -12.240 1.00 51.15  ? 405 TYR A O   1 
ATOM   1354 C CB  . TYR A 1 172 ? -11.166 6.326   -13.993 1.00 53.28  ? 405 TYR A CB  1 
ATOM   1355 C CG  . TYR A 1 172 ? -11.368 5.997   -15.438 1.00 54.71  ? 405 TYR A CG  1 
ATOM   1356 C CD1 . TYR A 1 172 ? -12.652 5.957   -15.999 1.00 56.46  ? 405 TYR A CD1 1 
ATOM   1357 C CD2 . TYR A 1 172 ? -10.276 5.738   -16.260 1.00 57.63  ? 405 TYR A CD2 1 
ATOM   1358 C CE1 . TYR A 1 172 ? -12.834 5.666   -17.338 1.00 56.23  ? 405 TYR A CE1 1 
ATOM   1359 C CE2 . TYR A 1 172 ? -10.451 5.447   -17.611 1.00 57.38  ? 405 TYR A CE2 1 
ATOM   1360 C CZ  . TYR A 1 172 ? -11.729 5.413   -18.139 1.00 57.17  ? 405 TYR A CZ  1 
ATOM   1361 O OH  . TYR A 1 172 ? -11.893 5.148   -19.478 1.00 59.49  ? 405 TYR A OH  1 
ATOM   1362 N N   . ILE A 1 173 ? -10.876 8.310   -11.370 1.00 49.72  ? 406 ILE A N   1 
ATOM   1363 C CA  . ILE A 1 173 ? -11.442 8.649   -10.068 1.00 50.38  ? 406 ILE A CA  1 
ATOM   1364 C C   . ILE A 1 173 ? -12.104 10.013  -10.206 1.00 51.37  ? 406 ILE A C   1 
ATOM   1365 O O   . ILE A 1 173 ? -13.237 10.241  -9.755  1.00 48.99  ? 406 ILE A O   1 
ATOM   1366 C CB  . ILE A 1 173 ? -10.382 8.691   -8.949  1.00 49.95  ? 406 ILE A CB  1 
ATOM   1367 C CG1 . ILE A 1 173 ? -9.940  7.251   -8.636  1.00 49.22  ? 406 ILE A CG1 1 
ATOM   1368 C CG2 . ILE A 1 173 ? -10.995 9.347   -7.692  1.00 48.06  ? 406 ILE A CG2 1 
ATOM   1369 C CD1 . ILE A 1 173 ? -8.809  7.154   -7.696  1.00 48.32  ? 406 ILE A CD1 1 
ATOM   1370 N N   . ASP A 1 174 ? -11.403 10.918  -10.874 1.00 50.14  ? 407 ASP A N   1 
ATOM   1371 C CA  . ASP A 1 174 ? -11.970 12.227  -11.095 1.00 52.14  ? 407 ASP A CA  1 
ATOM   1372 C C   . ASP A 1 174 ? -13.266 12.037  -11.897 1.00 53.12  ? 407 ASP A C   1 
ATOM   1373 O O   . ASP A 1 174 ? -14.333 12.478  -11.468 1.00 53.72  ? 407 ASP A O   1 
ATOM   1374 C CB  . ASP A 1 174 ? -10.990 13.134  -11.853 1.00 53.33  ? 407 ASP A CB  1 
ATOM   1375 C CG  . ASP A 1 174 ? -9.966  13.815  -10.938 1.00 53.41  ? 407 ASP A CG  1 
ATOM   1376 O OD1 . ASP A 1 174 ? -9.768  13.405  -9.763  1.00 54.00  ? 407 ASP A OD1 1 
ATOM   1377 O OD2 . ASP A 1 174 ? -9.339  14.770  -11.431 1.00 54.46  ? 407 ASP A OD2 1 
ATOM   1378 N N   . LEU A 1 175 ? -13.188 11.343  -13.035 1.00 53.33  ? 408 LEU A N   1 
ATOM   1379 C CA  . LEU A 1 175 ? -14.376 11.122  -13.860 1.00 53.01  ? 408 LEU A CA  1 
ATOM   1380 C C   . LEU A 1 175 ? -15.549 10.593  -13.036 1.00 53.30  ? 408 LEU A C   1 
ATOM   1381 O O   . LEU A 1 175 ? -16.619 11.218  -13.010 1.00 54.21  ? 408 LEU A O   1 
ATOM   1382 C CB  . LEU A 1 175 ? -14.070 10.172  -15.019 1.00 51.72  ? 408 LEU A CB  1 
ATOM   1383 C CG  . LEU A 1 175 ? -13.401 10.854  -16.215 1.00 52.04  ? 408 LEU A CG  1 
ATOM   1384 C CD1 . LEU A 1 175 ? -13.117 9.823   -17.302 1.00 53.54  ? 408 LEU A CD1 1 
ATOM   1385 C CD2 . LEU A 1 175 ? -14.288 11.965  -16.745 1.00 48.87  ? 408 LEU A CD2 1 
ATOM   1386 N N   . ARG A 1 176 ? -15.368 9.461   -12.357 1.00 50.64  ? 409 ARG A N   1 
ATOM   1387 C CA  . ARG A 1 176 ? -16.451 8.926   -11.535 1.00 51.63  ? 409 ARG A CA  1 
ATOM   1388 C C   . ARG A 1 176 ? -16.968 10.016  -10.555 1.00 52.12  ? 409 ARG A C   1 
ATOM   1389 O O   . ARG A 1 176 ? -18.177 10.257  -10.455 1.00 52.72  ? 409 ARG A O   1 
ATOM   1390 C CB  . ARG A 1 176 ? -16.006 7.667   -10.757 1.00 52.83  ? 409 ARG A CB  1 
ATOM   1391 C CG  . ARG A 1 176 ? -15.860 6.407   -11.599 1.00 52.44  ? 409 ARG A CG  1 
ATOM   1392 C CD  . ARG A 1 176 ? -15.473 5.219   -10.746 1.00 53.67  ? 409 ARG A CD  1 
ATOM   1393 N NE  . ARG A 1 176 ? -14.131 5.373   -10.201 1.00 57.92  ? 409 ARG A NE  1 
ATOM   1394 C CZ  . ARG A 1 176 ? -13.034 4.846   -10.735 1.00 59.82  ? 409 ARG A CZ  1 
ATOM   1395 N NH1 . ARG A 1 176 ? -13.101 4.108   -11.838 1.00 61.49  ? 409 ARG A NH1 1 
ATOM   1396 N NH2 . ARG A 1 176 ? -11.852 5.087   -10.175 1.00 64.41  ? 409 ARG A NH2 1 
ATOM   1397 N N   . ILE A 1 177 ? -16.070 10.702  -9.849  1.00 52.40  ? 410 ILE A N   1 
ATOM   1398 C CA  . ILE A 1 177 ? -16.538 11.747  -8.913  1.00 50.53  ? 410 ILE A CA  1 
ATOM   1399 C C   . ILE A 1 177 ? -17.310 12.849  -9.646  1.00 52.41  ? 410 ILE A C   1 
ATOM   1400 O O   . ILE A 1 177 ? -18.350 13.307  -9.174  1.00 51.85  ? 410 ILE A O   1 
ATOM   1401 C CB  . ILE A 1 177 ? -15.375 12.387  -8.072  1.00 48.18  ? 410 ILE A CB  1 
ATOM   1402 C CG1 . ILE A 1 177 ? -14.794 11.330  -7.128  1.00 47.19  ? 410 ILE A CG1 1 
ATOM   1403 C CG2 . ILE A 1 177 ? -15.901 13.534  -7.199  1.00 46.64  ? 410 ILE A CG2 1 
ATOM   1404 C CD1 . ILE A 1 177 ? -13.629 11.799  -6.295  1.00 42.72  ? 410 ILE A CD1 1 
ATOM   1405 N N   . ASN A 1 178 ? -16.824 13.305  -10.790 1.00 49.87  ? 411 ASN A N   1 
ATOM   1406 C CA  . ASN A 1 178 ? -17.601 14.329  -11.472 1.00 51.19  ? 411 ASN A CA  1 
ATOM   1407 C C   . ASN A 1 178 ? -18.942 13.744  -11.897 1.00 54.64  ? 411 ASN A C   1 
ATOM   1408 O O   . ASN A 1 178 ? -19.999 14.299  -11.590 1.00 55.55  ? 411 ASN A O   1 
ATOM   1409 C CB  . ASN A 1 178 ? -16.839 14.919  -12.658 1.00 49.23  ? 411 ASN A CB  1 
ATOM   1410 C CG  . ASN A 1 178 ? -15.889 16.020  -12.214 1.00 48.51  ? 411 ASN A CG  1 
ATOM   1411 O OD1 . ASN A 1 178 ? -14.836 16.217  -12.794 1.00 48.09  ? 411 ASN A OD1 1 
ATOM   1412 N ND2 . ASN A 1 178 ? -16.272 16.748  -11.160 1.00 44.93  ? 411 ASN A ND2 1 
ATOM   1413 N N   . GLY A 1 179 ? -18.899 12.597  -12.563 1.00 56.53  ? 412 GLY A N   1 
ATOM   1414 C CA  . GLY A 1 179 ? -20.128 11.960  -12.972 1.00 55.72  ? 412 GLY A CA  1 
ATOM   1415 C C   . GLY A 1 179 ? -21.086 11.865  -11.799 1.00 56.86  ? 412 GLY A C   1 
ATOM   1416 O O   . GLY A 1 179 ? -22.276 12.147  -11.914 1.00 55.88  ? 412 GLY A O   1 
ATOM   1417 N N   . THR A 1 180 ? -20.571 11.494  -10.638 1.00 54.31  ? 413 THR A N   1 
ATOM   1418 C CA  . THR A 1 180 ? -21.448 11.363  -9.487  1.00 53.81  ? 413 THR A CA  1 
ATOM   1419 C C   . THR A 1 180 ? -22.073 12.706  -9.083  1.00 56.24  ? 413 THR A C   1 
ATOM   1420 O O   . THR A 1 180 ? -23.219 12.752  -8.637  1.00 56.39  ? 413 THR A O   1 
ATOM   1421 C CB  . THR A 1 180 ? -20.696 10.714  -8.333  1.00 52.70  ? 413 THR A CB  1 
ATOM   1422 O OG1 . THR A 1 180 ? -20.056 9.523   -8.810  1.00 50.90  ? 413 THR A OG1 1 
ATOM   1423 C CG2 . THR A 1 180 ? -21.651 10.330  -7.226  1.00 49.16  ? 413 THR A CG2 1 
ATOM   1424 N N   . LEU A 1 181 ? -21.331 13.799  -9.266  1.00 58.70  ? 414 LEU A N   1 
ATOM   1425 C CA  . LEU A 1 181 ? -21.835 15.142  -8.968  1.00 56.79  ? 414 LEU A CA  1 
ATOM   1426 C C   . LEU A 1 181 ? -22.890 15.507  -10.031 1.00 58.83  ? 414 LEU A C   1 
ATOM   1427 O O   . LEU A 1 181 ? -23.899 16.167  -9.738  1.00 58.09  ? 414 LEU A O   1 
ATOM   1428 C CB  . LEU A 1 181 ? -20.680 16.158  -8.972  1.00 52.64  ? 414 LEU A CB  1 
ATOM   1429 C CG  . LEU A 1 181 ? -19.752 16.074  -7.747  1.00 53.53  ? 414 LEU A CG  1 
ATOM   1430 C CD1 . LEU A 1 181 ? -18.299 16.387  -8.116  1.00 48.10  ? 414 LEU A CD1 1 
ATOM   1431 C CD2 . LEU A 1 181 ? -20.239 17.046  -6.697  1.00 50.49  ? 414 LEU A CD2 1 
ATOM   1432 N N   . ALA A 1 182 ? -22.661 15.071  -11.266 1.00 58.28  ? 415 ALA A N   1 
ATOM   1433 C CA  . ALA A 1 182 ? -23.611 15.356  -12.327 1.00 59.99  ? 415 ALA A CA  1 
ATOM   1434 C C   . ALA A 1 182 ? -25.010 14.834  -11.958 1.00 61.71  ? 415 ALA A C   1 
ATOM   1435 O O   . ALA A 1 182 ? -26.026 15.401  -12.354 1.00 62.39  ? 415 ALA A O   1 
ATOM   1436 C CB  . ALA A 1 182 ? -23.139 14.736  -13.651 1.00 60.80  ? 415 ALA A CB  1 
ATOM   1437 N N   . MET A 1 183 ? -25.064 13.757  -11.190 1.00 62.28  ? 416 MET A N   1 
ATOM   1438 C CA  . MET A 1 183 ? -26.348 13.215  -10.814 1.00 62.41  ? 416 MET A CA  1 
ATOM   1439 C C   . MET A 1 183 ? -27.232 14.230  -10.115 1.00 63.65  ? 416 MET A C   1 
ATOM   1440 O O   . MET A 1 183 ? -28.427 14.010  -9.983  1.00 64.84  ? 416 MET A O   1 
ATOM   1441 C CB  . MET A 1 183 ? -26.166 11.961  -9.957  1.00 60.77  ? 416 MET A CB  1 
ATOM   1442 C CG  . MET A 1 183 ? -25.805 10.748  -10.799 1.00 61.36  ? 416 MET A CG  1 
ATOM   1443 S SD  . MET A 1 183 ? -25.322 9.303   -9.863  1.00 60.37  ? 416 MET A SD  1 
ATOM   1444 C CE  . MET A 1 183 ? -24.381 8.342   -11.102 1.00 59.92  ? 416 MET A CE  1 
ATOM   1445 N N   . LEU A 1 184 ? -26.678 15.359  -9.688  1.00 63.29  ? 417 LEU A N   1 
ATOM   1446 C CA  . LEU A 1 184 ? -27.515 16.349  -9.021  1.00 64.19  ? 417 LEU A CA  1 
ATOM   1447 C C   . LEU A 1 184 ? -28.208 17.276  -10.007 1.00 65.52  ? 417 LEU A C   1 
ATOM   1448 O O   . LEU A 1 184 ? -29.227 17.867  -9.685  1.00 66.46  ? 417 LEU A O   1 
ATOM   1449 C CB  . LEU A 1 184 ? -26.705 17.189  -8.024  1.00 65.33  ? 417 LEU A CB  1 
ATOM   1450 C CG  . LEU A 1 184 ? -26.314 16.527  -6.705  1.00 64.01  ? 417 LEU A CG  1 
ATOM   1451 C CD1 . LEU A 1 184 ? -25.103 15.672  -6.939  1.00 67.80  ? 417 LEU A CD1 1 
ATOM   1452 C CD2 . LEU A 1 184 ? -26.010 17.559  -5.647  1.00 62.44  ? 417 LEU A CD2 1 
ATOM   1453 N N   . ARG A 1 185 ? -27.661 17.399  -11.206 1.00 67.90  ? 418 ARG A N   1 
ATOM   1454 C CA  . ARG A 1 185 ? -28.241 18.278  -12.212 1.00 69.42  ? 418 ARG A CA  1 
ATOM   1455 C C   . ARG A 1 185 ? -29.770 18.201  -12.345 1.00 71.32  ? 418 ARG A C   1 
ATOM   1456 O O   . ARG A 1 185 ? -30.422 19.189  -12.709 1.00 72.15  ? 418 ARG A O   1 
ATOM   1457 C CB  . ARG A 1 185 ? -27.592 18.004  -13.567 1.00 69.03  ? 418 ARG A CB  1 
ATOM   1458 C CG  . ARG A 1 185 ? -26.101 18.308  -13.611 1.00 70.08  ? 418 ARG A CG  1 
ATOM   1459 C CD  . ARG A 1 185 ? -25.532 18.067  -14.997 1.00 70.02  ? 418 ARG A CD  1 
ATOM   1460 N NE  . ARG A 1 185 ? -24.171 18.565  -15.096 1.00 69.09  ? 418 ARG A NE  1 
ATOM   1461 C CZ  . ARG A 1 185 ? -23.455 18.565  -16.212 1.00 70.46  ? 418 ARG A CZ  1 
ATOM   1462 N NH1 . ARG A 1 185 ? -23.963 18.088  -17.342 1.00 73.95  ? 418 ARG A NH1 1 
ATOM   1463 N NH2 . ARG A 1 185 ? -22.229 19.051  -16.195 1.00 71.19  ? 418 ARG A NH2 1 
ATOM   1464 N N   . ASP A 1 186 ? -30.347 17.039  -12.055 1.00 71.00  ? 419 ASP A N   1 
ATOM   1465 C CA  . ASP A 1 186 ? -31.792 16.872  -12.173 1.00 70.79  ? 419 ASP A CA  1 
ATOM   1466 C C   . ASP A 1 186 ? -32.605 17.375  -10.979 1.00 71.84  ? 419 ASP A C   1 
ATOM   1467 O O   . ASP A 1 186 ? -33.798 17.637  -11.113 1.00 70.66  ? 419 ASP A O   1 
ATOM   1468 C CB  . ASP A 1 186 ? -32.112 15.408  -12.473 1.00 68.14  ? 419 ASP A CB  1 
ATOM   1469 C CG  . ASP A 1 186 ? -31.999 15.089  -13.951 1.00 66.15  ? 419 ASP A CG  1 
ATOM   1470 O OD1 . ASP A 1 186 ? -32.236 13.920  -14.329 1.00 63.10  ? 419 ASP A OD1 1 
ATOM   1471 O OD2 . ASP A 1 186 ? -31.682 16.012  -14.737 1.00 63.82  ? 419 ASP A OD2 1 
ATOM   1472 N N   . PHE A 1 187 ? -31.984 17.496  -9.814  1.00 73.69  ? 420 PHE A N   1 
ATOM   1473 C CA  . PHE A 1 187 ? -32.699 18.021  -8.665  1.00 76.20  ? 420 PHE A CA  1 
ATOM   1474 C C   . PHE A 1 187 ? -32.237 19.463  -8.480  1.00 75.70  ? 420 PHE A C   1 
ATOM   1475 O O   . PHE A 1 187 ? -31.470 19.780  -7.569  1.00 77.53  ? 420 PHE A O   1 
ATOM   1476 C CB  . PHE A 1 187 ? -32.426 17.157  -7.429  1.00 79.91  ? 420 PHE A CB  1 
ATOM   1477 C CG  . PHE A 1 187 ? -33.078 15.805  -7.495  1.00 85.01  ? 420 PHE A CG  1 
ATOM   1478 C CD1 . PHE A 1 187 ? -32.498 14.790  -8.235  1.00 87.96  ? 420 PHE A CD1 1 
ATOM   1479 C CD2 . PHE A 1 187 ? -34.299 15.560  -6.872  1.00 88.46  ? 420 PHE A CD2 1 
ATOM   1480 C CE1 . PHE A 1 187 ? -33.121 13.550  -8.377  1.00 91.39  ? 420 PHE A CE1 1 
ATOM   1481 C CE2 . PHE A 1 187 ? -34.933 14.315  -7.011  1.00 92.33  ? 420 PHE A CE2 1 
ATOM   1482 C CZ  . PHE A 1 187 ? -34.333 13.309  -7.767  1.00 92.08  ? 420 PHE A CZ  1 
ATOM   1483 N N   . PRO A 1 188 ? -32.736 20.360  -9.352  1.00 76.53  ? 421 PRO A N   1 
ATOM   1484 C CA  . PRO A 1 188 ? -32.388 21.779  -9.322  1.00 79.02  ? 421 PRO A CA  1 
ATOM   1485 C C   . PRO A 1 188 ? -32.558 22.304  -7.928  1.00 78.56  ? 421 PRO A C   1 
ATOM   1486 O O   . PRO A 1 188 ? -31.691 22.998  -7.396  1.00 77.81  ? 421 PRO A O   1 
ATOM   1487 C CB  . PRO A 1 188 ? -33.377 22.400  -10.297 1.00 78.28  ? 421 PRO A CB  1 
ATOM   1488 C CG  . PRO A 1 188 ? -34.590 21.540  -10.138 1.00 76.88  ? 421 PRO A CG  1 
ATOM   1489 C CD  . PRO A 1 188 ? -33.961 20.155  -10.146 1.00 77.13  ? 421 PRO A CD  1 
ATOM   1490 N N   . ASP A 1 189 ? -33.689 21.967  -7.336  1.00 82.33  ? 422 ASP A N   1 
ATOM   1491 C CA  . ASP A 1 189 ? -33.957 22.385  -5.980  1.00 86.45  ? 422 ASP A CA  1 
ATOM   1492 C C   . ASP A 1 189 ? -32.735 22.078  -5.108  1.00 85.06  ? 422 ASP A C   1 
ATOM   1493 O O   . ASP A 1 189 ? -32.258 22.927  -4.347  1.00 85.47  ? 422 ASP A O   1 
ATOM   1494 C CB  . ASP A 1 189 ? -35.174 21.628  -5.425  1.00 91.91  ? 422 ASP A CB  1 
ATOM   1495 C CG  . ASP A 1 189 ? -35.067 20.093  -5.597  1.00 97.52  ? 422 ASP A CG  1 
ATOM   1496 O OD1 . ASP A 1 189 ? -35.431 19.575  -6.677  1.00 101.04 ? 422 ASP A OD1 1 
ATOM   1497 O OD2 . ASP A 1 189 ? -34.619 19.399  -4.657  1.00 100.46 ? 422 ASP A OD2 1 
ATOM   1498 N N   . LEU A 1 190 ? -32.201 20.875  -5.279  1.00 84.00  ? 423 LEU A N   1 
ATOM   1499 C CA  . LEU A 1 190 ? -31.082 20.390  -4.489  1.00 81.60  ? 423 LEU A CA  1 
ATOM   1500 C C   . LEU A 1 190 ? -29.684 20.706  -5.002  1.00 81.92  ? 423 LEU A C   1 
ATOM   1501 O O   . LEU A 1 190 ? -28.768 20.964  -4.219  1.00 81.76  ? 423 LEU A O   1 
ATOM   1502 C CB  . LEU A 1 190 ? -31.295 18.888  -4.316  1.00 79.37  ? 423 LEU A CB  1 
ATOM   1503 C CG  . LEU A 1 190 ? -30.197 17.898  -3.973  1.00 76.92  ? 423 LEU A CG  1 
ATOM   1504 C CD1 . LEU A 1 190 ? -30.405 17.355  -2.572  1.00 75.40  ? 423 LEU A CD1 1 
ATOM   1505 C CD2 . LEU A 1 190 ? -30.262 16.761  -4.991  1.00 75.18  ? 423 LEU A CD2 1 
ATOM   1506 N N   . GLU A 1 191 ? -29.513 20.694  -6.315  1.00 83.28  ? 424 GLU A N   1 
ATOM   1507 C CA  . GLU A 1 191 ? -28.200 20.970  -6.871  1.00 83.38  ? 424 GLU A CA  1 
ATOM   1508 C C   . GLU A 1 191 ? -27.710 22.372  -6.535  1.00 83.25  ? 424 GLU A C   1 
ATOM   1509 O O   . GLU A 1 191 ? -26.519 22.671  -6.634  1.00 82.43  ? 424 GLU A O   1 
ATOM   1510 C CB  . GLU A 1 191 ? -28.203 20.833  -8.383  1.00 82.37  ? 424 GLU A CB  1 
ATOM   1511 C CG  . GLU A 1 191 ? -26.802 21.013  -8.912  1.00 83.87  ? 424 GLU A CG  1 
ATOM   1512 C CD  . GLU A 1 191 ? -26.713 21.069  -10.409 1.00 84.69  ? 424 GLU A CD  1 
ATOM   1513 O OE1 . GLU A 1 191 ? -27.354 21.958  -11.005 1.00 86.19  ? 424 GLU A OE1 1 
ATOM   1514 O OE2 . GLU A 1 191 ? -25.989 20.234  -10.990 1.00 84.46  ? 424 GLU A OE2 1 
ATOM   1515 N N   . LYS A 1 192 ? -28.635 23.234  -6.143  1.00 81.59  ? 425 LYS A N   1 
ATOM   1516 C CA  . LYS A 1 192 ? -28.271 24.595  -5.840  1.00 82.21  ? 425 LYS A CA  1 
ATOM   1517 C C   . LYS A 1 192 ? -27.666 24.701  -4.445  1.00 80.99  ? 425 LYS A C   1 
ATOM   1518 O O   . LYS A 1 192 ? -26.742 25.481  -4.230  1.00 81.26  ? 425 LYS A O   1 
ATOM   1519 C CB  . LYS A 1 192 ? -29.506 25.484  -5.960  1.00 82.74  ? 425 LYS A CB  1 
ATOM   1520 C CG  . LYS A 1 192 ? -29.172 26.856  -5.999  1.00 85.45  ? 425 LYS A CG  1 
ATOM   1521 N N   . TYR A 1 193 ? -28.149 23.897  -3.503  1.00 82.46  ? 426 TYR A N   1 
ATOM   1522 C CA  . TYR A 1 193 ? -27.633 23.984  -2.142  1.00 82.05  ? 426 TYR A CA  1 
ATOM   1523 C C   . TYR A 1 193 ? -26.655 22.895  -1.691  1.00 77.46  ? 426 TYR A C   1 
ATOM   1524 O O   . TYR A 1 193 ? -25.814 23.144  -0.826  1.00 76.10  ? 426 TYR A O   1 
ATOM   1525 C CB  . TYR A 1 193 ? -28.810 24.084  -1.166  1.00 87.87  ? 426 TYR A CB  1 
ATOM   1526 C CG  . TYR A 1 193 ? -29.710 25.278  -1.462  1.00 96.53  ? 426 TYR A CG  1 
ATOM   1527 C CD1 . TYR A 1 193 ? -30.937 25.115  -2.107  1.00 99.68  ? 426 TYR A CD1 1 
ATOM   1528 C CD2 . TYR A 1 193 ? -29.314 26.580  -1.142  1.00 99.54  ? 426 TYR A CD2 1 
ATOM   1529 C CE1 . TYR A 1 193 ? -31.745 26.220  -2.427  1.00 102.95 ? 426 TYR A CE1 1 
ATOM   1530 C CE2 . TYR A 1 193 ? -30.116 27.688  -1.462  1.00 102.61 ? 426 TYR A CE2 1 
ATOM   1531 C CZ  . TYR A 1 193 ? -31.325 27.503  -2.104  1.00 103.53 ? 426 TYR A CZ  1 
ATOM   1532 O OH  . TYR A 1 193 ? -32.090 28.602  -2.432  1.00 103.71 ? 426 TYR A OH  1 
ATOM   1533 N N   . VAL A 1 194 ? -26.746 21.695  -2.260  1.00 73.98  ? 427 VAL A N   1 
ATOM   1534 C CA  . VAL A 1 194 ? -25.832 20.623  -1.849  1.00 70.93  ? 427 VAL A CA  1 
ATOM   1535 C C   . VAL A 1 194 ? -24.493 20.628  -2.600  1.00 70.46  ? 427 VAL A C   1 
ATOM   1536 O O   . VAL A 1 194 ? -23.436 20.401  -2.002  1.00 69.64  ? 427 VAL A O   1 
ATOM   1537 C CB  . VAL A 1 194 ? -26.470 19.214  -2.015  1.00 69.67  ? 427 VAL A CB  1 
ATOM   1538 C CG1 . VAL A 1 194 ? -25.559 18.167  -1.381  1.00 68.46  ? 427 VAL A CG1 1 
ATOM   1539 C CG2 . VAL A 1 194 ? -27.816 19.161  -1.356  1.00 66.65  ? 427 VAL A CG2 1 
ATOM   1540 N N   . ARG A 1 195 ? -24.545 20.883  -3.905  1.00 67.87  ? 428 ARG A N   1 
ATOM   1541 C CA  . ARG A 1 195 ? -23.346 20.870  -4.749  1.00 66.92  ? 428 ARG A CA  1 
ATOM   1542 C C   . ARG A 1 195 ? -22.149 21.706  -4.264  1.00 68.55  ? 428 ARG A C   1 
ATOM   1543 O O   . ARG A 1 195 ? -21.075 21.154  -3.980  1.00 66.00  ? 428 ARG A O   1 
ATOM   1544 C CB  . ARG A 1 195 ? -23.703 21.269  -6.190  1.00 64.37  ? 428 ARG A CB  1 
ATOM   1545 C CG  . ARG A 1 195 ? -22.512 21.406  -7.106  1.00 60.31  ? 428 ARG A CG  1 
ATOM   1546 C CD  . ARG A 1 195 ? -22.916 21.234  -8.547  1.00 59.03  ? 428 ARG A CD  1 
ATOM   1547 N NE  . ARG A 1 195 ? -21.755 21.088  -9.425  1.00 59.12  ? 428 ARG A NE  1 
ATOM   1548 C CZ  . ARG A 1 195 ? -20.871 22.044  -9.649  1.00 59.39  ? 428 ARG A CZ  1 
ATOM   1549 N NH1 . ARG A 1 195 ? -21.017 23.230  -9.064  1.00 60.93  ? 428 ARG A NH1 1 
ATOM   1550 N NH2 . ARG A 1 195 ? -19.844 21.796  -10.439 1.00 55.90  ? 428 ARG A NH2 1 
ATOM   1551 N N   . PRO A 1 196 ? -22.312 23.038  -4.150  1.00 68.98  ? 429 PRO A N   1 
ATOM   1552 C CA  . PRO A 1 196 ? -21.184 23.856  -3.697  1.00 68.78  ? 429 PRO A CA  1 
ATOM   1553 C C   . PRO A 1 196 ? -20.613 23.344  -2.375  1.00 69.06  ? 429 PRO A C   1 
ATOM   1554 O O   . PRO A 1 196 ? -19.444 23.560  -2.078  1.00 69.16  ? 429 PRO A O   1 
ATOM   1555 C CB  . PRO A 1 196 ? -21.788 25.249  -3.600  1.00 67.66  ? 429 PRO A CB  1 
ATOM   1556 C CG  . PRO A 1 196 ? -23.175 24.961  -3.199  1.00 69.25  ? 429 PRO A CG  1 
ATOM   1557 C CD  . PRO A 1 196 ? -23.562 23.815  -4.102  1.00 69.97  ? 429 PRO A CD  1 
ATOM   1558 N N   . ILE A 1 197 ? -21.432 22.659  -1.581  1.00 66.63  ? 430 ILE A N   1 
ATOM   1559 C CA  . ILE A 1 197 ? -20.939 22.122  -0.313  1.00 66.27  ? 430 ILE A CA  1 
ATOM   1560 C C   . ILE A 1 197 ? -20.059 20.880  -0.525  1.00 64.95  ? 430 ILE A C   1 
ATOM   1561 O O   . ILE A 1 197 ? -18.960 20.767  0.041   1.00 64.33  ? 430 ILE A O   1 
ATOM   1562 C CB  . ILE A 1 197 ? -22.087 21.758  0.643   1.00 67.78  ? 430 ILE A CB  1 
ATOM   1563 C CG1 . ILE A 1 197 ? -22.939 22.996  0.926   1.00 67.89  ? 430 ILE A CG1 1 
ATOM   1564 C CG2 . ILE A 1 197 ? -21.520 21.249  1.964   1.00 65.57  ? 430 ILE A CG2 1 
ATOM   1565 C CD1 . ILE A 1 197 ? -24.096 22.724  1.861   1.00 69.13  ? 430 ILE A CD1 1 
ATOM   1566 N N   . ALA A 1 198 ? -20.547 19.953  -1.346  1.00 63.72  ? 431 ALA A N   1 
ATOM   1567 C CA  . ALA A 1 198 ? -19.822 18.726  -1.655  1.00 59.62  ? 431 ALA A CA  1 
ATOM   1568 C C   . ALA A 1 198 ? -18.527 19.004  -2.415  1.00 58.23  ? 431 ALA A C   1 
ATOM   1569 O O   . ALA A 1 198 ? -17.512 18.354  -2.163  1.00 56.58  ? 431 ALA A O   1 
ATOM   1570 C CB  . ALA A 1 198 ? -20.716 17.781  -2.485  1.00 56.48  ? 431 ALA A CB  1 
ATOM   1571 N N   . VAL A 1 199 ? -18.561 19.965  -3.347  1.00 56.65  ? 432 VAL A N   1 
ATOM   1572 C CA  . VAL A 1 199 ? -17.367 20.293  -4.143  1.00 56.27  ? 432 VAL A CA  1 
ATOM   1573 C C   . VAL A 1 199 ? -16.242 20.824  -3.250  1.00 56.13  ? 432 VAL A C   1 
ATOM   1574 O O   . VAL A 1 199 ? -15.092 20.400  -3.364  1.00 53.39  ? 432 VAL A O   1 
ATOM   1575 C CB  . VAL A 1 199 ? -17.659 21.339  -5.271  1.00 57.02  ? 432 VAL A CB  1 
ATOM   1576 C CG1 . VAL A 1 199 ? -16.367 21.710  -5.966  1.00 54.75  ? 432 VAL A CG1 1 
ATOM   1577 C CG2 . VAL A 1 199 ? -18.624 20.771  -6.309  1.00 55.92  ? 432 VAL A CG2 1 
ATOM   1578 N N   . THR A 1 200 ? -16.571 21.761  -2.364  1.00 57.61  ? 433 THR A N   1 
ATOM   1579 C CA  . THR A 1 200 ? -15.573 22.297  -1.448  1.00 57.73  ? 433 THR A CA  1 
ATOM   1580 C C   . THR A 1 200 ? -15.060 21.159  -0.556  1.00 58.12  ? 433 THR A C   1 
ATOM   1581 O O   . THR A 1 200 ? -13.847 21.014  -0.312  1.00 55.92  ? 433 THR A O   1 
ATOM   1582 C CB  . THR A 1 200 ? -16.162 23.422  -0.600  1.00 57.54  ? 433 THR A CB  1 
ATOM   1583 O OG1 . THR A 1 200 ? -16.679 24.434  -1.471  1.00 57.50  ? 433 THR A OG1 1 
ATOM   1584 C CG2 . THR A 1 200 ? -15.078 24.036  0.315   1.00 56.99  ? 433 THR A CG2 1 
ATOM   1585 N N   . TYR A 1 201 ? -15.991 20.330  -0.098  1.00 58.07  ? 434 TYR A N   1 
ATOM   1586 C CA  . TYR A 1 201 ? -15.630 19.198  0.736   1.00 58.40  ? 434 TYR A CA  1 
ATOM   1587 C C   . TYR A 1 201 ? -14.615 18.347  0.007   1.00 58.73  ? 434 TYR A C   1 
ATOM   1588 O O   . TYR A 1 201 ? -13.662 17.841  0.599   1.00 59.44  ? 434 TYR A O   1 
ATOM   1589 C CB  . TYR A 1 201 ? -16.844 18.335  1.064   1.00 60.07  ? 434 TYR A CB  1 
ATOM   1590 C CG  . TYR A 1 201 ? -16.495 17.110  1.889   1.00 61.42  ? 434 TYR A CG  1 
ATOM   1591 C CD1 . TYR A 1 201 ? -16.190 17.213  3.246   1.00 60.94  ? 434 TYR A CD1 1 
ATOM   1592 C CD2 . TYR A 1 201 ? -16.465 15.844  1.301   1.00 61.19  ? 434 TYR A CD2 1 
ATOM   1593 C CE1 . TYR A 1 201 ? -15.870 16.087  3.990   1.00 61.80  ? 434 TYR A CE1 1 
ATOM   1594 C CE2 . TYR A 1 201 ? -16.148 14.721  2.031   1.00 61.37  ? 434 TYR A CE2 1 
ATOM   1595 C CZ  . TYR A 1 201 ? -15.851 14.850  3.379   1.00 62.31  ? 434 TYR A CZ  1 
ATOM   1596 O OH  . TYR A 1 201 ? -15.544 13.725  4.110   1.00 62.32  ? 434 TYR A OH  1 
ATOM   1597 N N   . TRP A 1 202 ? -14.828 18.173  -1.288  1.00 56.70  ? 435 TRP A N   1 
ATOM   1598 C CA  . TRP A 1 202 ? -13.913 17.373  -2.098  1.00 53.08  ? 435 TRP A CA  1 
ATOM   1599 C C   . TRP A 1 202 ? -12.537 18.035  -2.121  1.00 54.40  ? 435 TRP A C   1 
ATOM   1600 O O   . TRP A 1 202 ? -11.537 17.381  -1.884  1.00 53.90  ? 435 TRP A O   1 
ATOM   1601 C CB  . TRP A 1 202 ? -14.483 17.226  -3.507  1.00 49.80  ? 435 TRP A CB  1 
ATOM   1602 C CG  . TRP A 1 202 ? -13.657 16.476  -4.479  1.00 44.80  ? 435 TRP A CG  1 
ATOM   1603 C CD1 . TRP A 1 202 ? -12.677 15.566  -4.207  1.00 46.94  ? 435 TRP A CD1 1 
ATOM   1604 C CD2 . TRP A 1 202 ? -13.863 16.422  -5.891  1.00 43.61  ? 435 TRP A CD2 1 
ATOM   1605 N NE1 . TRP A 1 202 ? -12.276 14.930  -5.369  1.00 41.27  ? 435 TRP A NE1 1 
ATOM   1606 C CE2 . TRP A 1 202 ? -12.991 15.441  -6.409  1.00 42.00  ? 435 TRP A CE2 1 
ATOM   1607 C CE3 . TRP A 1 202 ? -14.709 17.106  -6.760  1.00 41.42  ? 435 TRP A CE3 1 
ATOM   1608 C CZ2 . TRP A 1 202 ? -12.947 15.121  -7.765  1.00 44.02  ? 435 TRP A CZ2 1 
ATOM   1609 C CZ3 . TRP A 1 202 ? -14.672 16.793  -8.118  1.00 43.63  ? 435 TRP A CZ3 1 
ATOM   1610 C CH2 . TRP A 1 202 ? -13.794 15.802  -8.611  1.00 43.95  ? 435 TRP A CH2 1 
ATOM   1611 N N   . LYS A 1 203 ? -12.483 19.337  -2.386  1.00 52.88  ? 436 LYS A N   1 
ATOM   1612 C CA  . LYS A 1 203 ? -11.204 20.032  -2.413  1.00 53.82  ? 436 LYS A CA  1 
ATOM   1613 C C   . LYS A 1 203 ? -10.575 19.976  -1.015  1.00 56.32  ? 436 LYS A C   1 
ATOM   1614 O O   . LYS A 1 203 ? -9.381  19.679  -0.860  1.00 54.72  ? 436 LYS A O   1 
ATOM   1615 C CB  . LYS A 1 203 ? -11.389 21.485  -2.870  1.00 53.86  ? 436 LYS A CB  1 
ATOM   1616 C CG  . LYS A 1 203 ? -10.173 22.385  -2.695  1.00 54.47  ? 436 LYS A CG  1 
ATOM   1617 C CD  . LYS A 1 203 ? -10.146 23.051  -1.311  1.00 56.27  ? 436 LYS A CD  1 
ATOM   1618 C CE  . LYS A 1 203 ? -9.255  24.306  -1.294  1.00 53.91  ? 436 LYS A CE  1 
ATOM   1619 N NZ  . LYS A 1 203 ? -7.856  24.006  -1.769  1.00 54.20  ? 436 LYS A NZ  1 
ATOM   1620 N N   . ASP A 1 204 ? -11.392 20.252  0.002   1.00 58.25  ? 437 ASP A N   1 
ATOM   1621 C CA  . ASP A 1 204 ? -10.912 20.209  1.376   1.00 57.99  ? 437 ASP A CA  1 
ATOM   1622 C C   . ASP A 1 204 ? -10.441 18.804  1.740   1.00 57.45  ? 437 ASP A C   1 
ATOM   1623 O O   . ASP A 1 204 ? -9.334  18.620  2.237   1.00 57.27  ? 437 ASP A O   1 
ATOM   1624 C CB  . ASP A 1 204 ? -11.991 20.681  2.362   1.00 58.81  ? 437 ASP A CB  1 
ATOM   1625 C CG  . ASP A 1 204 ? -12.124 22.192  2.382   1.00 61.44  ? 437 ASP A CG  1 
ATOM   1626 O OD1 . ASP A 1 204 ? -11.084 22.846  2.157   1.00 62.36  ? 437 ASP A OD1 1 
ATOM   1627 O OD2 . ASP A 1 204 ? -13.241 22.721  2.623   1.00 62.58  ? 437 ASP A OD2 1 
ATOM   1628 N N   . TYR A 1 205 ? -11.268 17.797  1.483   1.00 56.15  ? 438 TYR A N   1 
ATOM   1629 C CA  . TYR A 1 205 ? -10.879 16.439  1.815   1.00 56.06  ? 438 TYR A CA  1 
ATOM   1630 C C   . TYR A 1 205 ? -9.608  16.016  1.110   1.00 55.32  ? 438 TYR A C   1 
ATOM   1631 O O   . TYR A 1 205 ? -8.766  15.376  1.709   1.00 55.19  ? 438 TYR A O   1 
ATOM   1632 C CB  . TYR A 1 205 ? -11.974 15.443  1.478   1.00 57.04  ? 438 TYR A CB  1 
ATOM   1633 C CG  . TYR A 1 205 ? -11.671 14.089  2.069   1.00 57.91  ? 438 TYR A CG  1 
ATOM   1634 C CD1 . TYR A 1 205 ? -11.862 13.848  3.433   1.00 59.47  ? 438 TYR A CD1 1 
ATOM   1635 C CD2 . TYR A 1 205 ? -11.172 13.055  1.281   1.00 58.49  ? 438 TYR A CD2 1 
ATOM   1636 C CE1 . TYR A 1 205 ? -11.565 12.609  3.994   1.00 60.53  ? 438 TYR A CE1 1 
ATOM   1637 C CE2 . TYR A 1 205 ? -10.874 11.812  1.827   1.00 60.44  ? 438 TYR A CE2 1 
ATOM   1638 C CZ  . TYR A 1 205 ? -11.077 11.598  3.190   1.00 61.22  ? 438 TYR A CZ  1 
ATOM   1639 O OH  . TYR A 1 205 ? -10.835 10.367  3.744   1.00 61.01  ? 438 TYR A OH  1 
ATOM   1640 N N   . ARG A 1 206 ? -9.463  16.340  -0.169  1.00 56.72  ? 439 ARG A N   1 
ATOM   1641 C CA  . ARG A 1 206 ? -8.236  15.963  -0.856  1.00 56.52  ? 439 ARG A CA  1 
ATOM   1642 C C   . ARG A 1 206 ? -7.039  16.677  -0.220  1.00 58.64  ? 439 ARG A C   1 
ATOM   1643 O O   . ARG A 1 206 ? -5.997  16.062  0.024   1.00 58.48  ? 439 ARG A O   1 
ATOM   1644 C CB  . ARG A 1 206 ? -8.289  16.293  -2.341  1.00 53.59  ? 439 ARG A CB  1 
ATOM   1645 C CG  . ARG A 1 206 ? -6.941  16.084  -2.990  1.00 54.30  ? 439 ARG A CG  1 
ATOM   1646 C CD  . ARG A 1 206 ? -6.986  16.260  -4.490  1.00 52.28  ? 439 ARG A CD  1 
ATOM   1647 N NE  . ARG A 1 206 ? -7.763  15.192  -5.105  1.00 55.75  ? 439 ARG A NE  1 
ATOM   1648 C CZ  . ARG A 1 206 ? -7.998  15.095  -6.409  1.00 53.09  ? 439 ARG A CZ  1 
ATOM   1649 N NH1 . ARG A 1 206 ? -7.498  16.020  -7.213  1.00 53.50  ? 439 ARG A NH1 1 
ATOM   1650 N NH2 . ARG A 1 206 ? -8.736  14.095  -6.905  1.00 50.41  ? 439 ARG A NH2 1 
ATOM   1651 N N   . ASP A 1 207 ? -7.175  17.972  0.053   1.00 60.29  ? 440 ASP A N   1 
ATOM   1652 C CA  . ASP A 1 207 ? -6.063  18.697  0.659   1.00 61.62  ? 440 ASP A CA  1 
ATOM   1653 C C   . ASP A 1 207 ? -5.528  17.987  1.901   1.00 63.47  ? 440 ASP A C   1 
ATOM   1654 O O   . ASP A 1 207 ? -4.315  17.875  2.063   1.00 63.77  ? 440 ASP A O   1 
ATOM   1655 C CB  . ASP A 1 207 ? -6.455  20.139  1.019   1.00 59.32  ? 440 ASP A CB  1 
ATOM   1656 C CG  . ASP A 1 207 ? -6.449  21.071  -0.191  1.00 59.26  ? 440 ASP A CG  1 
ATOM   1657 O OD1 . ASP A 1 207 ? -5.727  20.770  -1.177  1.00 57.55  ? 440 ASP A OD1 1 
ATOM   1658 O OD2 . ASP A 1 207 ? -7.154  22.117  -0.149  1.00 57.96  ? 440 ASP A OD2 1 
ATOM   1659 N N   . GLU A 1 208 ? -6.421  17.496  2.761   1.00 63.73  ? 441 GLU A N   1 
ATOM   1660 C CA  . GLU A 1 208 ? -6.010  16.807  3.985   1.00 65.92  ? 441 GLU A CA  1 
ATOM   1661 C C   . GLU A 1 208 ? -5.323  15.461  3.804   1.00 65.06  ? 441 GLU A C   1 
ATOM   1662 O O   . GLU A 1 208 ? -4.224  15.227  4.326   1.00 65.46  ? 441 GLU A O   1 
ATOM   1663 C CB  . GLU A 1 208 ? -7.211  16.549  4.890   1.00 69.22  ? 441 GLU A CB  1 
ATOM   1664 C CG  . GLU A 1 208 ? -7.847  17.763  5.513   1.00 77.86  ? 441 GLU A CG  1 
ATOM   1665 C CD  . GLU A 1 208 ? -8.947  17.374  6.482   1.00 81.87  ? 441 GLU A CD  1 
ATOM   1666 O OE1 . GLU A 1 208 ? -8.652  16.647  7.454   1.00 83.34  ? 441 GLU A OE1 1 
ATOM   1667 O OE2 . GLU A 1 208 ? -10.101 17.789  6.258   1.00 86.16  ? 441 GLU A OE2 1 
ATOM   1668 N N   . VAL A 1 209 ? -6.000  14.574  3.088   1.00 64.14  ? 442 VAL A N   1 
ATOM   1669 C CA  . VAL A 1 209 ? -5.537  13.214  2.882   1.00 64.76  ? 442 VAL A CA  1 
ATOM   1670 C C   . VAL A 1 209 ? -4.378  12.964  1.930   1.00 67.83  ? 442 VAL A C   1 
ATOM   1671 O O   . VAL A 1 209 ? -3.561  12.083  2.167   1.00 65.73  ? 442 VAL A O   1 
ATOM   1672 C CB  . VAL A 1 209 ? -6.716  12.349  2.461   1.00 61.21  ? 442 VAL A CB  1 
ATOM   1673 C CG1 . VAL A 1 209 ? -6.233  10.979  2.080   1.00 60.29  ? 442 VAL A CG1 1 
ATOM   1674 C CG2 . VAL A 1 209 ? -7.713  12.277  3.612   1.00 55.49  ? 442 VAL A CG2 1 
ATOM   1675 N N   . SER A 1 210 ? -4.322  13.716  0.843   1.00 74.62  ? 443 SER A N   1 
ATOM   1676 C CA  . SER A 1 210 ? -3.253  13.549  -0.128  1.00 83.98  ? 443 SER A CA  1 
ATOM   1677 C C   . SER A 1 210 ? -2.888  14.925  -0.678  1.00 92.73  ? 443 SER A C   1 
ATOM   1678 O O   . SER A 1 210 ? -3.301  15.297  -1.778  1.00 90.60  ? 443 SER A O   1 
ATOM   1679 C CB  . SER A 1 210 ? -3.704  12.632  -1.267  1.00 83.96  ? 443 SER A CB  1 
ATOM   1680 O OG  . SER A 1 210 ? -2.584  12.085  -1.947  1.00 89.42  ? 443 SER A OG  1 
ATOM   1681 N N   . PRO A 1 211 ? -2.094  15.688  0.089   1.00 93.48  ? 444 PRO A N   1 
ATOM   1682 C CA  . PRO A 1 211 ? -1.579  17.038  -0.162  1.00 100.66 ? 444 PRO A CA  1 
ATOM   1683 C C   . PRO A 1 211 ? -0.787  17.301  -1.448  1.00 104.98 ? 444 PRO A C   1 
ATOM   1684 O O   . PRO A 1 211 ? -1.294  17.063  -2.554  1.00 105.93 ? 444 PRO A O   1 
ATOM   1685 C CB  . PRO A 1 211 ? -0.769  17.329  1.101   1.00 101.20 ? 444 PRO A CB  1 
ATOM   1686 C CG  . PRO A 1 211 ? -0.342  15.964  1.562   1.00 100.77 ? 444 PRO A CG  1 
ATOM   1687 C CD  . PRO A 1 211 ? -1.607  15.185  1.384   1.00 98.16  ? 444 PRO A CD  1 
ATOM   1688 N N   . ASP A 1 212 ? 0.436   17.818  -1.299  1.00 106.88 ? 445 ASP A N   1 
ATOM   1689 C CA  . ASP A 1 212 ? 1.264   18.174  -2.455  1.00 109.95 ? 445 ASP A CA  1 
ATOM   1690 C C   . ASP A 1 212 ? 2.749   17.807  -2.386  1.00 111.95 ? 445 ASP A C   1 
ATOM   1691 O O   . ASP A 1 212 ? 3.274   17.127  -3.277  1.00 110.85 ? 445 ASP A O   1 
ATOM   1692 C CB  . ASP A 1 212 ? 1.133   19.683  -2.742  1.00 111.92 ? 445 ASP A CB  1 
ATOM   1693 N N   . ILE A 1 213 ? 3.425   18.284  -1.342  1.00 110.14 ? 446 ILE A N   1 
ATOM   1694 C CA  . ILE A 1 213 ? 4.862   18.030  -1.081  1.00 112.48 ? 446 ILE A CA  1 
ATOM   1695 C C   . ILE A 1 213 ? 5.808   18.953  -1.839  1.00 115.06 ? 446 ILE A C   1 
ATOM   1696 O O   . ILE A 1 213 ? 5.490   19.459  -2.924  1.00 115.91 ? 446 ILE A O   1 
ATOM   1697 C CB  . ILE A 1 213 ? 5.324   16.541  -1.368  1.00 110.74 ? 446 ILE A CB  1 
ATOM   1698 C CG1 . ILE A 1 213 ? 6.038   16.440  -2.724  1.00 106.57 ? 446 ILE A CG1 1 
ATOM   1699 C CG2 . ILE A 1 213 ? 4.142   15.561  -1.281  1.00 106.12 ? 446 ILE A CG2 1 
ATOM   1700 C CD1 . ILE A 1 213 ? 6.989   15.266  -2.833  1.00 103.32 ? 446 ILE A CD1 1 
ATOM   1701 N N   . SER A 1 214 ? 6.975   19.183  -1.253  1.00 122.71 ? 447 SER A N   1 
ATOM   1702 C CA  . SER A 1 214 ? 7.955   20.061  -1.873  1.00 127.00 ? 447 SER A CA  1 
ATOM   1703 C C   . SER A 1 214 ? 9.369   19.521  -1.708  1.00 131.00 ? 447 SER A C   1 
ATOM   1704 O O   . SER A 1 214 ? 10.281  19.928  -2.419  1.00 131.60 ? 447 SER A O   1 
ATOM   1705 C CB  . SER A 1 214 ? 7.869   21.446  -1.259  1.00 130.37 ? 447 SER A CB  1 
ATOM   1706 N N   . VAL A 1 215 ? 9.534   18.593  -0.769  1.00 135.41 ? 448 VAL A N   1 
ATOM   1707 C CA  . VAL A 1 215 ? 10.829  17.999  -0.457  1.00 141.06 ? 448 VAL A CA  1 
ATOM   1708 C C   . VAL A 1 215 ? 11.601  17.575  -1.695  1.00 145.08 ? 448 VAL A C   1 
ATOM   1709 O O   . VAL A 1 215 ? 12.726  18.066  -1.956  1.00 144.47 ? 448 VAL A O   1 
ATOM   1710 C CB  . VAL A 1 215 ? 10.640  16.798  0.477   1.00 147.53 ? 448 VAL A CB  1 
ATOM   1711 N N   . GLU A 1 216 ? 11.004  16.662  -2.459  1.00 147.66 ? 449 GLU A N   1 
ATOM   1712 C CA  . GLU A 1 216 ? 11.686  16.146  -3.634  1.00 150.98 ? 449 GLU A CA  1 
ATOM   1713 C C   . GLU A 1 216 ? 10.794  15.626  -4.744  1.00 152.31 ? 449 GLU A C   1 
ATOM   1714 O O   . GLU A 1 216 ? 9.563   15.447  -4.573  1.00 153.97 ? 449 GLU A O   1 
ATOM   1715 C CB  . GLU A 1 216 ? 12.655  15.057  -3.199  1.00 157.94 ? 449 GLU A CB  1 
ATOM   1716 N N   . ASP A 1 217 ? 11.443  15.396  -5.884  1.00 152.82 ? 450 ASP A N   1 
ATOM   1717 C CA  . ASP A 1 217 ? 10.784  14.899  -7.085  1.00 155.24 ? 450 ASP A CA  1 
ATOM   1718 C C   . ASP A 1 217 ? 11.893  14.488  -8.069  1.00 156.10 ? 450 ASP A C   1 
ATOM   1719 O O   . ASP A 1 217 ? 12.332  15.331  -8.888  1.00 152.11 ? 450 ASP A O   1 
ATOM   1720 C CB  . ASP A 1 217 ? 9.915   15.989  -7.707  1.00 159.48 ? 450 ASP A CB  1 
ATOM   1721 N N   . SER A 1 218 ? 12.337  13.320  -8.017  1.00 160.99 ? 451 SER A N   1 
HETATM 1722 O O   . HOH B 2 .   ? -6.385  22.713  -4.193  1.00 38.38  ? 1   HOH A O   1 
HETATM 1723 O O   . HOH B 2 .   ? 15.313  -9.198  15.775  1.00 64.31  ? 2   HOH A O   1 
HETATM 1724 O O   . HOH B 2 .   ? 36.151  -14.904 6.145   1.00 67.86  ? 3   HOH A O   1 
HETATM 1725 O O   . HOH B 2 .   ? -2.704  0.892   -1.243  1.00 84.78  ? 4   HOH A O   1 
HETATM 1726 O O   . HOH B 2 .   ? -6.867  11.751  -2.768  1.00 72.51  ? 5   HOH A O   1 
HETATM 1727 O O   . HOH B 2 .   ? 19.409  -12.850 16.791  1.00 75.58  ? 6   HOH A O   1 
HETATM 1728 O O   . HOH B 2 .   ? 10.941  -18.448 -0.408  1.00 78.21  ? 7   HOH A O   1 
HETATM 1729 O O   . HOH B 2 .   ? -20.769 10.320  5.319   1.00 74.47  ? 8   HOH A O   1 
HETATM 1730 O O   . HOH B 2 .   ? -12.710 18.475  6.138   1.00 82.67  ? 9   HOH A O   1 
HETATM 1731 O O   . HOH B 2 .   ? -10.969 2.381   -12.785 1.00 74.90  ? 10  HOH A O   1 
HETATM 1732 O O   . HOH B 2 .   ? 10.346  -7.321  6.349   1.00 99.49  ? 11  HOH A O   1 
HETATM 1733 O O   . HOH B 2 .   ? -2.354  -10.548 11.507  1.00 66.06  ? 12  HOH A O   1 
HETATM 1734 O O   . HOH B 2 .   ? 39.246  -12.020 15.331  1.00 79.81  ? 13  HOH A O   1 
HETATM 1735 O O   . HOH B 2 .   ? -15.031 7.412   5.538   1.00 74.97  ? 14  HOH A O   1 
HETATM 1736 O O   . HOH B 2 .   ? -24.890 -5.590  -5.571  1.00 104.19 ? 15  HOH A O   1 
HETATM 1737 O O   . HOH B 2 .   ? -30.189 22.870  -3.507  1.00 101.44 ? 16  HOH A O   1 
HETATM 1738 O O   . HOH B 2 .   ? -4.656  -11.396 -5.677  1.00 80.06  ? 17  HOH A O   1 
HETATM 1739 O O   . HOH B 2 .   ? -10.223 -7.903  9.301   1.00 64.00  ? 18  HOH A O   1 
HETATM 1740 O O   . HOH B 2 .   ? 41.831  -21.742 15.396  1.00 69.43  ? 19  HOH A O   1 
HETATM 1741 O O   . HOH B 2 .   ? -9.292  -19.125 4.690   1.00 102.24 ? 20  HOH A O   1 
HETATM 1742 O O   . HOH B 2 .   ? 10.528  22.630  -2.396  1.00 94.36  ? 21  HOH A O   1 
HETATM 1743 O O   . HOH B 2 .   ? 38.818  -22.452 14.317  1.00 65.93  ? 22  HOH A O   1 
HETATM 1744 O O   . HOH B 2 .   ? -3.048  10.914  4.779   1.00 78.87  ? 23  HOH A O   1 
HETATM 1745 O O   . HOH B 2 .   ? -6.495  -12.584 0.427   1.00 85.04  ? 24  HOH A O   1 
HETATM 1746 O O   . HOH B 2 .   ? -7.734  -8.992  6.947   1.00 91.40  ? 25  HOH A O   1 
HETATM 1747 O O   . HOH B 2 .   ? -4.345  -8.653  13.133  1.00 87.48  ? 26  HOH A O   1 
HETATM 1748 O O   . HOH B 2 .   ? -18.069 17.446  7.525   1.00 69.57  ? 27  HOH A O   1 
HETATM 1749 O O   . HOH B 2 .   ? -0.866  7.826   3.664   1.00 79.04  ? 28  HOH A O   1 
HETATM 1750 O O   . HOH B 2 .   ? -7.402  16.162  -10.109 1.00 55.68  ? 29  HOH A O   1 
HETATM 1751 O O   . HOH B 2 .   ? -26.236 22.562  -4.456  1.00 123.17 ? 30  HOH A O   1 
HETATM 1752 O O   . HOH B 2 .   ? -30.581 19.063  0.004   1.00 109.64 ? 31  HOH A O   1 
HETATM 1753 O O   . HOH B 2 .   ? -15.465 21.121  3.255   1.00 62.54  ? 32  HOH A O   1 
HETATM 1754 O O   . HOH B 2 .   ? -10.929 9.762   6.667   1.00 73.76  ? 33  HOH A O   1 
HETATM 1755 O O   . HOH B 2 .   ? -29.091 10.740  -12.922 1.00 75.75  ? 34  HOH A O   1 
HETATM 1756 O O   . HOH B 2 .   ? -2.553  -2.073  -5.175  1.00 100.19 ? 35  HOH A O   1 
HETATM 1757 O O   . HOH B 2 .   ? 2.398   -1.462  8.009   1.00 74.28  ? 36  HOH A O   1 
HETATM 1758 O O   . HOH B 2 .   ? 13.680  -16.948 12.105  1.00 62.74  ? 37  HOH A O   1 
HETATM 1759 O O   . HOH B 2 .   ? 5.547   -20.756 -2.471  1.00 81.36  ? 38  HOH A O   1 
HETATM 1760 O O   . HOH B 2 .   ? 6.475   -15.968 -3.956  1.00 64.56  ? 39  HOH A O   1 
HETATM 1761 O O   . HOH B 2 .   ? -25.103 1.413   3.984   1.00 89.92  ? 40  HOH A O   1 
HETATM 1762 O O   . HOH B 2 .   ? 14.239  -5.281  10.152  1.00 106.88 ? 41  HOH A O   1 
HETATM 1763 O O   . HOH B 2 .   ? -34.388 2.461   -2.883  1.00 96.24  ? 42  HOH A O   1 
HETATM 1764 O O   . HOH B 2 .   ? -8.484  1.838   -7.648  1.00 115.57 ? 43  HOH A O   1 
HETATM 1765 O O   . HOH B 2 .   ? -32.278 7.977   2.823   1.00 75.54  ? 44  HOH A O   1 
HETATM 1766 O O   . HOH B 2 .   ? 19.366  -15.360 15.596  1.00 79.46  ? 45  HOH A O   1 
HETATM 1767 O O   . HOH B 2 .   ? -2.511  16.261  -4.858  1.00 73.24  ? 46  HOH A O   1 
HETATM 1768 O O   . HOH B 2 .   ? 35.930  -17.647 16.018  1.00 97.41  ? 47  HOH A O   1 
HETATM 1769 O O   . HOH B 2 .   ? -11.104 13.291  -15.160 1.00 73.97  ? 48  HOH A O   1 
HETATM 1770 O O   . HOH B 2 .   ? 4.181   -16.339 4.721   1.00 89.90  ? 49  HOH A O   1 
HETATM 1771 O O   . HOH B 2 .   ? 12.672  3.882   -14.243 1.00 79.76  ? 50  HOH A O   1 
HETATM 1772 O O   . HOH B 2 .   ? 16.562  -13.356 3.887   1.00 129.14 ? 51  HOH A O   1 
HETATM 1773 O O   . HOH B 2 .   ? 9.243   -6.767  13.331  1.00 77.15  ? 52  HOH A O   1 
HETATM 1774 O O   . HOH B 2 .   ? 11.585  6.211   -12.475 1.00 88.92  ? 53  HOH A O   1 
HETATM 1775 O O   . HOH B 2 .   ? 13.069  -14.756 16.641  1.00 74.48  ? 54  HOH A O   1 
HETATM 1776 O O   . HOH B 2 .   ? 6.772   -5.568  2.625   1.00 75.52  ? 55  HOH A O   1 
HETATM 1777 O O   . HOH B 2 .   ? -13.844 -8.936  3.359   1.00 70.86  ? 56  HOH A O   1 
HETATM 1778 O O   . HOH B 2 .   ? -29.537 6.473   2.110   1.00 72.55  ? 57  HOH A O   1 
HETATM 1779 O O   . HOH B 2 .   ? 48.230  -15.781 13.377  1.00 86.99  ? 58  HOH A O   1 
HETATM 1780 O O   . HOH B 2 .   ? -24.119 21.378  -12.569 1.00 78.32  ? 59  HOH A O   1 
HETATM 1781 O O   . HOH B 2 .   ? -32.449 13.593  5.205   1.00 86.67  ? 60  HOH A O   1 
HETATM 1782 O O   . HOH B 2 .   ? 5.687   -14.464 2.582   1.00 90.05  ? 61  HOH A O   1 
HETATM 1783 O O   . HOH B 2 .   ? -40.346 7.235   4.370   1.00 85.56  ? 62  HOH A O   1 
HETATM 1784 O O   . HOH B 2 .   ? -13.193 3.561   -2.065  1.00 99.99  ? 63  HOH A O   1 
HETATM 1785 O O   . HOH B 2 .   ? -6.019  12.575  -9.470  1.00 87.39  ? 64  HOH A O   1 
HETATM 1786 O O   . HOH B 2 .   ? 6.647   -9.506  15.944  1.00 73.17  ? 65  HOH A O   1 
HETATM 1787 O O   . HOH B 2 .   ? 29.438  -16.094 -3.529  1.00 99.44  ? 66  HOH A O   1 
HETATM 1788 O O   . HOH B 2 .   ? -1.504  9.843   -0.957  1.00 95.89  ? 67  HOH A O   1 
HETATM 1789 O O   . HOH B 2 .   ? -0.771  0.037   3.809   1.00 77.48  ? 68  HOH A O   1 
HETATM 1790 O O   . HOH B 2 .   ? -28.250 4.272   -12.013 1.00 121.08 ? 69  HOH A O   1 
HETATM 1791 O O   . HOH B 2 .   ? -37.056 17.658  -7.529  1.00 89.33  ? 70  HOH A O   1 
HETATM 1792 O O   . HOH B 2 .   ? -22.144 -4.833  1.431   1.00 77.43  ? 71  HOH A O   1 
HETATM 1793 O O   . HOH B 2 .   ? -30.272 1.549   2.602   1.00 101.75 ? 72  HOH A O   1 
HETATM 1794 O O   . HOH B 2 .   ? -6.819  -3.963  -8.574  1.00 97.98  ? 73  HOH A O   1 
HETATM 1795 O O   . HOH B 2 .   ? 18.854  -19.093 2.648   1.00 95.83  ? 74  HOH A O   1 
HETATM 1796 O O   . HOH B 2 .   ? 12.115  -20.493 7.680   1.00 77.85  ? 75  HOH A O   1 
# 
